data_7PK9
#
_entry.id   7PK9
#
_cell.length_a   1.00
_cell.length_b   1.00
_cell.length_c   1.00
_cell.angle_alpha   90.00
_cell.angle_beta   90.00
_cell.angle_gamma   90.00
#
_symmetry.space_group_name_H-M   'P 1'
#
loop_
_entity.id
_entity.type
_entity.pdbx_description
1 polymer 'C-reactive protein'
2 non-polymer 'CALCIUM ION'
3 water water
#
_entity_poly.entity_id   1
_entity_poly.type   'polypeptide(L)'
_entity_poly.pdbx_seq_one_letter_code
;QTDMSRKAFVFPKESDTSYVSLKAPLTKPLKAFTVCLHFYTELSSTRGYSIFSYATKRQDNEILIFWSKDIGYSFTVGGS
EILFEVPEVTVAPVHICTSWESASGIVEFWVDGKPRVRKSLKKGYTVGAEASIILGQEQDSFGGNFEGSQSLVGDIGNVN
MWDFVLSPDEINTIYLGGPFSPNVLNWRALKYEVQGEVFTKPQLWP
;
_entity_poly.pdbx_strand_id   J,F,G,H,I,E,D,C,B,A
#
loop_
_chem_comp.id
_chem_comp.type
_chem_comp.name
_chem_comp.formula
CA non-polymer 'CALCIUM ION' 'Ca 2'
#
# COMPACT_ATOMS: atom_id res chain seq x y z
N GLN A 1 6.18 -40.43 20.10
CA GLN A 1 7.23 -39.49 19.60
C GLN A 1 6.77 -38.04 19.72
N THR A 2 7.69 -37.11 19.91
CA THR A 2 7.38 -35.70 19.97
C THR A 2 7.81 -35.01 18.68
N ASP A 3 6.86 -34.33 18.05
CA ASP A 3 7.11 -33.47 16.89
C ASP A 3 7.23 -32.03 17.40
N MET A 4 8.45 -31.52 17.38
CA MET A 4 8.71 -30.16 17.81
C MET A 4 8.47 -29.11 16.74
N SER A 5 8.10 -29.48 15.52
CA SER A 5 7.72 -28.51 14.49
C SER A 5 7.06 -27.26 15.06
N ARG A 6 7.65 -26.11 14.75
CA ARG A 6 7.25 -24.78 15.15
C ARG A 6 7.33 -24.53 16.66
N LYS A 7 7.96 -25.39 17.42
CA LYS A 7 8.12 -25.19 18.86
C LYS A 7 9.60 -25.06 19.21
N ALA A 8 9.89 -24.17 20.17
CA ALA A 8 11.23 -23.96 20.69
C ALA A 8 11.25 -24.13 22.21
N PHE A 9 12.33 -24.72 22.72
CA PHE A 9 12.68 -24.63 24.14
C PHE A 9 13.04 -23.21 24.57
N VAL A 10 12.32 -22.72 25.57
CA VAL A 10 12.55 -21.43 26.21
C VAL A 10 13.27 -21.64 27.53
N PHE A 11 14.51 -21.16 27.63
CA PHE A 11 15.32 -21.05 28.84
C PHE A 11 15.31 -19.62 29.39
N PRO A 12 14.21 -19.15 29.97
CA PRO A 12 14.02 -17.71 30.18
C PRO A 12 14.88 -17.07 31.28
N LYS A 13 15.64 -17.83 32.06
CA LYS A 13 16.47 -17.27 33.13
C LYS A 13 17.83 -17.94 33.13
N GLU A 14 18.83 -17.22 33.63
CA GLU A 14 20.11 -17.82 33.95
C GLU A 14 19.95 -18.79 35.12
N SER A 15 20.37 -20.03 34.90
CA SER A 15 20.46 -21.02 35.95
C SER A 15 21.47 -22.08 35.51
N ASP A 16 21.90 -22.88 36.46
CA ASP A 16 22.78 -24.01 36.18
C ASP A 16 22.05 -25.34 36.03
N THR A 17 20.73 -25.36 36.20
CA THR A 17 20.01 -26.62 36.20
C THR A 17 18.97 -26.76 35.11
N SER A 18 18.50 -25.68 34.51
CA SER A 18 17.59 -25.73 33.37
C SER A 18 18.33 -26.20 32.12
N TYR A 19 18.01 -27.39 31.63
CA TYR A 19 18.61 -27.92 30.42
C TYR A 19 17.70 -28.99 29.84
N VAL A 20 17.90 -29.28 28.55
CA VAL A 20 17.26 -30.40 27.88
C VAL A 20 18.33 -31.33 27.31
N SER A 21 18.12 -32.63 27.46
CA SER A 21 19.04 -33.64 26.94
C SER A 21 18.42 -34.38 25.77
N LEU A 22 19.15 -34.46 24.67
CA LEU A 22 18.69 -35.07 23.43
C LEU A 22 19.34 -36.44 23.22
N LYS A 23 18.53 -37.43 22.84
CA LYS A 23 19.01 -38.75 22.46
C LYS A 23 19.00 -38.94 20.95
N ALA A 24 20.19 -39.14 20.39
CA ALA A 24 20.42 -39.65 19.05
C ALA A 24 20.22 -41.16 18.99
N PRO A 25 19.81 -41.69 17.84
CA PRO A 25 19.89 -43.13 17.62
C PRO A 25 21.29 -43.61 17.25
N LEU A 26 22.26 -42.71 17.24
CA LEU A 26 23.58 -43.02 16.72
C LEU A 26 24.30 -44.03 17.60
N THR A 27 24.96 -44.99 16.93
CA THR A 27 25.72 -46.04 17.59
C THR A 27 27.15 -46.15 17.05
N LYS A 28 27.32 -46.11 15.73
CA LYS A 28 28.63 -46.05 15.10
C LYS A 28 29.22 -44.65 15.23
N PRO A 29 30.53 -44.53 15.33
CA PRO A 29 31.15 -43.20 15.47
C PRO A 29 31.03 -42.39 14.20
N LEU A 30 31.21 -41.08 14.36
CA LEU A 30 30.99 -40.10 13.30
C LEU A 30 32.32 -39.79 12.61
N LYS A 31 32.41 -40.13 11.33
CA LYS A 31 33.49 -39.64 10.51
C LYS A 31 33.18 -38.27 9.92
N ALA A 32 31.92 -37.84 9.98
CA ALA A 32 31.51 -36.50 9.60
C ALA A 32 30.20 -36.20 10.30
N PHE A 33 29.89 -34.91 10.46
CA PHE A 33 28.58 -34.51 10.91
C PHE A 33 28.21 -33.14 10.37
N THR A 34 26.91 -32.89 10.26
CA THR A 34 26.31 -31.56 10.16
C THR A 34 25.32 -31.36 11.30
N VAL A 35 25.47 -30.28 12.06
CA VAL A 35 24.44 -29.84 12.99
C VAL A 35 23.92 -28.46 12.59
N CYS A 36 22.60 -28.28 12.64
CA CYS A 36 21.94 -27.01 12.36
C CYS A 36 20.98 -26.66 13.48
N LEU A 37 20.84 -25.36 13.78
CA LEU A 37 19.84 -24.96 14.75
C LEU A 37 19.53 -23.47 14.60
N HIS A 38 18.30 -23.09 14.94
CA HIS A 38 17.95 -21.76 15.40
C HIS A 38 18.18 -21.54 16.89
N PHE A 39 18.73 -20.38 17.23
CA PHE A 39 18.70 -19.87 18.60
C PHE A 39 18.43 -18.37 18.57
N TYR A 40 17.90 -17.87 19.69
CA TYR A 40 17.66 -16.44 19.90
C TYR A 40 17.97 -16.02 21.32
N THR A 41 18.99 -15.19 21.50
CA THR A 41 19.41 -14.73 22.82
C THR A 41 19.86 -13.27 22.79
N GLU A 42 19.63 -12.57 23.91
CA GLU A 42 20.23 -11.26 24.22
C GLU A 42 21.67 -11.30 24.72
N LEU A 43 22.19 -12.45 25.15
CA LEU A 43 23.43 -12.48 25.92
C LEU A 43 24.63 -11.96 25.14
N SER A 44 24.60 -12.05 23.82
CA SER A 44 25.83 -12.01 23.04
C SER A 44 26.72 -10.83 23.40
N SER A 45 26.16 -9.68 23.72
CA SER A 45 26.99 -8.56 24.18
C SER A 45 27.48 -8.74 25.60
N THR A 46 26.62 -9.21 26.50
CA THR A 46 26.98 -9.32 27.91
C THR A 46 28.06 -10.39 28.13
N ARG A 47 27.82 -11.62 27.68
CA ARG A 47 28.69 -12.73 28.06
C ARG A 47 28.62 -13.86 27.04
N GLY A 48 29.59 -14.75 27.13
CA GLY A 48 29.55 -16.01 26.41
C GLY A 48 28.57 -17.01 26.98
N TYR A 49 28.14 -17.91 26.09
CA TYR A 49 27.12 -18.91 26.38
C TYR A 49 27.34 -20.12 25.49
N SER A 50 27.04 -21.29 26.04
CA SER A 50 26.98 -22.53 25.26
C SER A 50 25.73 -22.63 24.42
N ILE A 51 25.91 -22.79 23.12
CA ILE A 51 24.82 -23.10 22.21
C ILE A 51 24.50 -24.59 22.21
N PHE A 52 25.51 -25.43 21.97
CA PHE A 52 25.32 -26.86 21.67
C PHE A 52 26.49 -27.64 22.23
N SER A 53 26.22 -28.47 23.23
CA SER A 53 27.25 -29.21 23.96
C SER A 53 27.06 -30.71 23.75
N TYR A 54 28.01 -31.32 23.05
CA TYR A 54 28.06 -32.74 22.76
C TYR A 54 29.24 -33.34 23.51
N ALA A 55 28.97 -34.11 24.56
CA ALA A 55 30.00 -34.66 25.41
C ALA A 55 29.99 -36.18 25.36
N THR A 56 31.13 -36.77 25.03
CA THR A 56 31.37 -38.18 25.24
C THR A 56 32.14 -38.37 26.55
N LYS A 57 32.16 -39.61 27.04
CA LYS A 57 32.79 -39.88 28.33
C LYS A 57 34.29 -39.63 28.27
N ARG A 58 34.91 -39.79 27.09
CA ARG A 58 36.30 -39.40 26.90
C ARG A 58 36.50 -37.90 27.01
N GLN A 59 35.53 -37.11 26.53
CA GLN A 59 35.76 -35.70 26.19
C GLN A 59 34.47 -34.92 26.35
N ASP A 60 34.44 -34.02 27.32
CA ASP A 60 33.25 -33.20 27.58
C ASP A 60 32.99 -32.17 26.50
N ASN A 61 34.01 -31.79 25.72
CA ASN A 61 33.84 -30.85 24.63
C ASN A 61 34.03 -31.56 23.29
N GLU A 62 33.28 -32.64 23.08
CA GLU A 62 33.48 -33.45 21.89
C GLU A 62 32.93 -32.76 20.64
N ILE A 63 31.76 -32.13 20.73
CA ILE A 63 31.38 -31.05 19.82
C ILE A 63 30.87 -29.91 20.66
N LEU A 64 31.43 -28.72 20.47
CA LEU A 64 30.93 -27.54 21.16
C LEU A 64 30.89 -26.35 20.22
N ILE A 65 29.72 -25.75 20.10
CA ILE A 65 29.54 -24.45 19.46
C ILE A 65 29.31 -23.41 20.54
N PHE A 66 30.25 -22.50 20.72
CA PHE A 66 30.24 -21.58 21.85
C PHE A 66 30.37 -20.16 21.33
N TRP A 67 29.38 -19.33 21.61
CA TRP A 67 29.54 -17.89 21.50
C TRP A 67 30.48 -17.37 22.57
N SER A 68 31.59 -16.78 22.13
CA SER A 68 32.56 -16.16 23.02
C SER A 68 32.37 -14.65 22.97
N LYS A 69 32.22 -14.04 24.13
CA LYS A 69 31.97 -12.61 24.23
C LYS A 69 33.00 -11.81 23.43
N ASP A 70 32.51 -10.86 22.63
CA ASP A 70 33.33 -9.98 21.82
C ASP A 70 34.24 -10.70 20.85
N ILE A 71 33.98 -11.97 20.55
CA ILE A 71 34.81 -12.76 19.64
C ILE A 71 33.91 -13.28 18.52
N GLY A 72 32.96 -14.13 18.87
CA GLY A 72 32.17 -14.85 17.89
C GLY A 72 31.92 -16.28 18.32
N TYR A 73 31.62 -17.11 17.32
CA TYR A 73 31.50 -18.56 17.47
C TYR A 73 32.83 -19.28 17.60
N SER A 74 33.13 -19.75 18.80
CA SER A 74 34.00 -20.91 18.99
C SER A 74 33.33 -22.18 18.47
N PHE A 75 33.98 -22.85 17.53
CA PHE A 75 33.65 -24.22 17.12
C PHE A 75 34.77 -25.17 17.54
N THR A 76 34.44 -26.16 18.36
CA THR A 76 35.45 -27.13 18.81
C THR A 76 34.99 -28.55 18.59
N VAL A 77 35.92 -29.39 18.15
CA VAL A 77 35.75 -30.84 18.05
C VAL A 77 36.91 -31.49 18.81
N GLY A 78 36.59 -32.43 19.69
CA GLY A 78 37.63 -33.09 20.47
C GLY A 78 38.48 -32.18 21.33
N GLY A 79 37.95 -31.04 21.75
CA GLY A 79 38.70 -30.07 22.51
C GLY A 79 39.56 -29.11 21.72
N SER A 80 39.77 -29.35 20.42
CA SER A 80 40.43 -28.39 19.55
C SER A 80 39.41 -27.42 18.98
N GLU A 81 39.83 -26.15 18.83
CA GLU A 81 38.92 -25.03 18.66
C GLU A 81 39.39 -24.13 17.52
N ILE A 82 38.41 -23.56 16.81
CA ILE A 82 38.63 -22.51 15.83
C ILE A 82 37.58 -21.43 16.04
N LEU A 83 37.91 -20.19 15.65
CA LEU A 83 37.00 -19.07 15.77
C LEU A 83 36.52 -18.58 14.42
N PHE A 84 35.22 -18.38 14.28
CA PHE A 84 34.60 -17.58 13.23
C PHE A 84 34.20 -16.19 13.75
N GLU A 85 35.18 -15.30 13.81
CA GLU A 85 34.98 -13.93 14.29
C GLU A 85 33.71 -13.31 13.73
N VAL A 86 32.90 -12.73 14.61
CA VAL A 86 31.69 -11.99 14.28
C VAL A 86 31.74 -10.58 14.84
N PRO A 87 32.17 -9.58 14.09
CA PRO A 87 32.51 -8.29 14.70
C PRO A 87 31.31 -7.41 15.02
N GLU A 88 30.18 -7.58 14.34
CA GLU A 88 28.96 -6.84 14.66
C GLU A 88 27.81 -7.82 14.85
N VAL A 89 27.15 -7.76 16.00
CA VAL A 89 26.07 -8.66 16.37
C VAL A 89 24.76 -7.89 16.40
N THR A 90 23.70 -8.51 15.90
CA THR A 90 22.38 -7.89 15.82
C THR A 90 21.37 -8.73 16.59
N VAL A 91 20.46 -8.06 17.29
CA VAL A 91 19.40 -8.70 18.05
C VAL A 91 18.31 -9.29 17.16
N ALA A 92 18.60 -10.41 16.51
CA ALA A 92 17.68 -11.15 15.68
C ALA A 92 17.93 -12.63 15.92
N PRO A 93 16.90 -13.47 15.81
CA PRO A 93 17.14 -14.92 15.73
C PRO A 93 18.14 -15.27 14.63
N VAL A 94 19.15 -16.05 15.00
CA VAL A 94 20.23 -16.49 14.12
C VAL A 94 20.16 -17.99 13.90
N HIS A 95 20.23 -18.41 12.64
CA HIS A 95 20.29 -19.81 12.26
C HIS A 95 21.73 -20.17 11.88
N ILE A 96 22.31 -21.18 12.54
CA ILE A 96 23.63 -21.69 12.18
C ILE A 96 23.52 -23.11 11.63
N CYS A 97 24.38 -23.43 10.66
CA CYS A 97 24.76 -24.81 10.36
C CYS A 97 26.26 -24.98 10.43
N THR A 98 26.71 -26.07 11.05
CA THR A 98 28.13 -26.41 11.14
C THR A 98 28.39 -27.84 10.66
N SER A 99 29.21 -27.99 9.63
CA SER A 99 29.59 -29.31 9.14
C SER A 99 31.08 -29.55 9.34
N TRP A 100 31.42 -30.75 9.81
CA TRP A 100 32.80 -31.19 9.98
C TRP A 100 33.00 -32.53 9.29
N GLU A 101 34.00 -32.60 8.41
CA GLU A 101 34.40 -33.83 7.75
C GLU A 101 35.77 -34.27 8.26
N SER A 102 35.81 -35.44 8.89
CA SER A 102 37.07 -35.97 9.41
C SER A 102 38.11 -36.15 8.32
N ALA A 103 37.70 -36.64 7.15
CA ALA A 103 38.69 -37.04 6.15
C ALA A 103 39.60 -35.89 5.76
N SER A 104 39.08 -34.66 5.76
CA SER A 104 39.86 -33.47 5.51
C SER A 104 39.90 -32.51 6.69
N GLY A 105 39.11 -32.75 7.74
CA GLY A 105 38.89 -31.80 8.80
C GLY A 105 38.28 -30.47 8.40
N ILE A 106 37.82 -30.33 7.16
CA ILE A 106 37.21 -29.07 6.75
C ILE A 106 35.96 -28.80 7.58
N VAL A 107 35.95 -27.67 8.27
CA VAL A 107 34.76 -27.13 8.93
C VAL A 107 34.15 -26.07 8.01
N GLU A 108 32.91 -26.30 7.58
CA GLU A 108 32.03 -25.24 7.12
C GLU A 108 31.20 -24.71 8.28
N PHE A 109 31.13 -23.39 8.41
CA PHE A 109 30.24 -22.75 9.37
C PHE A 109 29.33 -21.82 8.58
N TRP A 110 28.02 -21.95 8.75
CA TRP A 110 27.04 -21.17 7.99
C TRP A 110 26.17 -20.37 8.96
N VAL A 111 26.06 -19.07 8.73
CA VAL A 111 25.24 -18.18 9.54
C VAL A 111 24.19 -17.54 8.65
N ASP A 112 22.91 -17.74 9.00
CA ASP A 112 21.79 -17.23 8.22
C ASP A 112 21.96 -17.47 6.73
N GLY A 113 22.41 -18.67 6.37
CA GLY A 113 22.60 -19.03 4.99
C GLY A 113 23.85 -18.49 4.33
N LYS A 114 24.65 -17.71 5.03
CA LYS A 114 25.90 -17.24 4.46
C LYS A 114 27.05 -18.10 4.94
N PRO A 115 27.88 -18.63 4.06
CA PRO A 115 29.02 -19.44 4.51
C PRO A 115 30.17 -18.58 5.02
N ARG A 116 30.80 -19.05 6.09
CA ARG A 116 32.16 -18.67 6.42
C ARG A 116 33.18 -19.45 5.59
N VAL A 117 34.36 -18.86 5.43
CA VAL A 117 35.49 -19.56 4.82
C VAL A 117 35.73 -20.87 5.54
N ARG A 118 35.82 -21.95 4.76
CA ARG A 118 36.23 -23.27 5.24
C ARG A 118 37.59 -23.35 5.94
N LYS A 119 37.58 -23.50 7.25
CA LYS A 119 38.76 -23.71 8.08
C LYS A 119 39.06 -25.21 8.22
N SER A 120 40.25 -25.52 8.73
CA SER A 120 40.67 -26.89 9.02
C SER A 120 40.59 -27.20 10.51
N LEU A 121 40.16 -28.41 10.84
CA LEU A 121 40.15 -28.84 12.24
C LEU A 121 40.19 -30.35 12.33
N LYS A 122 41.14 -30.85 13.13
CA LYS A 122 41.16 -32.24 13.65
C LYS A 122 41.00 -33.28 12.54
N LYS A 123 41.70 -33.08 11.43
CA LYS A 123 41.69 -34.08 10.36
C LYS A 123 42.09 -35.46 10.87
N GLY A 124 41.28 -36.46 10.52
CA GLY A 124 41.48 -37.83 10.93
C GLY A 124 40.93 -38.20 12.28
N TYR A 125 40.48 -37.24 13.08
CA TYR A 125 39.82 -37.55 14.35
C TYR A 125 38.50 -38.26 14.11
N THR A 126 38.01 -38.94 15.14
CA THR A 126 36.73 -39.65 15.09
C THR A 126 35.91 -39.27 16.32
N VAL A 127 34.72 -38.72 16.08
CA VAL A 127 33.80 -38.36 17.15
C VAL A 127 33.12 -39.60 17.70
N GLY A 128 33.14 -39.75 19.02
CA GLY A 128 32.47 -40.88 19.65
C GLY A 128 30.96 -40.76 19.57
N ALA A 129 30.29 -41.89 19.34
CA ALA A 129 28.84 -41.91 19.22
C ALA A 129 28.13 -41.88 20.57
N GLU A 130 28.75 -42.39 21.63
CA GLU A 130 28.16 -42.40 22.98
C GLU A 130 28.25 -41.02 23.60
N ALA A 131 27.22 -40.20 23.40
CA ALA A 131 27.28 -38.79 23.74
C ALA A 131 26.14 -38.38 24.65
N SER A 132 26.43 -37.42 25.53
CA SER A 132 25.41 -36.62 26.21
C SER A 132 25.24 -35.31 25.47
N ILE A 133 24.15 -35.18 24.72
CA ILE A 133 23.85 -33.96 23.96
C ILE A 133 22.93 -33.06 24.79
N ILE A 134 23.41 -31.87 25.13
CA ILE A 134 22.71 -30.97 26.04
C ILE A 134 22.55 -29.61 25.39
N LEU A 135 21.33 -29.08 25.46
CA LEU A 135 21.01 -27.71 25.08
C LEU A 135 20.73 -26.86 26.31
N GLY A 136 21.16 -25.61 26.27
CA GLY A 136 20.96 -24.68 27.36
C GLY A 136 22.09 -24.60 28.36
N GLN A 137 22.98 -25.58 28.41
CA GLN A 137 24.07 -25.58 29.36
C GLN A 137 25.36 -25.96 28.64
N GLU A 138 26.46 -25.67 29.33
CA GLU A 138 27.78 -26.19 29.00
C GLU A 138 28.13 -27.26 30.01
N GLN A 139 28.49 -28.43 29.51
CA GLN A 139 28.84 -29.55 30.38
C GLN A 139 30.34 -29.76 30.33
N ASP A 140 30.95 -29.83 31.50
CA ASP A 140 32.37 -30.07 31.65
C ASP A 140 32.68 -31.49 32.11
N SER A 141 31.66 -32.25 32.48
CA SER A 141 31.76 -33.68 32.67
C SER A 141 30.61 -34.31 31.90
N PHE A 142 30.67 -35.61 31.71
CA PHE A 142 29.66 -36.26 30.89
C PHE A 142 28.27 -36.06 31.46
N GLY A 143 27.52 -35.12 30.87
CA GLY A 143 26.19 -34.82 31.34
C GLY A 143 26.09 -34.03 32.63
N GLY A 144 27.12 -33.28 32.99
CA GLY A 144 27.07 -32.56 34.26
C GLY A 144 28.10 -31.47 34.34
N ASN A 145 28.25 -30.96 35.57
CA ASN A 145 29.15 -29.84 35.85
C ASN A 145 28.82 -28.63 35.01
N PHE A 146 27.54 -28.27 35.00
CA PHE A 146 27.10 -27.07 34.32
C PHE A 146 27.57 -25.82 35.05
N GLU A 147 27.72 -24.73 34.29
CA GLU A 147 28.05 -23.42 34.83
C GLU A 147 27.02 -22.42 34.33
N GLY A 148 26.40 -21.71 35.27
CA GLY A 148 25.37 -20.75 34.90
C GLY A 148 25.87 -19.66 33.97
N SER A 149 27.08 -19.16 34.22
CA SER A 149 27.69 -18.16 33.36
C SER A 149 27.92 -18.65 31.93
N GLN A 150 27.62 -19.92 31.66
CA GLN A 150 27.66 -20.46 30.30
C GLN A 150 26.31 -20.97 29.80
N SER A 151 25.26 -20.90 30.61
CA SER A 151 23.92 -21.26 30.17
C SER A 151 23.38 -20.36 29.05
N LEU A 152 22.63 -20.96 28.12
CA LEU A 152 21.81 -20.21 27.18
C LEU A 152 20.61 -19.60 27.88
N VAL A 153 20.38 -18.31 27.63
CA VAL A 153 19.19 -17.60 28.08
C VAL A 153 18.34 -17.10 26.92
N GLY A 154 17.13 -17.64 26.75
CA GLY A 154 16.34 -17.45 25.55
C GLY A 154 15.92 -18.74 24.84
N ASP A 155 15.85 -18.68 23.51
CA ASP A 155 15.26 -19.72 22.69
C ASP A 155 16.25 -20.52 21.88
N ILE A 156 15.97 -21.81 21.75
CA ILE A 156 16.68 -22.73 20.88
C ILE A 156 15.68 -23.68 20.21
N GLY A 157 15.83 -23.89 18.90
CA GLY A 157 14.95 -24.81 18.21
C GLY A 157 15.47 -25.18 16.84
N ASN A 158 14.72 -26.05 16.17
CA ASN A 158 15.08 -26.63 14.87
C ASN A 158 16.43 -27.33 14.89
N VAL A 159 16.79 -27.92 16.02
CA VAL A 159 18.06 -28.63 16.22
C VAL A 159 18.11 -29.93 15.44
N ASN A 160 18.83 -29.95 14.33
CA ASN A 160 18.90 -31.13 13.45
C ASN A 160 20.36 -31.54 13.28
N MET A 161 20.61 -32.84 13.28
CA MET A 161 21.96 -33.37 13.13
C MET A 161 22.01 -34.50 12.10
N TRP A 162 22.98 -34.41 11.20
CA TRP A 162 23.26 -35.39 10.16
C TRP A 162 24.64 -36.00 10.39
N ASP A 163 24.76 -37.30 10.17
CA ASP A 163 26.07 -37.94 10.21
C ASP A 163 26.91 -37.72 8.95
N PHE A 164 26.63 -36.70 8.16
CA PHE A 164 27.38 -36.40 6.94
C PHE A 164 27.33 -34.90 6.69
N VAL A 165 28.31 -34.40 5.95
CA VAL A 165 28.34 -33.03 5.41
C VAL A 165 27.24 -32.82 4.37
N LEU A 166 26.23 -32.01 4.71
CA LEU A 166 25.33 -31.41 3.72
C LEU A 166 26.07 -30.51 2.72
N SER A 167 25.75 -30.67 1.44
CA SER A 167 26.12 -29.69 0.43
C SER A 167 25.55 -28.30 0.73
N PRO A 168 26.16 -27.25 0.18
CA PRO A 168 25.53 -25.92 0.14
C PRO A 168 24.07 -25.83 -0.28
N ASP A 169 23.67 -26.52 -1.36
CA ASP A 169 22.27 -26.50 -1.78
C ASP A 169 21.34 -27.09 -0.73
N GLU A 170 21.72 -28.24 -0.14
CA GLU A 170 21.00 -28.74 1.03
C GLU A 170 20.83 -27.66 2.09
N ILE A 171 21.93 -27.03 2.49
CA ILE A 171 21.87 -26.05 3.57
C ILE A 171 20.97 -24.88 3.21
N ASN A 172 20.98 -24.44 1.96
CA ASN A 172 20.00 -23.47 1.51
C ASN A 172 18.57 -23.92 1.79
N THR A 173 18.24 -25.18 1.46
CA THR A 173 16.97 -25.75 1.86
C THR A 173 16.71 -25.62 3.35
N ILE A 174 17.66 -26.05 4.18
CA ILE A 174 17.46 -25.98 5.62
C ILE A 174 17.14 -24.56 6.05
N TYR A 175 17.90 -23.59 5.55
CA TYR A 175 17.69 -22.21 5.98
C TYR A 175 16.34 -21.68 5.54
N LEU A 176 16.03 -21.79 4.24
CA LEU A 176 14.71 -21.39 3.74
C LEU A 176 13.62 -22.33 4.23
N GLY A 177 13.96 -23.60 4.44
CA GLY A 177 13.09 -24.55 5.09
C GLY A 177 12.37 -25.58 4.24
N GLY A 178 12.78 -25.79 3.01
CA GLY A 178 12.24 -26.87 2.21
C GLY A 178 12.34 -28.22 2.89
N PRO A 179 11.94 -29.28 2.19
CA PRO A 179 11.91 -30.62 2.79
C PRO A 179 13.29 -31.19 3.04
N PHE A 180 13.47 -31.78 4.21
CA PHE A 180 14.70 -32.47 4.58
C PHE A 180 14.37 -33.47 5.68
N SER A 181 15.27 -34.45 5.87
CA SER A 181 15.11 -35.46 6.92
C SER A 181 16.45 -35.86 7.53
N PRO A 182 16.77 -35.36 8.72
CA PRO A 182 18.00 -35.77 9.40
C PRO A 182 17.95 -37.20 9.90
N ASN A 183 19.13 -37.75 10.17
CA ASN A 183 19.27 -39.13 10.59
C ASN A 183 19.91 -39.32 11.95
N VAL A 184 20.64 -38.34 12.47
CA VAL A 184 21.20 -38.44 13.81
C VAL A 184 20.28 -37.82 14.84
N LEU A 185 19.62 -36.72 14.50
CA LEU A 185 18.87 -35.96 15.50
C LEU A 185 17.81 -35.18 14.74
N ASN A 186 16.56 -35.58 14.88
CA ASN A 186 15.47 -35.03 14.07
C ASN A 186 14.51 -34.21 14.94
N TRP A 187 14.47 -32.91 14.70
CA TRP A 187 13.48 -32.05 15.35
C TRP A 187 12.07 -32.59 15.27
N ARG A 188 11.71 -33.17 14.15
CA ARG A 188 10.37 -33.73 13.96
C ARG A 188 10.19 -35.07 14.68
N ALA A 189 11.25 -35.70 15.16
CA ALA A 189 11.22 -37.03 15.75
C ALA A 189 12.16 -37.09 16.95
N LEU A 190 12.03 -36.11 17.84
CA LEU A 190 13.01 -35.78 18.86
C LEU A 190 12.78 -36.57 20.15
N LYS A 191 13.68 -37.51 20.45
CA LYS A 191 13.72 -38.09 21.80
C LYS A 191 14.43 -37.10 22.73
N TYR A 192 13.72 -36.63 23.77
CA TYR A 192 14.35 -35.72 24.71
C TYR A 192 13.69 -35.82 26.08
N GLU A 193 14.44 -35.45 27.11
CA GLU A 193 13.85 -35.15 28.41
C GLU A 193 14.32 -33.77 28.86
N VAL A 194 13.43 -33.09 29.57
CA VAL A 194 13.64 -31.72 30.02
C VAL A 194 13.87 -31.72 31.53
N GLN A 195 14.93 -31.04 31.96
CA GLN A 195 15.23 -30.84 33.36
C GLN A 195 15.22 -29.36 33.68
N GLY A 196 14.81 -29.03 34.89
CA GLY A 196 14.74 -27.65 35.33
C GLY A 196 13.63 -26.86 34.66
N GLU A 197 13.75 -25.55 34.80
CA GLU A 197 12.76 -24.59 34.29
C GLU A 197 12.94 -24.36 32.79
N VAL A 198 12.32 -25.23 32.00
CA VAL A 198 12.37 -25.12 30.55
C VAL A 198 10.97 -25.29 30.02
N PHE A 199 10.59 -24.43 29.08
CA PHE A 199 9.28 -24.44 28.45
C PHE A 199 9.41 -24.72 26.98
N THR A 200 8.40 -25.41 26.43
CA THR A 200 8.12 -25.44 25.01
C THR A 200 7.11 -24.37 24.60
N LYS A 201 7.52 -23.46 23.73
CA LYS A 201 6.73 -22.36 23.20
C LYS A 201 6.80 -22.35 21.69
N PRO A 202 5.80 -21.78 21.03
CA PRO A 202 5.92 -21.50 19.59
C PRO A 202 7.17 -20.70 19.26
N GLN A 203 7.84 -21.12 18.19
CA GLN A 203 9.04 -20.43 17.75
C GLN A 203 8.75 -19.02 17.25
N LEU A 204 9.63 -18.09 17.64
CA LEU A 204 9.49 -16.70 17.24
C LEU A 204 9.92 -16.48 15.79
N TRP A 205 10.96 -17.17 15.36
CA TRP A 205 11.39 -17.14 13.97
C TRP A 205 10.44 -17.93 13.07
N PRO A 206 10.11 -17.40 11.87
CA PRO A 206 9.50 -18.23 10.83
C PRO A 206 10.30 -19.47 10.44
N GLN B 1 -20.70 1.88 23.72
CA GLN B 1 -19.33 1.67 23.17
C GLN B 1 -19.09 2.75 22.12
N THR B 2 -17.84 3.03 21.79
CA THR B 2 -17.50 3.85 20.63
C THR B 2 -16.48 3.14 19.77
N ASP B 3 -16.65 3.25 18.44
CA ASP B 3 -15.68 2.75 17.49
C ASP B 3 -14.60 3.79 17.28
N MET B 4 -13.42 3.56 17.85
CA MET B 4 -12.28 4.43 17.66
C MET B 4 -11.46 4.11 16.43
N SER B 5 -11.88 3.15 15.61
CA SER B 5 -11.12 2.77 14.43
C SER B 5 -10.66 3.98 13.64
N ARG B 6 -9.38 3.97 13.26
CA ARG B 6 -8.67 5.04 12.57
C ARG B 6 -8.42 6.29 13.39
N LYS B 7 -8.90 6.35 14.63
CA LYS B 7 -8.75 7.53 15.47
C LYS B 7 -7.74 7.27 16.57
N ALA B 8 -6.98 8.30 16.95
CA ALA B 8 -6.06 8.24 18.07
C ALA B 8 -6.40 9.32 19.09
N PHE B 9 -6.14 9.02 20.37
CA PHE B 9 -6.06 10.06 21.38
C PHE B 9 -4.78 10.87 21.25
N VAL B 10 -4.93 12.18 21.11
CA VAL B 10 -3.81 13.11 21.03
C VAL B 10 -3.65 13.80 22.39
N PHE B 11 -2.51 13.62 23.01
CA PHE B 11 -2.11 14.31 24.24
C PHE B 11 -1.07 15.37 23.90
N PRO B 12 -1.47 16.54 23.40
CA PRO B 12 -0.53 17.42 22.73
C PRO B 12 0.31 18.29 23.64
N LYS B 13 0.14 18.19 24.96
CA LYS B 13 0.85 19.03 25.92
C LYS B 13 1.23 18.20 27.12
N GLU B 14 2.34 18.56 27.75
CA GLU B 14 2.66 18.00 29.05
C GLU B 14 1.67 18.50 30.09
N SER B 15 1.05 17.57 30.81
CA SER B 15 0.14 17.93 31.88
C SER B 15 0.03 16.76 32.86
N ASP B 16 -0.28 17.09 34.12
CA ASP B 16 -0.69 16.09 35.09
C ASP B 16 -2.16 15.72 34.99
N THR B 17 -2.99 16.51 34.33
CA THR B 17 -4.43 16.29 34.37
C THR B 17 -5.00 15.61 33.13
N SER B 18 -4.29 15.61 32.01
CA SER B 18 -4.80 15.04 30.77
C SER B 18 -4.62 13.52 30.76
N TYR B 19 -5.72 12.78 30.76
CA TYR B 19 -5.67 11.33 30.64
C TYR B 19 -6.99 10.81 30.10
N VAL B 20 -6.98 9.57 29.61
CA VAL B 20 -8.20 8.83 29.29
C VAL B 20 -8.23 7.55 30.10
N SER B 21 -9.36 7.27 30.74
CA SER B 21 -9.52 6.08 31.56
C SER B 21 -10.39 5.07 30.81
N LEU B 22 -9.82 3.90 30.53
CA LEU B 22 -10.47 2.84 29.76
C LEU B 22 -11.13 1.81 30.67
N LYS B 23 -12.39 1.51 30.40
CA LYS B 23 -13.17 0.61 31.25
C LYS B 23 -13.25 -0.76 30.60
N ALA B 24 -12.73 -1.76 31.29
CA ALA B 24 -12.99 -3.15 30.99
C ALA B 24 -13.80 -3.74 32.13
N PRO B 25 -15.03 -4.22 31.91
CA PRO B 25 -15.69 -5.05 32.91
C PRO B 25 -15.08 -6.43 33.07
N LEU B 26 -13.75 -6.48 33.14
CA LEU B 26 -12.98 -7.70 33.33
C LEU B 26 -13.35 -8.37 34.65
N THR B 27 -14.07 -9.49 34.60
CA THR B 27 -14.56 -10.12 35.82
C THR B 27 -13.55 -11.07 36.45
N LYS B 28 -12.83 -11.84 35.65
CA LYS B 28 -11.98 -12.93 36.11
C LYS B 28 -10.55 -12.45 36.24
N PRO B 29 -9.87 -12.68 37.36
CA PRO B 29 -8.48 -12.23 37.46
C PRO B 29 -7.60 -12.88 36.39
N LEU B 30 -6.69 -12.08 35.85
CA LEU B 30 -5.88 -12.43 34.69
C LEU B 30 -4.72 -13.33 35.06
N LYS B 31 -4.80 -14.59 34.66
CA LYS B 31 -3.63 -15.45 34.63
C LYS B 31 -2.82 -15.28 33.34
N ALA B 32 -3.34 -14.56 32.34
CA ALA B 32 -2.55 -14.16 31.19
C ALA B 32 -3.16 -12.92 30.59
N PHE B 33 -2.35 -12.16 29.86
CA PHE B 33 -2.83 -11.06 29.04
C PHE B 33 -1.93 -10.82 27.84
N THR B 34 -2.51 -10.25 26.78
CA THR B 34 -1.79 -9.50 25.76
C THR B 34 -2.37 -8.10 25.69
N VAL B 35 -1.50 -7.09 25.67
CA VAL B 35 -1.84 -5.71 25.33
C VAL B 35 -1.04 -5.25 24.10
N CYS B 36 -1.73 -4.82 23.05
CA CYS B 36 -1.09 -4.26 21.85
C CYS B 36 -1.56 -2.83 21.58
N LEU B 37 -0.62 -1.96 21.17
CA LEU B 37 -0.96 -0.57 20.85
C LEU B 37 0.05 0.08 19.92
N HIS B 38 -0.42 1.11 19.20
CA HIS B 38 0.41 2.12 18.55
C HIS B 38 0.57 3.37 19.39
N PHE B 39 1.80 3.86 19.48
CA PHE B 39 2.04 5.17 20.03
C PHE B 39 3.10 5.92 19.24
N TYR B 40 3.01 7.25 19.30
CA TYR B 40 3.89 8.21 18.66
C TYR B 40 4.29 9.35 19.57
N THR B 41 5.58 9.46 19.87
CA THR B 41 6.07 10.48 20.77
C THR B 41 7.51 10.81 20.43
N GLU B 42 7.90 12.04 20.69
CA GLU B 42 9.30 12.47 20.61
C GLU B 42 10.03 12.42 21.93
N LEU B 43 9.34 12.22 23.05
CA LEU B 43 9.97 12.30 24.36
C LEU B 43 11.09 11.27 24.52
N SER B 44 11.11 10.23 23.70
CA SER B 44 12.01 9.10 23.94
C SER B 44 13.43 9.56 24.20
N SER B 45 13.91 10.56 23.46
CA SER B 45 15.24 11.08 23.72
C SER B 45 15.30 12.07 24.87
N THR B 46 14.16 12.57 25.36
CA THR B 46 14.16 13.55 26.43
C THR B 46 14.02 12.91 27.81
N ARG B 47 12.96 12.14 28.02
CA ARG B 47 12.62 11.65 29.35
C ARG B 47 11.73 10.42 29.22
N GLY B 48 11.57 9.70 30.33
CA GLY B 48 10.63 8.62 30.37
C GLY B 48 9.18 9.07 30.35
N TYR B 49 8.32 8.17 29.92
CA TYR B 49 6.88 8.39 29.83
C TYR B 49 6.15 7.08 29.95
N SER B 50 4.99 7.11 30.61
CA SER B 50 4.08 5.98 30.64
C SER B 50 3.33 5.76 29.34
N ILE B 51 3.49 4.59 28.74
CA ILE B 51 2.65 4.11 27.65
C ILE B 51 1.30 3.61 28.17
N PHE B 52 1.32 2.51 28.93
CA PHE B 52 0.15 1.77 29.38
C PHE B 52 0.22 1.49 30.87
N SER B 53 -0.60 2.17 31.66
CA SER B 53 -0.56 2.08 33.11
C SER B 53 -1.86 1.45 33.60
N TYR B 54 -1.77 0.22 34.09
CA TYR B 54 -2.88 -0.55 34.65
C TYR B 54 -2.66 -0.73 36.14
N ALA B 55 -3.61 -0.28 36.95
CA ALA B 55 -3.50 -0.36 38.40
C ALA B 55 -4.68 -1.06 39.03
N THR B 56 -4.41 -1.84 40.06
CA THR B 56 -5.43 -2.31 41.00
C THR B 56 -5.25 -1.61 42.34
N LYS B 57 -6.29 -1.69 43.17
CA LYS B 57 -6.30 -1.01 44.45
C LYS B 57 -5.16 -1.46 45.35
N ARG B 58 -4.63 -2.66 45.13
CA ARG B 58 -3.54 -3.20 45.91
C ARG B 58 -2.18 -2.86 45.34
N GLN B 59 -2.11 -2.44 44.08
CA GLN B 59 -0.86 -2.43 43.35
C GLN B 59 -0.97 -1.40 42.23
N ASP B 60 -0.27 -0.28 42.34
CA ASP B 60 -0.41 0.78 41.36
C ASP B 60 0.31 0.47 40.05
N ASN B 61 1.30 -0.42 40.05
CA ASN B 61 2.03 -0.78 38.84
C ASN B 61 1.67 -2.20 38.48
N GLU B 62 0.39 -2.49 38.36
CA GLU B 62 -0.02 -3.88 38.21
C GLU B 62 0.32 -4.42 36.83
N ILE B 63 0.06 -3.65 35.78
CA ILE B 63 0.76 -3.77 34.51
C ILE B 63 1.21 -2.38 34.10
N LEU B 64 2.50 -2.20 33.83
CA LEU B 64 2.96 -0.93 33.33
C LEU B 64 3.93 -1.15 32.18
N ILE B 65 3.65 -0.50 31.07
CA ILE B 65 4.55 -0.36 29.93
C ILE B 65 5.13 1.05 29.91
N PHE B 66 6.41 1.17 30.24
CA PHE B 66 7.04 2.45 30.52
C PHE B 66 8.31 2.58 29.67
N TRP B 67 8.39 3.66 28.91
CA TRP B 67 9.66 4.11 28.34
C TRP B 67 10.54 4.74 29.40
N SER B 68 11.71 4.17 29.62
CA SER B 68 12.69 4.70 30.55
C SER B 68 13.84 5.30 29.75
N LYS B 69 14.14 6.57 30.02
CA LYS B 69 15.12 7.33 29.25
C LYS B 69 16.44 6.58 29.15
N ASP B 70 17.02 6.64 27.95
CA ASP B 70 18.30 6.03 27.51
C ASP B 70 18.44 4.56 27.90
N ILE B 71 17.33 3.86 28.16
CA ILE B 71 17.37 2.44 28.50
C ILE B 71 16.43 1.72 27.53
N GLY B 72 15.14 2.07 27.59
CA GLY B 72 14.12 1.46 26.75
C GLY B 72 12.80 1.16 27.45
N TYR B 73 12.06 0.19 26.93
CA TYR B 73 10.87 -0.37 27.56
C TYR B 73 11.05 -1.09 28.89
N SER B 74 10.63 -0.42 29.96
CA SER B 74 10.34 -1.05 31.23
C SER B 74 8.99 -1.74 31.18
N PHE B 75 9.00 -3.06 31.24
CA PHE B 75 7.82 -3.91 31.42
C PHE B 75 7.70 -4.42 32.84
N THR B 76 6.68 -3.98 33.57
CA THR B 76 6.51 -4.49 34.92
C THR B 76 5.09 -4.98 35.12
N VAL B 77 5.01 -6.08 35.85
CA VAL B 77 3.78 -6.72 36.30
C VAL B 77 3.91 -6.90 37.80
N GLY B 78 2.86 -6.56 38.54
CA GLY B 78 2.91 -6.68 39.98
C GLY B 78 4.07 -5.99 40.66
N GLY B 79 4.52 -4.87 40.09
CA GLY B 79 5.64 -4.11 40.60
C GLY B 79 7.03 -4.67 40.34
N SER B 80 7.15 -5.84 39.72
CA SER B 80 8.45 -6.39 39.33
C SER B 80 8.73 -6.08 37.87
N GLU B 81 9.96 -5.73 37.54
CA GLU B 81 10.27 -5.08 36.28
C GLU B 81 11.35 -5.83 35.51
N ILE B 82 11.20 -5.87 34.18
CA ILE B 82 12.24 -6.33 33.26
C ILE B 82 12.46 -5.26 32.21
N LEU B 83 13.68 -5.19 31.67
CA LEU B 83 13.98 -4.22 30.62
C LEU B 83 14.26 -4.92 29.30
N PHE B 84 13.67 -4.39 28.24
CA PHE B 84 14.06 -4.58 26.84
C PHE B 84 14.87 -3.40 26.32
N GLU B 85 16.13 -3.34 26.69
CA GLU B 85 16.96 -2.19 26.36
C GLU B 85 16.93 -1.93 24.86
N VAL B 86 16.62 -0.69 24.50
CA VAL B 86 16.59 -0.18 23.14
C VAL B 86 17.72 0.84 22.97
N PRO B 87 18.80 0.51 22.27
CA PRO B 87 19.94 1.43 22.25
C PRO B 87 19.70 2.66 21.39
N GLU B 88 18.89 2.55 20.34
CA GLU B 88 18.81 3.59 19.31
C GLU B 88 17.35 3.76 18.90
N VAL B 89 16.73 4.85 19.33
CA VAL B 89 15.31 5.09 19.12
C VAL B 89 15.09 5.96 17.89
N THR B 90 14.53 5.35 16.84
CA THR B 90 13.81 6.09 15.81
C THR B 90 12.65 6.89 16.39
N VAL B 91 12.56 8.16 16.01
CA VAL B 91 11.31 8.91 16.10
C VAL B 91 10.37 8.56 14.95
N ALA B 92 9.60 7.48 15.10
CA ALA B 92 8.56 7.05 14.18
C ALA B 92 7.46 6.44 15.02
N PRO B 93 6.19 6.54 14.61
CA PRO B 93 5.16 5.69 15.24
C PRO B 93 5.61 4.24 15.40
N VAL B 94 5.49 3.74 16.63
CA VAL B 94 5.94 2.40 17.02
C VAL B 94 4.76 1.55 17.50
N HIS B 95 4.56 0.38 16.90
CA HIS B 95 3.60 -0.59 17.39
C HIS B 95 4.28 -1.60 18.32
N ILE B 96 3.72 -1.80 19.51
CA ILE B 96 4.19 -2.79 20.46
C ILE B 96 3.09 -3.79 20.81
N CYS B 97 3.45 -5.06 20.98
CA CYS B 97 2.62 -6.03 21.69
C CYS B 97 3.43 -6.68 22.80
N THR B 98 2.84 -6.71 23.99
CA THR B 98 3.38 -7.35 25.18
C THR B 98 2.45 -8.44 25.68
N SER B 99 2.96 -9.64 25.92
CA SER B 99 2.15 -10.65 26.59
C SER B 99 2.87 -11.25 27.78
N TRP B 100 2.06 -11.63 28.75
CA TRP B 100 2.46 -12.24 30.01
C TRP B 100 1.60 -13.46 30.32
N GLU B 101 2.26 -14.59 30.59
CA GLU B 101 1.61 -15.79 31.08
C GLU B 101 2.05 -16.07 32.51
N SER B 102 1.09 -16.10 33.43
CA SER B 102 1.36 -16.49 34.82
C SER B 102 2.07 -17.82 34.93
N ALA B 103 1.53 -18.84 34.26
CA ALA B 103 1.99 -20.21 34.46
C ALA B 103 3.50 -20.33 34.30
N SER B 104 4.06 -19.68 33.30
CA SER B 104 5.51 -19.65 33.09
C SER B 104 6.17 -18.36 33.55
N GLY B 105 5.43 -17.26 33.60
CA GLY B 105 5.94 -15.91 33.68
C GLY B 105 6.68 -15.41 32.47
N ILE B 106 6.73 -16.18 31.38
CA ILE B 106 7.30 -15.72 30.12
C ILE B 106 6.64 -14.42 29.67
N VAL B 107 7.44 -13.37 29.55
CA VAL B 107 7.07 -12.13 28.90
C VAL B 107 7.55 -12.17 27.44
N GLU B 108 6.62 -12.06 26.50
CA GLU B 108 6.96 -11.71 25.13
C GLU B 108 6.72 -10.23 24.89
N PHE B 109 7.72 -9.56 24.33
CA PHE B 109 7.66 -8.16 23.94
C PHE B 109 7.89 -8.05 22.44
N TRP B 110 6.96 -7.46 21.69
CA TRP B 110 7.09 -7.35 20.24
C TRP B 110 7.09 -5.88 19.85
N VAL B 111 8.09 -5.48 19.05
CA VAL B 111 8.23 -4.12 18.54
C VAL B 111 8.15 -4.12 17.02
N ASP B 112 7.14 -3.45 16.47
CA ASP B 112 6.90 -3.41 15.03
C ASP B 112 7.00 -4.79 14.39
N GLY B 113 6.29 -5.74 14.99
CA GLY B 113 6.21 -7.11 14.51
C GLY B 113 7.44 -7.96 14.69
N LYS B 114 8.49 -7.47 15.34
CA LYS B 114 9.68 -8.27 15.61
C LYS B 114 9.75 -8.62 17.09
N PRO B 115 9.84 -9.89 17.47
CA PRO B 115 9.92 -10.24 18.90
C PRO B 115 11.29 -9.97 19.50
N ARG B 116 11.30 -9.31 20.65
CA ARG B 116 12.34 -9.51 21.65
C ARG B 116 12.34 -10.95 22.18
N VAL B 117 13.53 -11.41 22.58
CA VAL B 117 13.68 -12.62 23.39
C VAL B 117 12.70 -12.66 24.55
N ARG B 118 12.07 -13.83 24.73
CA ARG B 118 11.25 -14.15 25.89
C ARG B 118 12.00 -14.14 27.23
N LYS B 119 11.47 -13.42 28.21
CA LYS B 119 12.01 -13.23 29.55
C LYS B 119 11.01 -13.68 30.63
N SER B 120 11.52 -14.11 31.77
CA SER B 120 10.72 -14.57 32.91
C SER B 120 10.39 -13.46 33.90
N LEU B 121 9.10 -13.35 34.24
CA LEU B 121 8.61 -12.35 35.18
C LEU B 121 7.40 -12.88 35.96
N LYS B 122 7.49 -12.85 37.29
CA LYS B 122 6.34 -13.05 38.17
C LYS B 122 5.61 -14.37 37.91
N LYS B 123 6.38 -15.43 37.74
CA LYS B 123 5.80 -16.76 37.62
C LYS B 123 4.85 -17.03 38.77
N GLY B 124 3.64 -17.48 38.44
CA GLY B 124 2.60 -17.81 39.40
C GLY B 124 1.81 -16.65 39.96
N TYR B 125 2.13 -15.41 39.61
CA TYR B 125 1.34 -14.27 40.05
C TYR B 125 -0.05 -14.31 39.41
N THR B 126 -0.97 -13.51 39.96
CA THR B 126 -2.27 -13.30 39.34
C THR B 126 -2.61 -11.82 39.34
N VAL B 127 -2.98 -11.30 38.18
CA VAL B 127 -3.31 -9.89 38.02
C VAL B 127 -4.77 -9.66 38.43
N GLY B 128 -4.97 -8.68 39.31
CA GLY B 128 -6.31 -8.40 39.78
C GLY B 128 -7.22 -7.90 38.69
N ALA B 129 -8.50 -8.26 38.80
CA ALA B 129 -9.49 -7.90 37.79
C ALA B 129 -10.04 -6.48 37.97
N GLU B 130 -10.24 -6.04 39.21
CA GLU B 130 -10.77 -4.70 39.51
C GLU B 130 -9.68 -3.66 39.32
N ALA B 131 -9.59 -3.09 38.11
CA ALA B 131 -8.42 -2.32 37.73
C ALA B 131 -8.82 -1.03 37.02
N SER B 132 -7.95 -0.03 37.14
CA SER B 132 -8.08 1.24 36.44
C SER B 132 -6.96 1.33 35.39
N ILE B 133 -7.34 1.41 34.13
CA ILE B 133 -6.41 1.45 33.00
C ILE B 133 -6.29 2.90 32.51
N ILE B 134 -5.10 3.48 32.63
CA ILE B 134 -4.88 4.88 32.29
C ILE B 134 -3.91 4.97 31.12
N LEU B 135 -4.37 5.63 30.05
CA LEU B 135 -3.56 6.13 28.96
C LEU B 135 -3.17 7.59 29.14
N GLY B 136 -1.89 7.89 28.95
CA GLY B 136 -1.38 9.24 29.10
C GLY B 136 -0.72 9.55 30.42
N GLN B 137 -0.91 8.75 31.46
CA GLN B 137 -0.33 9.05 32.75
C GLN B 137 0.19 7.76 33.35
N GLU B 138 1.13 7.90 34.29
CA GLU B 138 1.51 6.83 35.18
C GLU B 138 0.84 7.09 36.50
N GLN B 139 0.06 6.14 36.97
CA GLN B 139 -0.71 6.32 38.20
C GLN B 139 0.01 5.66 39.37
N ASP B 140 0.08 6.40 40.48
CA ASP B 140 0.69 5.93 41.71
C ASP B 140 -0.32 5.60 42.79
N SER B 141 -1.59 5.92 42.56
CA SER B 141 -2.71 5.41 43.35
C SER B 141 -3.76 4.92 42.37
N PHE B 142 -4.79 4.26 42.90
CA PHE B 142 -5.68 3.49 42.04
C PHE B 142 -6.19 4.29 40.85
N GLY B 143 -6.41 5.59 41.01
CA GLY B 143 -6.82 6.38 39.87
C GLY B 143 -6.28 7.79 39.81
N GLY B 144 -5.07 8.01 40.31
CA GLY B 144 -4.60 9.37 40.44
C GLY B 144 -3.15 9.44 40.87
N ASN B 145 -2.79 10.58 41.44
CA ASN B 145 -1.39 10.91 41.73
C ASN B 145 -0.54 10.82 40.47
N PHE B 146 -0.98 11.47 39.42
CA PHE B 146 -0.23 11.54 38.18
C PHE B 146 0.91 12.56 38.30
N GLU B 147 2.01 12.27 37.61
CA GLU B 147 3.16 13.16 37.59
C GLU B 147 3.37 13.65 36.17
N GLY B 148 3.35 14.97 35.99
CA GLY B 148 3.51 15.54 34.66
C GLY B 148 4.83 15.16 34.01
N SER B 149 5.87 14.97 34.81
CA SER B 149 7.15 14.50 34.28
C SER B 149 7.08 13.07 33.77
N GLN B 150 5.98 12.37 34.00
CA GLN B 150 5.77 11.04 33.45
C GLN B 150 4.62 10.96 32.45
N SER B 151 3.94 12.05 32.17
CA SER B 151 2.86 11.99 31.20
C SER B 151 3.40 11.68 29.82
N LEU B 152 2.66 10.86 29.09
CA LEU B 152 2.86 10.72 27.65
C LEU B 152 2.43 11.98 26.91
N VAL B 153 3.29 12.49 26.05
CA VAL B 153 2.98 13.54 25.08
C VAL B 153 3.09 12.99 23.67
N GLY B 154 1.99 13.03 22.93
CA GLY B 154 1.88 12.39 21.63
C GLY B 154 0.60 11.59 21.38
N ASP B 155 0.66 10.51 20.61
CA ASP B 155 -0.50 9.74 20.20
C ASP B 155 -0.53 8.35 20.83
N ILE B 156 -1.73 7.88 21.13
CA ILE B 156 -2.01 6.49 21.52
C ILE B 156 -3.22 5.99 20.76
N GLY B 157 -3.12 4.80 20.19
CA GLY B 157 -4.28 4.23 19.54
C GLY B 157 -4.12 2.76 19.30
N ASN B 158 -5.18 2.17 18.74
CA ASN B 158 -5.28 0.74 18.50
C ASN B 158 -5.04 -0.09 19.76
N VAL B 159 -5.41 0.44 20.92
CA VAL B 159 -5.26 -0.22 22.21
C VAL B 159 -6.15 -1.45 22.41
N ASN B 160 -5.69 -2.63 22.02
CA ASN B 160 -6.46 -3.88 22.11
C ASN B 160 -5.86 -4.78 23.17
N MET B 161 -6.70 -5.34 24.05
CA MET B 161 -6.23 -6.22 25.11
C MET B 161 -6.99 -7.55 25.13
N TRP B 162 -6.22 -8.64 25.19
CA TRP B 162 -6.65 -10.03 25.32
C TRP B 162 -6.24 -10.58 26.68
N ASP B 163 -7.09 -11.41 27.26
CA ASP B 163 -6.77 -12.14 28.48
C ASP B 163 -5.93 -13.39 28.27
N PHE B 164 -5.35 -13.60 27.09
CA PHE B 164 -4.52 -14.77 26.84
C PHE B 164 -3.34 -14.35 25.98
N VAL B 165 -2.29 -15.17 25.98
CA VAL B 165 -1.12 -14.94 25.14
C VAL B 165 -1.44 -15.21 23.67
N LEU B 166 -1.38 -14.17 22.85
CA LEU B 166 -1.44 -14.35 21.41
C LEU B 166 -0.24 -15.14 20.91
N SER B 167 -0.48 -16.05 19.98
CA SER B 167 0.60 -16.71 19.27
C SER B 167 1.33 -15.72 18.37
N PRO B 168 2.54 -16.05 17.94
CA PRO B 168 3.23 -15.24 16.93
C PRO B 168 2.42 -14.99 15.67
N ASP B 169 1.68 -16.00 15.19
CA ASP B 169 0.85 -15.82 13.99
C ASP B 169 -0.32 -14.87 14.23
N GLU B 170 -0.92 -14.91 15.43
CA GLU B 170 -1.90 -13.90 15.78
C GLU B 170 -1.30 -12.50 15.82
N ILE B 171 -0.09 -12.36 16.35
CA ILE B 171 0.56 -11.06 16.43
C ILE B 171 0.94 -10.53 15.05
N ASN B 172 1.41 -11.39 14.16
CA ASN B 172 1.59 -10.96 12.78
C ASN B 172 0.28 -10.48 12.16
N THR B 173 -0.83 -11.15 12.44
CA THR B 173 -2.13 -10.68 11.99
C THR B 173 -2.47 -9.30 12.56
N ILE B 174 -2.24 -9.08 13.85
CA ILE B 174 -2.47 -7.75 14.43
C ILE B 174 -1.65 -6.70 13.69
N TYR B 175 -0.35 -6.94 13.55
CA TYR B 175 0.54 -5.94 12.99
C TYR B 175 0.25 -5.67 11.52
N LEU B 176 -0.10 -6.69 10.75
CA LEU B 176 -0.40 -6.54 9.35
C LEU B 176 -1.81 -5.99 9.09
N GLY B 177 -2.56 -5.68 10.13
CA GLY B 177 -3.92 -5.20 9.97
C GLY B 177 -4.91 -6.25 9.52
N GLY B 178 -4.67 -7.52 9.84
CA GLY B 178 -5.64 -8.56 9.62
C GLY B 178 -6.75 -8.56 10.64
N PRO B 179 -7.67 -9.52 10.49
CA PRO B 179 -8.87 -9.58 11.34
C PRO B 179 -8.60 -10.20 12.71
N PHE B 180 -9.01 -9.50 13.76
CA PHE B 180 -8.79 -9.92 15.14
C PHE B 180 -9.95 -9.49 16.04
N SER B 181 -10.15 -10.25 17.12
CA SER B 181 -11.26 -10.10 18.08
C SER B 181 -10.81 -9.99 19.53
N PRO B 182 -10.42 -8.81 19.99
CA PRO B 182 -10.00 -8.64 21.40
C PRO B 182 -11.10 -8.95 22.39
N ASN B 183 -10.79 -9.79 23.38
CA ASN B 183 -11.76 -10.20 24.38
C ASN B 183 -11.67 -9.46 25.71
N VAL B 184 -10.83 -8.43 25.81
CA VAL B 184 -10.78 -7.64 27.06
C VAL B 184 -10.98 -6.17 26.76
N LEU B 185 -10.15 -5.60 25.89
CA LEU B 185 -10.17 -4.18 25.60
C LEU B 185 -10.13 -4.00 24.08
N ASN B 186 -11.13 -3.32 23.53
CA ASN B 186 -11.43 -3.37 22.10
C ASN B 186 -11.60 -1.98 21.49
N TRP B 187 -10.57 -1.53 20.77
CA TRP B 187 -10.62 -0.22 20.10
C TRP B 187 -11.88 0.00 19.30
N ARG B 188 -12.33 -1.03 18.60
CA ARG B 188 -13.60 -0.96 17.88
C ARG B 188 -14.77 -0.76 18.82
N ALA B 189 -14.64 -1.16 20.08
CA ALA B 189 -15.74 -1.25 21.04
C ALA B 189 -15.39 -0.55 22.33
N LEU B 190 -14.50 0.45 22.25
CA LEU B 190 -13.87 1.04 23.44
C LEU B 190 -14.85 1.88 24.25
N LYS B 191 -14.87 1.64 25.56
CA LYS B 191 -15.58 2.44 26.55
C LYS B 191 -14.58 3.22 27.40
N TYR B 192 -14.65 4.55 27.34
CA TYR B 192 -13.63 5.38 27.98
C TYR B 192 -14.21 6.69 28.45
N GLU B 193 -13.53 7.32 29.42
CA GLU B 193 -13.73 8.72 29.78
C GLU B 193 -12.47 9.51 29.49
N VAL B 194 -12.58 10.52 28.65
CA VAL B 194 -11.56 11.54 28.51
C VAL B 194 -11.62 12.50 29.69
N GLN B 195 -10.45 12.86 30.21
CA GLN B 195 -10.32 13.86 31.26
C GLN B 195 -9.25 14.86 30.88
N GLY B 196 -9.50 16.13 31.17
CA GLY B 196 -8.55 17.16 30.78
C GLY B 196 -8.42 17.33 29.28
N GLU B 197 -7.23 17.76 28.86
CA GLU B 197 -6.97 18.15 27.48
C GLU B 197 -6.48 16.97 26.64
N VAL B 198 -7.44 16.17 26.16
CA VAL B 198 -7.16 15.07 25.24
C VAL B 198 -8.10 15.22 24.05
N PHE B 199 -7.54 15.04 22.86
CA PHE B 199 -8.31 15.19 21.64
C PHE B 199 -8.29 13.88 20.86
N THR B 200 -9.38 13.62 20.14
CA THR B 200 -9.47 12.52 19.21
C THR B 200 -9.21 13.00 17.80
N LYS B 201 -8.20 12.45 17.15
CA LYS B 201 -7.82 12.83 15.80
C LYS B 201 -7.58 11.57 14.98
N PRO B 202 -7.71 11.64 13.66
CA PRO B 202 -7.24 10.56 12.80
C PRO B 202 -5.78 10.17 13.02
N GLN B 203 -5.57 8.86 13.17
CA GLN B 203 -4.25 8.27 13.32
C GLN B 203 -3.28 8.71 12.23
N LEU B 204 -2.05 9.03 12.65
CA LEU B 204 -0.97 9.42 11.75
C LEU B 204 -0.25 8.23 11.12
N TRP B 205 -0.71 7.02 11.34
CA TRP B 205 0.00 5.79 11.06
C TRP B 205 -0.91 4.83 10.33
N PRO B 206 -0.40 4.10 9.31
CA PRO B 206 -1.14 3.02 8.66
C PRO B 206 -1.68 1.97 9.61
N GLN C 1 -5.25 35.24 -13.09
CA GLN C 1 -4.33 34.39 -12.29
C GLN C 1 -3.60 33.38 -13.16
N THR C 2 -2.42 32.96 -12.70
CA THR C 2 -1.49 32.15 -13.48
C THR C 2 -1.50 30.72 -12.97
N ASP C 3 -1.51 29.77 -13.89
CA ASP C 3 -1.24 28.38 -13.55
C ASP C 3 0.26 28.16 -13.53
N MET C 4 0.83 28.11 -12.33
CA MET C 4 2.25 27.92 -12.08
C MET C 4 2.67 26.46 -12.06
N SER C 5 1.82 25.54 -12.49
CA SER C 5 2.17 24.12 -12.51
C SER C 5 3.50 23.85 -13.19
N ARG C 6 4.29 22.99 -12.56
CA ARG C 6 5.66 22.65 -12.94
C ARG C 6 6.64 23.82 -12.96
N LYS C 7 6.30 24.96 -12.39
CA LYS C 7 7.20 26.09 -12.34
C LYS C 7 7.54 26.40 -10.89
N ALA C 8 8.75 26.92 -10.69
CA ALA C 8 9.21 27.34 -9.38
C ALA C 8 9.70 28.78 -9.44
N PHE C 9 9.58 29.47 -8.32
CA PHE C 9 10.30 30.72 -8.12
C PHE C 9 11.72 30.44 -7.68
N VAL C 10 12.68 31.09 -8.33
CA VAL C 10 14.09 30.92 -8.03
C VAL C 10 14.60 32.23 -7.44
N PHE C 11 15.16 32.14 -6.24
CA PHE C 11 15.81 33.26 -5.58
C PHE C 11 17.31 32.98 -5.58
N PRO C 12 18.03 33.29 -6.66
CA PRO C 12 19.35 32.68 -6.83
C PRO C 12 20.46 33.37 -6.06
N LYS C 13 20.24 34.58 -5.56
CA LYS C 13 21.22 35.28 -4.74
C LYS C 13 20.56 35.84 -3.50
N GLU C 14 21.38 36.03 -2.47
CA GLU C 14 20.92 36.66 -1.24
C GLU C 14 20.68 38.14 -1.47
N SER C 15 19.49 38.61 -1.10
CA SER C 15 19.16 40.02 -1.15
C SER C 15 18.05 40.27 -0.13
N ASP C 16 17.84 41.54 0.21
CA ASP C 16 16.65 41.96 0.93
C ASP C 16 15.49 42.43 0.05
N THR C 17 15.72 42.68 -1.24
CA THR C 17 14.68 43.22 -2.12
C THR C 17 13.91 42.18 -2.91
N SER C 18 14.53 41.05 -3.27
CA SER C 18 13.86 40.02 -4.07
C SER C 18 12.87 39.23 -3.24
N TYR C 19 11.57 39.41 -3.52
CA TYR C 19 10.49 38.67 -2.87
C TYR C 19 9.31 38.58 -3.84
N VAL C 20 8.46 37.57 -3.64
CA VAL C 20 7.17 37.52 -4.31
C VAL C 20 6.04 37.57 -3.28
N SER C 21 5.05 38.40 -3.55
CA SER C 21 3.88 38.61 -2.71
C SER C 21 2.68 37.86 -3.26
N LEU C 22 2.12 36.95 -2.47
CA LEU C 22 0.97 36.15 -2.89
C LEU C 22 -0.30 36.68 -2.27
N LYS C 23 -1.34 36.85 -3.09
CA LYS C 23 -2.63 37.40 -2.68
C LYS C 23 -3.65 36.28 -2.42
N ALA C 24 -4.05 36.15 -1.16
CA ALA C 24 -5.09 35.22 -0.74
C ALA C 24 -6.46 35.86 -0.94
N PRO C 25 -7.30 35.32 -1.84
CA PRO C 25 -8.70 35.73 -1.88
C PRO C 25 -9.50 35.27 -0.68
N LEU C 26 -9.20 35.84 0.48
CA LEU C 26 -9.77 35.41 1.75
C LEU C 26 -10.35 36.62 2.47
N THR C 27 -11.56 36.47 3.01
CA THR C 27 -12.24 37.55 3.69
C THR C 27 -12.59 37.23 5.14
N LYS C 28 -12.74 35.97 5.48
CA LYS C 28 -13.16 35.55 6.81
C LYS C 28 -11.95 35.08 7.60
N PRO C 29 -11.77 35.52 8.85
CA PRO C 29 -10.59 35.10 9.60
C PRO C 29 -10.48 33.59 9.75
N LEU C 30 -9.24 33.11 9.64
CA LEU C 30 -8.94 31.69 9.64
C LEU C 30 -8.96 31.11 11.06
N LYS C 31 -9.86 30.16 11.30
CA LYS C 31 -9.75 29.36 12.52
C LYS C 31 -8.89 28.13 12.30
N ALA C 32 -8.56 27.78 11.06
CA ALA C 32 -7.64 26.69 10.79
C ALA C 32 -7.05 26.88 9.41
N PHE C 33 -5.89 26.27 9.19
CA PHE C 33 -5.30 26.23 7.85
C PHE C 33 -4.45 24.97 7.69
N THR C 34 -4.23 24.57 6.44
CA THR C 34 -3.09 23.78 5.98
C THR C 34 -2.30 24.58 4.95
N VAL C 35 -0.99 24.69 5.13
CA VAL C 35 -0.10 25.21 4.09
C VAL C 35 0.97 24.17 3.73
N CYS C 36 1.02 23.78 2.44
CA CYS C 36 2.00 22.85 1.89
C CYS C 36 2.83 23.51 0.81
N LEU C 37 4.13 23.24 0.80
CA LEU C 37 5.02 23.81 -0.20
C LEU C 37 6.25 22.94 -0.38
N HIS C 38 6.82 22.99 -1.58
CA HIS C 38 8.18 22.56 -1.89
C HIS C 38 9.19 23.71 -1.79
N PHE C 39 10.34 23.43 -1.18
CA PHE C 39 11.47 24.34 -1.30
C PHE C 39 12.79 23.59 -1.38
N TYR C 40 13.77 24.23 -2.00
CA TYR C 40 15.11 23.69 -2.20
C TYR C 40 16.19 24.73 -2.01
N THR C 41 16.98 24.57 -0.95
CA THR C 41 17.99 25.54 -0.54
C THR C 41 19.20 24.83 0.07
N GLU C 42 20.39 25.36 -0.22
CA GLU C 42 21.62 25.00 0.48
C GLU C 42 21.74 25.59 1.88
N LEU C 43 21.04 26.69 2.17
CA LEU C 43 21.26 27.46 3.39
C LEU C 43 21.20 26.63 4.67
N SER C 44 20.51 25.49 4.64
CA SER C 44 20.13 24.77 5.86
C SER C 44 21.27 24.62 6.86
N SER C 45 22.50 24.40 6.39
CA SER C 45 23.62 24.29 7.30
C SER C 45 24.32 25.62 7.60
N THR C 46 24.05 26.66 6.81
CA THR C 46 24.70 27.96 6.97
C THR C 46 23.97 28.85 7.99
N ARG C 47 22.69 29.11 7.76
CA ARG C 47 21.94 30.13 8.48
C ARG C 47 20.45 29.84 8.38
N GLY C 48 19.68 30.48 9.26
CA GLY C 48 18.24 30.47 9.12
C GLY C 48 17.71 31.27 7.95
N TYR C 49 16.50 30.88 7.55
CA TYR C 49 15.78 31.46 6.41
C TYR C 49 14.29 31.25 6.59
N SER C 50 13.53 32.31 6.29
CA SER C 50 12.10 32.27 6.06
C SER C 50 11.67 31.35 4.91
N ILE C 51 10.89 30.33 5.24
CA ILE C 51 10.16 29.57 4.23
C ILE C 51 8.87 30.27 3.82
N PHE C 52 7.98 30.53 4.78
CA PHE C 52 6.64 31.04 4.53
C PHE C 52 6.25 32.07 5.57
N SER C 53 6.19 33.33 5.14
CA SER C 53 5.96 34.49 5.99
C SER C 53 4.56 35.04 5.73
N TYR C 54 3.68 34.90 6.72
CA TYR C 54 2.31 35.41 6.71
C TYR C 54 2.17 36.48 7.78
N ALA C 55 1.92 37.72 7.37
CA ALA C 55 1.87 38.85 8.29
C ALA C 55 0.58 39.64 8.12
N THR C 56 0.17 40.25 9.24
CA THR C 56 -0.93 41.20 9.28
C THR C 56 -0.45 42.46 9.97
N LYS C 57 -1.22 43.53 9.80
CA LYS C 57 -0.85 44.79 10.45
C LYS C 57 -0.79 44.63 11.96
N ARG C 58 -1.61 43.73 12.52
CA ARG C 58 -1.51 43.40 13.93
C ARG C 58 -0.23 42.63 14.27
N GLN C 59 0.29 41.84 13.34
CA GLN C 59 1.28 40.82 13.71
C GLN C 59 2.09 40.45 12.48
N ASP C 60 3.38 40.78 12.49
CA ASP C 60 4.25 40.51 11.35
C ASP C 60 4.59 39.03 11.20
N ASN C 61 4.48 38.25 12.29
CA ASN C 61 4.74 36.82 12.23
C ASN C 61 3.46 36.05 12.49
N GLU C 62 2.43 36.32 11.69
CA GLU C 62 1.14 35.71 11.94
C GLU C 62 1.13 34.24 11.57
N ILE C 63 1.78 33.86 10.47
CA ILE C 63 2.29 32.51 10.30
C ILE C 63 3.71 32.60 9.77
N LEU C 64 4.64 31.94 10.46
CA LEU C 64 6.05 31.88 10.05
C LEU C 64 6.46 30.41 10.06
N ILE C 65 6.75 29.87 8.90
CA ILE C 65 7.52 28.64 8.77
C ILE C 65 8.99 29.01 8.57
N PHE C 66 9.83 28.75 9.58
CA PHE C 66 11.19 29.26 9.62
C PHE C 66 12.16 28.14 9.99
N TRP C 67 13.12 27.87 9.10
CA TRP C 67 14.37 27.18 9.39
C TRP C 67 15.29 27.93 10.34
N SER C 68 15.47 27.41 11.55
CA SER C 68 16.40 27.98 12.51
C SER C 68 17.67 27.13 12.54
N LYS C 69 18.81 27.79 12.30
CA LYS C 69 20.09 27.10 12.14
C LYS C 69 20.33 26.04 13.20
N ASP C 70 20.59 24.82 12.75
CA ASP C 70 20.84 23.66 13.60
C ASP C 70 19.70 23.28 14.55
N ILE C 71 18.63 24.06 14.60
CA ILE C 71 17.46 23.69 15.39
C ILE C 71 16.57 22.85 14.51
N GLY C 72 16.18 23.39 13.36
CA GLY C 72 15.16 22.84 12.49
C GLY C 72 14.06 23.82 12.10
N TYR C 73 12.84 23.34 11.93
CA TYR C 73 11.68 24.21 11.68
C TYR C 73 11.14 24.89 12.93
N SER C 74 11.05 26.22 12.88
CA SER C 74 10.18 27.00 13.73
C SER C 74 8.82 27.16 13.06
N PHE C 75 7.77 26.76 13.75
CA PHE C 75 6.40 27.06 13.36
C PHE C 75 5.78 28.04 14.35
N THR C 76 5.42 29.22 13.88
CA THR C 76 4.87 30.24 14.77
C THR C 76 3.55 30.71 14.23
N VAL C 77 2.59 30.87 15.13
CA VAL C 77 1.26 31.38 14.83
C VAL C 77 0.99 32.48 15.84
N GLY C 78 0.54 33.63 15.35
CA GLY C 78 0.29 34.75 16.25
C GLY C 78 1.50 35.15 17.06
N GLY C 79 2.70 35.00 16.51
CA GLY C 79 3.93 35.32 17.22
C GLY C 79 4.42 34.31 18.23
N SER C 80 3.65 33.25 18.51
CA SER C 80 4.04 32.22 19.45
C SER C 80 4.61 31.04 18.68
N GLU C 81 5.67 30.43 19.21
CA GLU C 81 6.53 29.54 18.45
C GLU C 81 6.62 28.15 19.06
N ILE C 82 6.73 27.15 18.18
CA ILE C 82 7.04 25.78 18.51
C ILE C 82 8.09 25.28 17.53
N LEU C 83 8.83 24.26 17.93
CA LEU C 83 9.92 23.73 17.12
C LEU C 83 9.71 22.26 16.77
N PHE C 84 10.07 21.90 15.56
CA PHE C 84 10.27 20.51 15.13
C PHE C 84 11.76 20.32 14.83
N GLU C 85 12.55 20.11 15.87
CA GLU C 85 13.98 19.98 15.70
C GLU C 85 14.34 18.88 14.70
N VAL C 86 15.23 19.20 13.78
CA VAL C 86 15.65 18.31 12.71
C VAL C 86 17.15 18.07 12.85
N PRO C 87 17.56 16.97 13.47
CA PRO C 87 18.96 16.87 13.90
C PRO C 87 19.94 16.76 12.75
N GLU C 88 19.52 16.30 11.58
CA GLU C 88 20.36 16.32 10.39
C GLU C 88 19.56 16.81 9.20
N VAL C 89 20.09 17.82 8.51
CA VAL C 89 19.47 18.37 7.31
C VAL C 89 20.35 18.05 6.11
N THR C 90 19.72 17.65 5.02
CA THR C 90 20.43 17.23 3.81
C THR C 90 19.94 18.05 2.62
N VAL C 91 20.83 18.20 1.64
CA VAL C 91 20.56 18.84 0.36
C VAL C 91 19.63 18.04 -0.54
N ALA C 92 18.32 18.07 -0.25
CA ALA C 92 17.31 17.47 -1.11
C ALA C 92 16.14 18.43 -1.12
N PRO C 93 15.44 18.60 -2.24
CA PRO C 93 14.10 19.17 -2.19
C PRO C 93 13.25 18.56 -1.08
N VAL C 94 12.63 19.44 -0.29
CA VAL C 94 11.82 19.07 0.86
C VAL C 94 10.40 19.60 0.69
N HIS C 95 9.42 18.69 0.77
CA HIS C 95 8.01 19.04 0.82
C HIS C 95 7.56 19.08 2.27
N ILE C 96 7.05 20.22 2.72
CA ILE C 96 6.41 20.33 4.03
C ILE C 96 4.93 20.61 3.85
N CYS C 97 4.11 20.01 4.72
CA CYS C 97 2.77 20.50 5.06
C CYS C 97 2.68 20.79 6.55
N THR C 98 2.01 21.89 6.87
CA THR C 98 1.77 22.31 8.24
C THR C 98 0.29 22.61 8.39
N SER C 99 -0.30 22.16 9.49
CA SER C 99 -1.70 22.36 9.78
C SER C 99 -1.85 22.94 11.17
N TRP C 100 -2.72 23.93 11.30
CA TRP C 100 -3.07 24.51 12.59
C TRP C 100 -4.58 24.57 12.73
N GLU C 101 -5.08 24.11 13.86
CA GLU C 101 -6.49 24.18 14.23
C GLU C 101 -6.65 25.00 15.50
N SER C 102 -7.51 26.00 15.45
CA SER C 102 -7.77 26.82 16.64
C SER C 102 -8.46 26.03 17.74
N ALA C 103 -9.45 25.22 17.40
CA ALA C 103 -10.27 24.58 18.42
C ALA C 103 -9.46 23.73 19.40
N SER C 104 -8.32 23.19 18.96
CA SER C 104 -7.45 22.42 19.85
C SER C 104 -6.04 22.97 19.96
N GLY C 105 -5.60 23.80 19.02
CA GLY C 105 -4.22 24.20 18.92
C GLY C 105 -3.26 23.16 18.41
N ILE C 106 -3.71 21.95 18.12
CA ILE C 106 -2.87 20.94 17.49
C ILE C 106 -2.23 21.48 16.23
N VAL C 107 -0.90 21.47 16.18
CA VAL C 107 -0.13 21.67 14.96
C VAL C 107 0.29 20.30 14.43
N GLU C 108 -0.15 19.93 13.23
CA GLU C 108 0.48 18.85 12.49
C GLU C 108 1.53 19.44 11.56
N PHE C 109 2.75 18.96 11.68
CA PHE C 109 3.81 19.27 10.72
C PHE C 109 4.15 17.98 9.96
N TRP C 110 4.32 18.07 8.65
CA TRP C 110 4.66 16.92 7.80
C TRP C 110 5.87 17.26 6.96
N VAL C 111 6.84 16.35 6.89
CA VAL C 111 8.01 16.51 6.03
C VAL C 111 8.12 15.31 5.11
N ASP C 112 8.10 15.58 3.81
CA ASP C 112 8.20 14.53 2.79
C ASP C 112 7.20 13.41 3.04
N GLY C 113 5.98 13.78 3.39
CA GLY C 113 4.94 12.82 3.68
C GLY C 113 5.00 12.11 5.01
N LYS C 114 6.01 12.34 5.82
CA LYS C 114 6.04 11.71 7.13
C LYS C 114 5.56 12.70 8.19
N PRO C 115 4.57 12.36 9.00
CA PRO C 115 4.16 13.29 10.06
C PRO C 115 5.15 13.34 11.21
N ARG C 116 5.42 14.55 11.66
CA ARG C 116 5.87 14.79 13.03
C ARG C 116 4.74 14.61 14.04
N VAL C 117 5.14 14.30 15.27
CA VAL C 117 4.20 14.30 16.40
C VAL C 117 3.45 15.61 16.47
N ARG C 118 2.13 15.52 16.58
CA ARG C 118 1.27 16.66 16.88
C ARG C 118 1.64 17.40 18.15
N LYS C 119 1.83 18.71 18.03
CA LYS C 119 2.14 19.60 19.14
C LYS C 119 1.05 20.66 19.23
N SER C 120 0.89 21.25 20.40
CA SER C 120 -0.12 22.28 20.62
C SER C 120 0.46 23.68 20.50
N LEU C 121 -0.28 24.55 19.82
CA LEU C 121 0.07 25.96 19.73
C LEU C 121 -1.19 26.83 19.67
N LYS C 122 -1.22 27.88 20.49
CA LYS C 122 -2.17 28.98 20.33
C LYS C 122 -3.62 28.53 20.27
N LYS C 123 -3.99 27.61 21.14
CA LYS C 123 -5.38 27.20 21.24
C LYS C 123 -6.30 28.39 21.47
N GLY C 124 -7.38 28.46 20.67
CA GLY C 124 -8.35 29.52 20.74
C GLY C 124 -8.05 30.80 19.99
N TYR C 125 -6.83 30.97 19.49
CA TYR C 125 -6.51 32.15 18.69
C TYR C 125 -7.27 32.13 17.36
N THR C 126 -7.34 33.29 16.72
CA THR C 126 -7.95 33.43 15.40
C THR C 126 -7.02 34.26 14.52
N VAL C 127 -6.79 33.81 13.30
CA VAL C 127 -5.80 34.40 12.41
C VAL C 127 -6.45 35.39 11.47
N GLY C 128 -5.89 36.60 11.40
CA GLY C 128 -6.47 37.64 10.57
C GLY C 128 -6.39 37.31 9.09
N ALA C 129 -7.48 37.62 8.38
CA ALA C 129 -7.56 37.36 6.94
C ALA C 129 -6.87 38.43 6.09
N GLU C 130 -6.81 39.68 6.53
CA GLU C 130 -6.13 40.74 5.78
C GLU C 130 -4.62 40.62 5.97
N ALA C 131 -3.95 39.96 5.03
CA ALA C 131 -2.57 39.52 5.23
C ALA C 131 -1.73 39.75 4.00
N SER C 132 -0.44 40.05 4.22
CA SER C 132 0.57 40.01 3.19
C SER C 132 1.32 38.69 3.29
N ILE C 133 1.21 37.85 2.26
CA ILE C 133 1.88 36.57 2.16
C ILE C 133 3.10 36.73 1.27
N ILE C 134 4.30 36.59 1.84
CA ILE C 134 5.55 36.83 1.13
C ILE C 134 6.41 35.59 1.19
N LEU C 135 6.86 35.15 0.02
CA LEU C 135 7.89 34.13 -0.13
C LEU C 135 9.24 34.80 -0.39
N GLY C 136 10.28 34.21 0.17
CA GLY C 136 11.65 34.62 -0.07
C GLY C 136 12.19 35.56 0.97
N GLN C 137 11.36 36.09 1.86
CA GLN C 137 11.74 37.03 2.88
C GLN C 137 10.96 36.72 4.14
N GLU C 138 11.54 37.04 5.28
CA GLU C 138 10.78 37.23 6.52
C GLU C 138 10.39 38.69 6.62
N GLN C 139 9.09 38.95 6.74
CA GLN C 139 8.59 40.31 6.83
C GLN C 139 8.36 40.68 8.30
N ASP C 140 8.90 41.84 8.68
CA ASP C 140 8.82 42.36 10.04
C ASP C 140 7.95 43.59 10.15
N SER C 141 7.53 44.16 9.04
CA SER C 141 6.36 45.02 8.99
C SER C 141 5.27 44.27 8.25
N PHE C 142 4.17 44.96 7.96
CA PHE C 142 3.08 44.33 7.24
C PHE C 142 3.56 43.76 5.91
N GLY C 143 4.41 44.50 5.21
CA GLY C 143 4.86 44.08 3.90
C GLY C 143 6.31 44.43 3.61
N GLY C 144 7.15 44.45 4.63
CA GLY C 144 8.51 44.92 4.43
C GLY C 144 9.39 44.66 5.63
N ASN C 145 10.47 45.44 5.71
CA ASN C 145 11.49 45.29 6.75
C ASN C 145 12.15 43.91 6.69
N PHE C 146 12.38 43.43 5.47
CA PHE C 146 13.09 42.18 5.25
C PHE C 146 14.53 42.28 5.77
N GLU C 147 15.11 41.11 6.04
CA GLU C 147 16.50 40.98 6.49
C GLU C 147 17.22 40.00 5.58
N GLY C 148 18.30 40.46 4.95
CA GLY C 148 19.04 39.62 4.02
C GLY C 148 19.55 38.32 4.63
N SER C 149 19.99 38.36 5.89
CA SER C 149 20.31 37.15 6.62
C SER C 149 19.14 36.18 6.77
N GLN C 150 17.91 36.60 6.48
CA GLN C 150 16.73 35.75 6.58
C GLN C 150 16.07 35.47 5.25
N SER C 151 16.56 36.04 4.15
CA SER C 151 16.04 35.69 2.84
C SER C 151 16.21 34.20 2.56
N LEU C 152 15.28 33.66 1.75
CA LEU C 152 15.50 32.39 1.08
C LEU C 152 16.42 32.55 -0.11
N VAL C 153 17.34 31.60 -0.27
CA VAL C 153 18.10 31.40 -1.49
C VAL C 153 17.85 29.98 -2.01
N GLY C 154 17.53 29.86 -3.29
CA GLY C 154 17.06 28.61 -3.87
C GLY C 154 15.67 28.73 -4.44
N ASP C 155 14.91 27.66 -4.32
CA ASP C 155 13.66 27.49 -5.05
C ASP C 155 12.51 27.21 -4.10
N ILE C 156 11.36 27.78 -4.41
CA ILE C 156 10.13 27.50 -3.68
C ILE C 156 9.00 27.37 -4.68
N GLY C 157 8.09 26.44 -4.45
CA GLY C 157 6.97 26.25 -5.35
C GLY C 157 5.96 25.29 -4.80
N ASN C 158 4.92 25.05 -5.57
CA ASN C 158 3.76 24.26 -5.15
C ASN C 158 3.18 24.74 -3.81
N VAL C 159 3.07 26.06 -3.66
CA VAL C 159 2.50 26.63 -2.45
C VAL C 159 0.97 26.58 -2.53
N ASN C 160 0.36 25.78 -1.67
CA ASN C 160 -1.08 25.51 -1.66
C ASN C 160 -1.59 25.68 -0.24
N MET C 161 -2.62 26.51 -0.06
CA MET C 161 -3.14 26.81 1.28
C MET C 161 -4.65 26.57 1.35
N TRP C 162 -5.05 25.86 2.41
CA TRP C 162 -6.41 25.48 2.77
C TRP C 162 -6.83 26.16 4.06
N ASP C 163 -8.08 26.62 4.14
CA ASP C 163 -8.60 27.14 5.39
C ASP C 163 -9.13 26.07 6.34
N PHE C 164 -8.69 24.82 6.21
CA PHE C 164 -9.09 23.73 7.09
C PHE C 164 -7.92 22.76 7.23
N VAL C 165 -7.90 22.04 8.34
CA VAL C 165 -6.96 20.94 8.58
C VAL C 165 -7.28 19.76 7.66
N LEU C 166 -6.46 19.56 6.64
CA LEU C 166 -6.46 18.31 5.89
C LEU C 166 -6.28 17.09 6.79
N SER C 167 -7.10 16.08 6.56
CA SER C 167 -6.84 14.74 7.08
C SER C 167 -5.51 14.18 6.56
N PRO C 168 -4.84 13.33 7.34
CA PRO C 168 -3.68 12.59 6.83
C PRO C 168 -3.77 11.97 5.45
N ASP C 169 -4.87 11.31 5.11
CA ASP C 169 -5.02 10.76 3.77
C ASP C 169 -4.93 11.82 2.68
N GLU C 170 -5.65 12.93 2.82
CA GLU C 170 -5.43 14.08 1.94
C GLU C 170 -3.95 14.43 1.80
N ILE C 171 -3.27 14.62 2.92
CA ILE C 171 -1.88 15.07 2.86
C ILE C 171 -1.01 14.07 2.11
N ASN C 172 -1.29 12.78 2.27
CA ASN C 172 -0.69 11.77 1.42
C ASN C 172 -0.83 12.08 -0.08
N THR C 173 -2.07 12.23 -0.57
CA THR C 173 -2.27 12.56 -1.98
C THR C 173 -1.55 13.82 -2.45
N ILE C 174 -1.59 14.90 -1.67
CA ILE C 174 -0.75 16.06 -1.95
C ILE C 174 0.68 15.63 -2.25
N TYR C 175 1.32 14.92 -1.34
CA TYR C 175 2.71 14.51 -1.56
C TYR C 175 2.83 13.64 -2.81
N LEU C 176 1.88 12.74 -3.05
CA LEU C 176 1.81 12.03 -4.33
C LEU C 176 1.42 12.94 -5.49
N GLY C 177 0.77 14.07 -5.21
CA GLY C 177 0.08 14.88 -6.22
C GLY C 177 -1.16 14.31 -6.88
N GLY C 178 -2.01 13.63 -6.12
CA GLY C 178 -3.37 13.38 -6.52
C GLY C 178 -4.09 14.69 -6.75
N PRO C 179 -5.25 14.64 -7.38
CA PRO C 179 -6.05 15.86 -7.56
C PRO C 179 -6.50 16.46 -6.23
N PHE C 180 -6.23 17.75 -6.05
CA PHE C 180 -6.60 18.51 -4.86
C PHE C 180 -6.95 19.95 -5.26
N SER C 181 -7.86 20.55 -4.48
CA SER C 181 -8.36 21.91 -4.67
C SER C 181 -8.13 22.85 -3.49
N PRO C 182 -6.94 23.42 -3.34
CA PRO C 182 -6.74 24.42 -2.29
C PRO C 182 -7.67 25.60 -2.47
N ASN C 183 -8.39 25.92 -1.39
CA ASN C 183 -9.42 26.94 -1.41
C ASN C 183 -8.98 28.30 -0.88
N VAL C 184 -7.74 28.45 -0.43
CA VAL C 184 -7.19 29.75 -0.03
C VAL C 184 -6.11 30.22 -0.99
N LEU C 185 -5.21 29.33 -1.39
CA LEU C 185 -4.04 29.73 -2.15
C LEU C 185 -3.69 28.57 -3.06
N ASN C 186 -3.89 28.74 -4.36
CA ASN C 186 -3.86 27.64 -5.33
C ASN C 186 -2.76 27.89 -6.36
N TRP C 187 -1.81 26.95 -6.44
CA TRP C 187 -0.71 27.05 -7.41
C TRP C 187 -1.16 26.89 -8.85
N ARG C 188 -2.28 26.20 -9.10
CA ARG C 188 -2.85 26.24 -10.44
C ARG C 188 -3.47 27.58 -10.80
N ALA C 189 -3.66 28.47 -9.84
CA ALA C 189 -4.45 29.68 -10.04
C ALA C 189 -3.93 30.77 -9.11
N LEU C 190 -2.66 31.12 -9.29
CA LEU C 190 -1.93 31.94 -8.34
C LEU C 190 -1.95 33.39 -8.84
N LYS C 191 -2.30 34.32 -7.96
CA LYS C 191 -2.12 35.74 -8.19
C LYS C 191 -0.92 36.24 -7.38
N TYR C 192 0.11 36.70 -8.07
CA TYR C 192 1.35 37.08 -7.41
C TYR C 192 1.98 38.30 -8.09
N GLU C 193 2.84 38.96 -7.33
CA GLU C 193 3.68 40.07 -7.75
C GLU C 193 5.12 39.74 -7.43
N VAL C 194 6.00 39.92 -8.40
CA VAL C 194 7.41 39.61 -8.26
C VAL C 194 8.17 40.91 -8.17
N GLN C 195 8.95 41.06 -7.10
CA GLN C 195 9.79 42.22 -6.87
C GLN C 195 11.24 41.79 -6.82
N GLY C 196 12.09 42.52 -7.54
CA GLY C 196 13.49 42.24 -7.71
C GLY C 196 13.86 40.98 -8.49
N GLU C 197 15.09 40.52 -8.22
CA GLU C 197 15.69 39.37 -8.91
C GLU C 197 15.06 38.05 -8.48
N VAL C 198 13.91 37.74 -9.07
CA VAL C 198 13.25 36.47 -8.90
C VAL C 198 12.85 35.97 -10.29
N PHE C 199 13.06 34.68 -10.51
CA PHE C 199 12.78 34.05 -11.79
C PHE C 199 11.75 32.95 -11.63
N THR C 200 10.94 32.75 -12.66
CA THR C 200 10.11 31.57 -12.79
C THR C 200 10.86 30.57 -13.67
N LYS C 201 11.03 29.36 -13.18
CA LYS C 201 11.78 28.32 -13.88
C LYS C 201 11.06 27.00 -13.73
N PRO C 202 11.36 26.02 -14.59
CA PRO C 202 10.86 24.67 -14.36
C PRO C 202 11.30 24.14 -13.00
N GLN C 203 10.37 23.52 -12.29
CA GLN C 203 10.69 23.01 -10.96
C GLN C 203 11.69 21.86 -11.05
N LEU C 204 12.66 21.85 -10.14
CA LEU C 204 13.71 20.84 -10.16
C LEU C 204 13.26 19.51 -9.57
N TRP C 205 12.43 19.57 -8.53
CA TRP C 205 11.92 18.35 -7.94
C TRP C 205 10.95 17.65 -8.87
N PRO C 206 10.77 16.32 -8.70
CA PRO C 206 9.78 15.54 -9.44
C PRO C 206 8.36 16.08 -9.30
N GLN D 1 33.07 13.51 -39.39
CA GLN D 1 32.36 13.18 -38.12
C GLN D 1 32.51 11.72 -37.77
N THR D 2 32.80 11.44 -36.51
CA THR D 2 32.87 10.08 -35.98
C THR D 2 31.74 9.86 -34.99
N ASP D 3 31.04 8.74 -35.12
CA ASP D 3 30.10 8.33 -34.09
C ASP D 3 30.89 7.64 -32.99
N MET D 4 31.10 8.36 -31.89
CA MET D 4 31.74 7.85 -30.68
C MET D 4 30.83 7.01 -29.78
N SER D 5 29.56 6.86 -30.10
CA SER D 5 28.64 6.10 -29.26
C SER D 5 29.28 4.83 -28.72
N ARG D 6 29.13 4.64 -27.41
CA ARG D 6 29.67 3.58 -26.56
C ARG D 6 31.17 3.67 -26.27
N LYS D 7 31.88 4.67 -26.79
CA LYS D 7 33.33 4.74 -26.69
C LYS D 7 33.74 5.91 -25.80
N ALA D 8 34.81 5.73 -25.03
CA ALA D 8 35.34 6.75 -24.15
C ALA D 8 36.81 6.99 -24.45
N PHE D 9 37.22 8.26 -24.40
CA PHE D 9 38.64 8.62 -24.32
C PHE D 9 39.26 8.22 -22.99
N VAL D 10 40.29 7.38 -23.06
CA VAL D 10 41.05 6.96 -21.88
C VAL D 10 42.36 7.73 -21.86
N PHE D 11 42.59 8.46 -20.78
CA PHE D 11 43.82 9.15 -20.39
C PHE D 11 44.59 8.41 -19.29
N PRO D 12 45.20 7.26 -19.57
CA PRO D 12 45.59 6.35 -18.49
C PRO D 12 46.82 6.81 -17.71
N LYS D 13 47.50 7.86 -18.13
CA LYS D 13 48.57 8.46 -17.35
C LYS D 13 48.36 9.94 -17.25
N GLU D 14 48.76 10.51 -16.11
CA GLU D 14 48.93 11.94 -15.99
C GLU D 14 50.05 12.43 -16.90
N SER D 15 49.73 13.41 -17.74
CA SER D 15 50.76 14.10 -18.49
C SER D 15 50.23 15.48 -18.85
N ASP D 16 51.14 16.37 -19.24
CA ASP D 16 50.76 17.65 -19.80
C ASP D 16 50.79 17.65 -21.32
N THR D 17 50.68 16.48 -21.96
CA THR D 17 50.77 16.40 -23.41
C THR D 17 49.59 15.66 -24.03
N SER D 18 48.97 14.74 -23.29
CA SER D 18 47.79 14.03 -23.75
C SER D 18 46.54 14.89 -23.61
N TYR D 19 45.91 15.21 -24.74
CA TYR D 19 44.62 15.88 -24.74
C TYR D 19 43.89 15.53 -26.02
N VAL D 20 42.55 15.55 -25.96
CA VAL D 20 41.69 15.49 -27.13
C VAL D 20 40.99 16.83 -27.31
N SER D 21 41.28 17.51 -28.42
CA SER D 21 40.55 18.72 -28.76
C SER D 21 39.26 18.37 -29.50
N LEU D 22 38.17 18.98 -29.06
CA LEU D 22 36.85 18.89 -29.70
C LEU D 22 36.59 20.11 -30.56
N LYS D 23 36.20 19.90 -31.80
CA LYS D 23 35.89 21.00 -32.73
C LYS D 23 34.37 21.19 -32.76
N ALA D 24 33.94 22.35 -32.27
CA ALA D 24 32.57 22.83 -32.38
C ALA D 24 32.34 23.52 -33.73
N PRO D 25 31.13 23.39 -34.30
CA PRO D 25 30.77 24.20 -35.46
C PRO D 25 30.34 25.61 -35.12
N LEU D 26 30.26 25.94 -33.83
CA LEU D 26 29.53 27.13 -33.41
C LEU D 26 30.24 28.40 -33.86
N THR D 27 29.48 29.27 -34.53
CA THR D 27 29.95 30.55 -35.01
C THR D 27 29.28 31.75 -34.35
N LYS D 28 28.16 31.55 -33.65
CA LYS D 28 27.42 32.63 -33.02
C LYS D 28 27.58 32.59 -31.51
N PRO D 29 27.86 33.72 -30.87
CA PRO D 29 28.13 33.72 -29.43
C PRO D 29 27.01 33.08 -28.61
N LEU D 30 27.41 32.31 -27.61
CA LEU D 30 26.53 31.61 -26.70
C LEU D 30 25.98 32.57 -25.65
N LYS D 31 24.68 32.85 -25.71
CA LYS D 31 23.99 33.45 -24.59
C LYS D 31 23.50 32.42 -23.57
N ALA D 32 23.50 31.14 -23.94
CA ALA D 32 23.19 30.07 -23.00
C ALA D 32 23.86 28.81 -23.51
N PHE D 33 24.01 27.83 -22.63
CA PHE D 33 24.48 26.53 -23.06
C PHE D 33 24.11 25.47 -22.03
N THR D 34 24.25 24.21 -22.44
CA THR D 34 24.33 23.07 -21.53
C THR D 34 25.47 22.18 -21.99
N VAL D 35 26.26 21.69 -21.05
CA VAL D 35 27.26 20.65 -21.31
C VAL D 35 27.04 19.46 -20.39
N CYS D 36 26.85 18.28 -20.96
CA CYS D 36 26.73 17.03 -20.21
C CYS D 36 27.88 16.12 -20.59
N LEU D 37 28.39 15.37 -19.60
CA LEU D 37 29.45 14.40 -19.83
C LEU D 37 29.43 13.31 -18.77
N HIS D 38 29.93 12.14 -19.15
CA HIS D 38 30.38 11.11 -18.22
C HIS D 38 31.89 11.14 -18.07
N PHE D 39 32.38 11.11 -16.83
CA PHE D 39 33.79 10.93 -16.54
C PHE D 39 34.00 9.90 -15.43
N TYR D 40 35.19 9.33 -15.41
CA TYR D 40 35.60 8.33 -14.41
C TYR D 40 37.05 8.47 -14.00
N THR D 41 37.28 8.98 -12.81
CA THR D 41 38.62 9.20 -12.28
C THR D 41 38.63 8.91 -10.78
N GLU D 42 39.71 8.27 -10.33
CA GLU D 42 40.01 8.17 -8.90
C GLU D 42 40.87 9.32 -8.37
N LEU D 43 41.30 10.25 -9.23
CA LEU D 43 42.09 11.39 -8.79
C LEU D 43 41.45 12.14 -7.62
N SER D 44 40.13 12.07 -7.47
CA SER D 44 39.50 12.76 -6.36
C SER D 44 40.16 12.41 -5.04
N SER D 45 40.67 11.20 -4.92
CA SER D 45 41.50 10.83 -3.77
C SER D 45 42.77 11.66 -3.67
N THR D 46 43.18 12.34 -4.74
CA THR D 46 44.56 12.77 -4.87
C THR D 46 44.71 14.26 -5.17
N ARG D 47 44.01 14.79 -6.16
CA ARG D 47 44.24 16.16 -6.57
C ARG D 47 43.04 16.67 -7.37
N GLY D 48 43.04 17.98 -7.59
CA GLY D 48 42.09 18.56 -8.53
C GLY D 48 42.46 18.28 -9.97
N TYR D 49 41.44 18.31 -10.82
CA TYR D 49 41.59 18.00 -12.23
C TYR D 49 40.55 18.75 -13.04
N SER D 50 40.95 19.20 -14.23
CA SER D 50 39.99 19.66 -15.21
C SER D 50 39.12 18.53 -15.73
N ILE D 51 37.81 18.70 -15.59
CA ILE D 51 36.82 17.94 -16.34
C ILE D 51 36.71 18.45 -17.78
N PHE D 52 36.45 19.75 -17.93
CA PHE D 52 36.01 20.36 -19.19
C PHE D 52 36.55 21.78 -19.28
N SER D 53 37.43 22.01 -20.25
CA SER D 53 37.97 23.35 -20.49
C SER D 53 37.48 23.89 -21.82
N TYR D 54 37.04 25.15 -21.78
CA TYR D 54 36.55 25.91 -22.93
C TYR D 54 37.24 27.27 -22.92
N ALA D 55 38.29 27.45 -23.71
CA ALA D 55 39.03 28.70 -23.72
C ALA D 55 38.74 29.46 -25.01
N THR D 56 38.46 30.75 -24.86
CA THR D 56 38.47 31.76 -25.90
C THR D 56 39.85 32.45 -25.94
N LYS D 57 40.14 33.07 -27.08
CA LYS D 57 41.42 33.80 -27.23
C LYS D 57 41.66 34.76 -26.07
N ARG D 58 40.60 35.44 -25.61
CA ARG D 58 40.74 36.40 -24.52
C ARG D 58 40.93 35.71 -23.17
N GLN D 59 40.09 34.73 -22.85
CA GLN D 59 39.94 34.26 -21.48
C GLN D 59 39.99 32.74 -21.47
N ASP D 60 40.96 32.19 -20.74
CA ASP D 60 41.23 30.76 -20.77
C ASP D 60 40.25 29.94 -19.95
N ASN D 61 39.49 30.56 -19.05
CA ASN D 61 38.49 29.82 -18.29
C ASN D 61 37.10 30.28 -18.68
N GLU D 62 36.84 30.33 -19.98
CA GLU D 62 35.53 30.77 -20.45
C GLU D 62 34.42 29.84 -20.01
N ILE D 63 34.63 28.53 -20.13
CA ILE D 63 33.93 27.56 -19.30
C ILE D 63 34.95 26.58 -18.73
N LEU D 64 35.00 26.47 -17.41
CA LEU D 64 35.80 25.44 -16.75
C LEU D 64 34.91 24.69 -15.77
N ILE D 65 34.80 23.38 -15.98
CA ILE D 65 34.29 22.44 -14.99
C ILE D 65 35.48 21.77 -14.30
N PHE D 66 35.75 22.14 -13.05
CA PHE D 66 36.97 21.73 -12.36
C PHE D 66 36.60 21.10 -11.02
N TRP D 67 37.12 19.89 -10.78
CA TRP D 67 37.14 19.29 -9.45
C TRP D 67 38.19 19.92 -8.55
N SER D 68 37.74 20.72 -7.58
CA SER D 68 38.62 21.38 -6.62
C SER D 68 38.76 20.51 -5.37
N LYS D 69 39.99 20.15 -5.04
CA LYS D 69 40.25 19.25 -3.93
C LYS D 69 39.61 19.70 -2.62
N ASP D 70 39.03 18.72 -1.93
CA ASP D 70 38.32 18.87 -0.66
C ASP D 70 37.07 19.72 -0.76
N ILE D 71 36.64 20.07 -1.97
CA ILE D 71 35.55 21.01 -2.15
C ILE D 71 34.51 20.30 -3.01
N GLY D 72 34.85 20.10 -4.28
CA GLY D 72 33.94 19.58 -5.27
C GLY D 72 34.06 20.21 -6.64
N TYR D 73 32.99 20.19 -7.42
CA TYR D 73 32.91 20.94 -8.68
C TYR D 73 32.99 22.46 -8.56
N SER D 74 34.10 22.99 -9.06
CA SER D 74 34.31 24.40 -9.38
C SER D 74 33.80 24.71 -10.78
N PHE D 75 32.64 25.36 -10.85
CA PHE D 75 32.07 25.84 -12.12
C PHE D 75 32.35 27.33 -12.31
N THR D 76 33.16 27.65 -13.32
CA THR D 76 33.47 29.05 -13.63
C THR D 76 33.16 29.34 -15.09
N VAL D 77 32.53 30.50 -15.29
CA VAL D 77 32.22 31.06 -16.60
C VAL D 77 32.84 32.45 -16.67
N GLY D 78 33.51 32.74 -17.77
CA GLY D 78 34.18 34.02 -17.92
C GLY D 78 35.18 34.32 -16.83
N GLY D 79 35.82 33.29 -16.29
CA GLY D 79 36.79 33.43 -15.23
C GLY D 79 36.26 33.65 -13.83
N SER D 80 34.95 33.75 -13.64
CA SER D 80 34.36 33.82 -12.31
C SER D 80 33.67 32.51 -11.97
N GLU D 81 33.69 32.15 -10.69
CA GLU D 81 33.65 30.76 -10.26
C GLU D 81 32.68 30.60 -9.10
N ILE D 82 31.99 29.45 -9.07
CA ILE D 82 31.12 29.03 -7.98
C ILE D 82 31.42 27.59 -7.59
N LEU D 83 31.29 27.28 -6.31
CA LEU D 83 31.42 25.91 -5.84
C LEU D 83 30.06 25.24 -5.66
N PHE D 84 29.94 24.01 -6.17
CA PHE D 84 29.00 22.97 -5.70
C PHE D 84 29.67 21.96 -4.77
N GLU D 85 29.94 22.42 -3.56
CA GLU D 85 30.63 21.61 -2.57
C GLU D 85 29.99 20.25 -2.42
N VAL D 86 30.78 19.20 -2.70
CA VAL D 86 30.31 17.82 -2.68
C VAL D 86 30.82 17.17 -1.40
N PRO D 87 29.95 16.81 -0.45
CA PRO D 87 30.46 16.23 0.82
C PRO D 87 31.18 14.91 0.66
N GLU D 88 30.74 14.03 -0.24
CA GLU D 88 31.31 12.69 -0.36
C GLU D 88 31.43 12.28 -1.82
N VAL D 89 32.58 11.69 -2.16
CA VAL D 89 32.92 11.30 -3.53
C VAL D 89 33.39 9.84 -3.53
N THR D 90 32.91 9.08 -4.52
CA THR D 90 33.05 7.63 -4.54
C THR D 90 33.55 7.17 -5.89
N VAL D 91 34.23 6.02 -5.89
CA VAL D 91 34.75 5.37 -7.09
C VAL D 91 33.63 4.89 -8.01
N ALA D 92 32.95 5.82 -8.66
CA ALA D 92 31.89 5.50 -9.61
C ALA D 92 32.01 6.49 -10.75
N PRO D 93 31.80 6.08 -11.99
CA PRO D 93 31.47 7.06 -13.02
C PRO D 93 30.41 8.03 -12.53
N VAL D 94 30.58 9.28 -12.89
CA VAL D 94 29.65 10.35 -12.57
C VAL D 94 29.20 11.04 -13.85
N HIS D 95 27.90 11.18 -14.02
CA HIS D 95 27.34 11.96 -15.12
C HIS D 95 26.94 13.31 -14.55
N ILE D 96 27.48 14.38 -15.13
CA ILE D 96 27.16 15.76 -14.79
C ILE D 96 26.52 16.45 -15.98
N CYS D 97 25.50 17.27 -15.72
CA CYS D 97 25.08 18.30 -16.67
C CYS D 97 25.10 19.64 -15.96
N THR D 98 25.74 20.60 -16.60
CA THR D 98 25.83 21.98 -16.16
C THR D 98 25.36 22.94 -17.25
N SER D 99 24.40 23.80 -16.93
CA SER D 99 23.85 24.74 -17.89
C SER D 99 23.87 26.13 -17.28
N TRP D 100 24.13 27.13 -18.13
CA TRP D 100 24.23 28.53 -17.72
C TRP D 100 23.42 29.40 -18.67
N GLU D 101 22.67 30.34 -18.12
CA GLU D 101 21.92 31.31 -18.91
C GLU D 101 22.38 32.73 -18.58
N SER D 102 22.88 33.44 -19.58
CA SER D 102 23.20 34.86 -19.44
C SER D 102 22.02 35.68 -18.92
N ALA D 103 20.83 35.50 -19.51
CA ALA D 103 19.70 36.36 -19.21
C ALA D 103 19.46 36.48 -17.71
N SER D 104 19.79 35.47 -16.94
CA SER D 104 19.63 35.48 -15.50
C SER D 104 20.90 35.09 -14.75
N GLY D 105 21.89 34.54 -15.43
CA GLY D 105 23.03 33.91 -14.81
C GLY D 105 22.79 32.65 -14.01
N ILE D 106 21.55 32.15 -13.99
CA ILE D 106 21.29 30.91 -13.26
C ILE D 106 22.18 29.80 -13.82
N VAL D 107 23.01 29.24 -12.95
CA VAL D 107 23.72 28.00 -13.19
C VAL D 107 22.93 26.83 -12.61
N GLU D 108 22.58 25.85 -13.44
CA GLU D 108 22.11 24.57 -12.94
C GLU D 108 23.23 23.55 -13.06
N PHE D 109 23.54 22.90 -11.94
CA PHE D 109 24.43 21.74 -11.85
C PHE D 109 23.67 20.45 -11.53
N TRP D 110 23.72 19.48 -12.44
CA TRP D 110 23.08 18.19 -12.25
C TRP D 110 24.16 17.14 -12.15
N VAL D 111 24.12 16.34 -11.09
CA VAL D 111 25.03 15.23 -10.87
C VAL D 111 24.23 13.93 -10.80
N ASP D 112 24.52 13.02 -11.72
CA ASP D 112 23.80 11.75 -11.85
C ASP D 112 22.29 11.91 -11.79
N GLY D 113 21.78 12.89 -12.52
CA GLY D 113 20.36 13.16 -12.55
C GLY D 113 19.77 13.73 -11.29
N LYS D 114 20.59 14.22 -10.37
CA LYS D 114 20.10 14.90 -9.19
C LYS D 114 20.47 16.38 -9.29
N PRO D 115 19.52 17.32 -9.29
CA PRO D 115 19.92 18.73 -9.35
C PRO D 115 20.53 19.21 -8.04
N ARG D 116 21.66 19.91 -8.14
CA ARG D 116 22.03 20.95 -7.19
C ARG D 116 21.11 22.15 -7.25
N VAL D 117 20.93 22.80 -6.10
CA VAL D 117 20.37 24.13 -5.99
C VAL D 117 20.92 25.04 -7.08
N ARG D 118 20.02 25.77 -7.75
CA ARG D 118 20.38 26.81 -8.71
C ARG D 118 21.12 27.99 -8.07
N LYS D 119 22.20 28.41 -8.71
CA LYS D 119 23.02 29.54 -8.31
C LYS D 119 23.14 30.52 -9.46
N SER D 120 23.25 31.81 -9.16
CA SER D 120 23.52 32.80 -10.20
C SER D 120 25.02 33.05 -10.38
N LEU D 121 25.44 33.10 -11.65
CA LEU D 121 26.81 33.43 -12.05
C LEU D 121 26.84 34.26 -13.33
N LYS D 122 27.59 35.37 -13.31
CA LYS D 122 27.90 36.14 -14.52
C LYS D 122 26.68 36.55 -15.32
N LYS D 123 25.63 36.99 -14.62
CA LYS D 123 24.46 37.53 -15.29
C LYS D 123 24.84 38.62 -16.30
N GLY D 124 24.23 38.55 -17.48
CA GLY D 124 24.49 39.45 -18.58
C GLY D 124 25.74 39.20 -19.41
N TYR D 125 26.59 38.26 -19.03
CA TYR D 125 27.79 37.93 -19.79
C TYR D 125 27.42 37.33 -21.15
N THR D 126 28.41 37.25 -22.04
CA THR D 126 28.24 36.55 -23.32
C THR D 126 29.52 35.78 -23.64
N VAL D 127 29.37 34.50 -24.01
CA VAL D 127 30.49 33.57 -24.18
C VAL D 127 30.87 33.51 -25.65
N GLY D 128 32.14 33.78 -25.94
CA GLY D 128 32.62 33.82 -27.31
C GLY D 128 32.56 32.46 -28.01
N ALA D 129 32.20 32.50 -29.29
CA ALA D 129 32.11 31.29 -30.12
C ALA D 129 33.49 30.77 -30.53
N GLU D 130 34.44 31.65 -30.78
CA GLU D 130 35.81 31.28 -31.17
C GLU D 130 36.61 30.71 -30.00
N ALA D 131 36.45 29.41 -29.77
CA ALA D 131 36.92 28.78 -28.54
C ALA D 131 37.64 27.47 -28.85
N SER D 132 38.53 27.07 -27.95
CA SER D 132 39.17 25.77 -28.01
C SER D 132 38.69 24.92 -26.84
N ILE D 133 38.03 23.82 -27.18
CA ILE D 133 37.39 22.89 -26.26
C ILE D 133 38.32 21.72 -26.02
N ILE D 134 38.84 21.56 -24.82
CA ILE D 134 39.88 20.56 -24.55
C ILE D 134 39.40 19.67 -23.41
N LEU D 135 39.44 18.36 -23.64
CA LEU D 135 39.25 17.32 -22.64
C LEU D 135 40.59 16.70 -22.23
N GLY D 136 40.85 16.64 -20.94
CA GLY D 136 42.08 16.06 -20.42
C GLY D 136 43.08 17.03 -19.85
N GLN D 137 42.92 18.33 -20.09
CA GLN D 137 43.87 19.30 -19.59
C GLN D 137 43.07 20.49 -19.12
N GLU D 138 43.56 21.18 -18.10
CA GLU D 138 43.13 22.54 -17.89
C GLU D 138 44.01 23.40 -18.78
N GLN D 139 43.44 24.48 -19.29
CA GLN D 139 44.02 25.19 -20.41
C GLN D 139 44.18 26.64 -20.01
N ASP D 140 45.40 27.16 -20.11
CA ASP D 140 45.72 28.51 -19.68
C ASP D 140 46.14 29.41 -20.83
N SER D 141 46.24 28.86 -22.03
CA SER D 141 46.34 29.63 -23.25
C SER D 141 45.44 28.96 -24.26
N PHE D 142 45.18 29.64 -25.38
CA PHE D 142 44.15 29.20 -26.30
C PHE D 142 44.26 27.73 -26.69
N GLY D 143 45.47 27.17 -26.69
CA GLY D 143 45.59 25.75 -26.98
C GLY D 143 46.63 25.01 -26.16
N GLY D 144 47.04 25.56 -25.02
CA GLY D 144 48.20 25.02 -24.35
C GLY D 144 48.45 25.55 -22.97
N ASN D 145 49.71 25.54 -22.55
CA ASN D 145 50.09 25.88 -21.18
C ASN D 145 49.39 24.98 -20.16
N PHE D 146 49.32 23.70 -20.48
CA PHE D 146 48.72 22.71 -19.59
C PHE D 146 49.58 22.48 -18.35
N GLU D 147 48.93 22.02 -17.29
CA GLU D 147 49.61 21.61 -16.06
C GLU D 147 49.32 20.15 -15.78
N GLY D 148 50.37 19.36 -15.59
CA GLY D 148 50.17 17.97 -15.23
C GLY D 148 49.40 17.80 -13.94
N SER D 149 49.66 18.66 -12.97
CA SER D 149 48.92 18.64 -11.71
C SER D 149 47.43 18.91 -11.88
N GLN D 150 46.98 19.29 -13.06
CA GLN D 150 45.56 19.52 -13.30
C GLN D 150 44.95 18.62 -14.38
N SER D 151 45.72 17.74 -15.00
CA SER D 151 45.16 16.86 -16.02
C SER D 151 44.12 15.89 -15.45
N LEU D 152 43.23 15.44 -16.35
CA LEU D 152 42.36 14.29 -16.14
C LEU D 152 43.07 12.97 -16.31
N VAL D 153 42.85 12.03 -15.40
CA VAL D 153 43.35 10.67 -15.52
C VAL D 153 42.18 9.70 -15.35
N GLY D 154 42.11 8.73 -16.25
CA GLY D 154 40.92 7.94 -16.50
C GLY D 154 40.05 8.36 -17.68
N ASP D 155 38.74 8.28 -17.53
CA ASP D 155 37.82 8.20 -18.65
C ASP D 155 36.92 9.42 -18.75
N ILE D 156 36.67 9.84 -19.99
CA ILE D 156 35.76 10.94 -20.32
C ILE D 156 34.92 10.51 -21.52
N GLY D 157 33.61 10.71 -21.45
CA GLY D 157 32.80 10.39 -22.62
C GLY D 157 31.40 10.97 -22.57
N ASN D 158 30.70 10.78 -23.68
CA ASN D 158 29.34 11.30 -23.91
C ASN D 158 29.28 12.83 -23.82
N VAL D 159 30.41 13.48 -24.08
CA VAL D 159 30.56 14.93 -24.04
C VAL D 159 29.65 15.63 -25.04
N ASN D 160 28.46 16.03 -24.62
CA ASN D 160 27.47 16.66 -25.49
C ASN D 160 27.26 18.09 -25.03
N MET D 161 27.04 19.00 -25.98
CA MET D 161 26.82 20.40 -25.66
C MET D 161 25.72 21.01 -26.51
N TRP D 162 24.93 21.87 -25.89
CA TRP D 162 23.84 22.62 -26.52
C TRP D 162 24.07 24.10 -26.28
N ASP D 163 23.60 24.93 -27.20
CA ASP D 163 23.63 26.37 -26.99
C ASP D 163 22.39 26.90 -26.28
N PHE D 164 21.69 26.07 -25.50
CA PHE D 164 20.57 26.55 -24.72
C PHE D 164 20.48 25.71 -23.44
N VAL D 165 19.79 26.26 -22.45
CA VAL D 165 19.54 25.54 -21.22
C VAL D 165 18.51 24.44 -21.44
N LEU D 166 18.94 23.19 -21.25
CA LEU D 166 18.01 22.07 -21.20
C LEU D 166 17.10 22.18 -19.99
N SER D 167 15.83 21.82 -20.17
CA SER D 167 14.90 21.69 -19.06
C SER D 167 15.24 20.47 -18.20
N PRO D 168 14.68 20.40 -17.00
CA PRO D 168 14.79 19.17 -16.18
C PRO D 168 14.35 17.89 -16.85
N ASP D 169 13.24 17.90 -17.59
CA ASP D 169 12.83 16.71 -18.33
C ASP D 169 13.87 16.29 -19.34
N GLU D 170 14.37 17.25 -20.12
CA GLU D 170 15.40 16.96 -21.11
C GLU D 170 16.63 16.36 -20.48
N ILE D 171 17.07 16.89 -19.35
CA ILE D 171 18.23 16.34 -18.64
C ILE D 171 17.97 14.92 -18.16
N ASN D 172 16.77 14.63 -17.66
CA ASN D 172 16.42 13.26 -17.29
C ASN D 172 16.53 12.31 -18.47
N THR D 173 16.08 12.72 -19.66
CA THR D 173 16.28 11.87 -20.83
C THR D 173 17.75 11.69 -21.19
N ILE D 174 18.60 12.70 -20.97
CA ILE D 174 20.04 12.49 -21.17
C ILE D 174 20.53 11.40 -20.23
N TYR D 175 20.25 11.54 -18.94
CA TYR D 175 20.82 10.63 -17.95
C TYR D 175 20.30 9.21 -18.13
N LEU D 176 18.99 9.05 -18.37
CA LEU D 176 18.43 7.76 -18.68
C LEU D 176 18.71 7.30 -20.11
N GLY D 177 19.47 8.08 -20.87
CA GLY D 177 19.92 7.63 -22.18
C GLY D 177 18.85 7.58 -23.24
N GLY D 178 17.85 8.45 -23.16
CA GLY D 178 16.89 8.59 -24.22
C GLY D 178 17.46 9.30 -25.43
N PRO D 179 16.58 9.62 -26.40
CA PRO D 179 17.02 10.37 -27.59
C PRO D 179 17.13 11.85 -27.33
N PHE D 180 18.14 12.48 -27.92
CA PHE D 180 18.33 13.92 -27.84
C PHE D 180 19.23 14.36 -28.98
N SER D 181 19.21 15.67 -29.27
CA SER D 181 19.99 16.23 -30.37
C SER D 181 20.83 17.43 -29.93
N PRO D 182 22.09 17.20 -29.55
CA PRO D 182 22.97 18.32 -29.21
C PRO D 182 23.30 19.14 -30.44
N ASN D 183 23.17 20.47 -30.33
CA ASN D 183 23.37 21.34 -31.47
C ASN D 183 24.70 22.07 -31.46
N VAL D 184 25.53 21.93 -30.42
CA VAL D 184 26.87 22.47 -30.43
C VAL D 184 27.94 21.39 -30.51
N LEU D 185 27.72 20.24 -29.87
CA LEU D 185 28.79 19.28 -29.68
C LEU D 185 28.13 17.92 -29.51
N ASN D 186 28.26 17.07 -30.51
CA ASN D 186 27.50 15.82 -30.59
C ASN D 186 28.46 14.64 -30.52
N TRP D 187 28.34 13.87 -29.44
CA TRP D 187 29.14 12.66 -29.28
C TRP D 187 28.95 11.68 -30.43
N ARG D 188 27.74 11.53 -30.92
CA ARG D 188 27.49 10.66 -32.07
C ARG D 188 28.05 11.24 -33.37
N ALA D 189 28.58 12.46 -33.37
CA ALA D 189 29.05 13.09 -34.60
C ALA D 189 30.26 13.99 -34.31
N LEU D 190 31.13 13.51 -33.43
CA LEU D 190 32.24 14.29 -32.89
C LEU D 190 33.31 14.58 -33.94
N LYS D 191 33.56 15.87 -34.19
CA LYS D 191 34.80 16.32 -34.82
C LYS D 191 35.81 16.54 -33.71
N TYR D 192 36.89 15.77 -33.71
CA TYR D 192 37.84 15.84 -32.61
C TYR D 192 39.23 15.45 -33.09
N GLU D 193 40.21 15.85 -32.30
CA GLU D 193 41.62 15.56 -32.58
C GLU D 193 42.30 15.08 -31.30
N VAL D 194 42.65 13.80 -31.27
CA VAL D 194 43.50 13.26 -30.21
C VAL D 194 44.93 13.76 -30.36
N GLN D 195 45.57 14.08 -29.25
CA GLN D 195 46.99 14.32 -29.21
C GLN D 195 47.61 13.52 -28.07
N GLY D 196 48.86 13.10 -28.26
CA GLY D 196 49.54 12.29 -27.27
C GLY D 196 48.93 10.91 -27.08
N GLU D 197 49.13 10.35 -25.89
CA GLU D 197 48.58 9.04 -25.54
C GLU D 197 47.15 9.23 -25.02
N VAL D 198 46.20 9.10 -25.91
CA VAL D 198 44.79 9.02 -25.57
C VAL D 198 44.25 7.83 -26.33
N PHE D 199 43.40 7.04 -25.68
CA PHE D 199 42.83 5.86 -26.29
C PHE D 199 41.32 5.99 -26.37
N THR D 200 40.75 5.37 -27.39
CA THR D 200 39.32 5.12 -27.47
C THR D 200 39.02 3.70 -27.03
N LYS D 201 38.21 3.56 -25.98
CA LYS D 201 37.84 2.27 -25.43
C LYS D 201 36.35 2.27 -25.13
N PRO D 202 35.71 1.10 -25.09
CA PRO D 202 34.35 1.01 -24.58
C PRO D 202 34.15 1.66 -23.22
N GLN D 203 33.15 2.53 -23.14
CA GLN D 203 32.71 3.10 -21.87
C GLN D 203 32.48 2.02 -20.82
N LEU D 204 33.09 2.20 -19.65
CA LEU D 204 32.81 1.34 -18.51
C LEU D 204 31.41 1.57 -17.94
N TRP D 205 31.04 2.81 -17.71
CA TRP D 205 29.67 3.12 -17.30
C TRP D 205 28.66 2.62 -18.33
N PRO D 206 27.59 1.92 -17.90
CA PRO D 206 26.45 1.63 -18.76
C PRO D 206 25.87 2.87 -19.41
N GLN E 1 40.90 -33.66 -19.12
CA GLN E 1 40.42 -32.29 -18.76
C GLN E 1 39.10 -32.39 -18.00
N THR E 2 39.08 -31.79 -16.81
CA THR E 2 38.00 -31.98 -15.86
C THR E 2 37.08 -30.77 -15.90
N ASP E 3 35.77 -31.00 -15.99
CA ASP E 3 34.80 -29.93 -15.79
C ASP E 3 34.71 -29.70 -14.28
N MET E 4 35.38 -28.65 -13.82
CA MET E 4 35.37 -28.22 -12.43
C MET E 4 34.14 -27.41 -12.05
N SER E 5 33.20 -27.19 -12.97
CA SER E 5 32.02 -26.40 -12.67
C SER E 5 31.38 -26.82 -11.36
N ARG E 6 30.95 -25.82 -10.58
CA ARG E 6 30.40 -25.91 -9.24
C ARG E 6 31.39 -26.31 -8.15
N LYS E 7 32.63 -26.61 -8.48
CA LYS E 7 33.61 -27.09 -7.51
C LYS E 7 34.72 -26.06 -7.34
N ALA E 8 35.27 -25.98 -6.13
CA ALA E 8 36.37 -25.08 -5.83
C ALA E 8 37.52 -25.83 -5.17
N PHE E 9 38.73 -25.32 -5.37
CA PHE E 9 39.88 -25.72 -4.56
C PHE E 9 39.86 -25.10 -3.18
N VAL E 10 39.96 -25.94 -2.15
CA VAL E 10 40.00 -25.50 -0.75
C VAL E 10 41.41 -25.64 -0.22
N PHE E 11 41.99 -24.52 0.21
CA PHE E 11 43.31 -24.45 0.82
C PHE E 11 43.17 -24.16 2.31
N PRO E 12 42.87 -25.16 3.15
CA PRO E 12 42.30 -24.84 4.46
C PRO E 12 43.32 -24.41 5.50
N LYS E 13 44.61 -24.65 5.30
CA LYS E 13 45.65 -24.25 6.22
C LYS E 13 46.66 -23.37 5.49
N GLU E 14 47.27 -22.46 6.24
CA GLU E 14 48.56 -21.91 5.84
C GLU E 14 49.56 -23.03 5.62
N SER E 15 50.19 -23.04 4.46
CA SER E 15 51.30 -23.94 4.20
C SER E 15 52.12 -23.39 3.05
N ASP E 16 53.37 -23.83 2.97
CA ASP E 16 54.23 -23.58 1.82
C ASP E 16 54.26 -24.72 0.81
N THR E 17 53.31 -25.65 0.87
CA THR E 17 53.32 -26.83 0.00
C THR E 17 52.01 -27.12 -0.71
N SER E 18 50.88 -26.60 -0.23
CA SER E 18 49.61 -26.80 -0.90
C SER E 18 49.47 -25.84 -2.08
N TYR E 19 49.36 -26.38 -3.28
CA TYR E 19 49.04 -25.57 -4.45
C TYR E 19 48.38 -26.48 -5.49
N VAL E 20 47.67 -25.86 -6.43
CA VAL E 20 47.29 -26.51 -7.69
C VAL E 20 47.99 -25.80 -8.83
N SER E 21 48.51 -26.58 -9.77
CA SER E 21 49.17 -26.05 -10.95
C SER E 21 48.33 -26.31 -12.19
N LEU E 22 48.02 -25.24 -12.91
CA LEU E 22 47.17 -25.24 -14.08
C LEU E 22 48.00 -25.22 -15.36
N LYS E 23 47.65 -26.09 -16.31
CA LYS E 23 48.44 -26.27 -17.53
C LYS E 23 47.72 -25.60 -18.69
N ALA E 24 48.40 -24.65 -19.33
CA ALA E 24 47.85 -23.90 -20.46
C ALA E 24 48.25 -24.53 -21.78
N PRO E 25 47.30 -24.85 -22.66
CA PRO E 25 47.68 -25.32 -24.01
C PRO E 25 48.10 -24.18 -24.92
N LEU E 26 48.90 -23.25 -24.41
CA LEU E 26 49.07 -21.94 -25.01
C LEU E 26 50.34 -21.90 -25.85
N THR E 27 50.21 -21.46 -27.10
CA THR E 27 51.32 -21.41 -28.04
C THR E 27 51.98 -20.03 -28.14
N LYS E 28 51.24 -19.05 -28.65
CA LYS E 28 51.84 -17.74 -28.89
C LYS E 28 52.02 -17.00 -27.57
N PRO E 29 53.14 -16.30 -27.39
CA PRO E 29 53.25 -15.41 -26.24
C PRO E 29 52.14 -14.36 -26.26
N LEU E 30 51.65 -14.03 -25.07
CA LEU E 30 50.44 -13.23 -24.92
C LEU E 30 50.70 -11.76 -25.17
N LYS E 31 50.08 -11.22 -26.21
CA LYS E 31 49.96 -9.77 -26.34
C LYS E 31 48.89 -9.19 -25.43
N ALA E 32 47.93 -9.99 -24.99
CA ALA E 32 46.85 -9.52 -24.13
C ALA E 32 46.23 -10.71 -23.42
N PHE E 33 45.60 -10.44 -22.29
CA PHE E 33 44.87 -11.48 -21.58
C PHE E 33 43.71 -10.88 -20.78
N THR E 34 42.73 -11.72 -20.47
CA THR E 34 41.80 -11.54 -19.35
C THR E 34 41.84 -12.79 -18.46
N VAL E 35 42.02 -12.59 -17.15
CA VAL E 35 41.82 -13.64 -16.16
C VAL E 35 40.67 -13.25 -15.25
N CYS E 36 39.72 -14.17 -15.06
CA CYS E 36 38.63 -14.02 -14.09
C CYS E 36 38.65 -15.17 -13.09
N LEU E 37 38.37 -14.87 -11.83
CA LEU E 37 38.22 -15.94 -10.84
C LEU E 37 37.39 -15.47 -9.66
N HIS E 38 36.75 -16.44 -8.99
CA HIS E 38 36.28 -16.27 -7.62
C HIS E 38 37.34 -16.72 -6.64
N PHE E 39 37.41 -16.04 -5.51
CA PHE E 39 38.11 -16.52 -4.34
C PHE E 39 37.35 -16.07 -3.10
N TYR E 40 37.55 -16.81 -2.01
CA TYR E 40 36.96 -16.44 -0.73
C TYR E 40 37.93 -16.77 0.39
N THR E 41 38.40 -15.74 1.09
CA THR E 41 39.38 -15.91 2.15
C THR E 41 39.16 -14.84 3.22
N GLU E 42 39.47 -15.19 4.46
CA GLU E 42 39.45 -14.22 5.56
C GLU E 42 40.77 -13.49 5.76
N LEU E 43 41.85 -13.93 5.13
CA LEU E 43 43.15 -13.33 5.35
C LEU E 43 43.19 -11.84 5.07
N SER E 44 42.28 -11.33 4.25
CA SER E 44 42.37 -9.95 3.80
C SER E 44 42.56 -8.97 4.95
N SER E 45 42.02 -9.28 6.13
CA SER E 45 42.26 -8.45 7.31
C SER E 45 43.67 -8.59 7.85
N THR E 46 44.40 -9.64 7.48
CA THR E 46 45.50 -10.18 8.28
C THR E 46 46.84 -10.10 7.58
N ARG E 47 46.93 -10.56 6.34
CA ARG E 47 48.19 -10.52 5.61
C ARG E 47 47.91 -10.52 4.11
N GLY E 48 48.94 -10.19 3.35
CA GLY E 48 48.89 -10.41 1.92
C GLY E 48 48.88 -11.88 1.54
N TYR E 49 48.28 -12.16 0.39
CA TYR E 49 48.18 -13.50 -0.14
C TYR E 49 48.15 -13.42 -1.65
N SER E 50 48.82 -14.39 -2.29
CA SER E 50 48.80 -14.57 -3.73
C SER E 50 47.47 -15.15 -4.19
N ILE E 51 46.71 -14.37 -4.96
CA ILE E 51 45.53 -14.90 -5.63
C ILE E 51 45.92 -15.74 -6.84
N PHE E 52 46.70 -15.17 -7.77
CA PHE E 52 47.00 -15.83 -9.04
C PHE E 52 48.44 -15.53 -9.44
N SER E 53 49.28 -16.56 -9.44
CA SER E 53 50.70 -16.43 -9.78
C SER E 53 51.02 -17.10 -11.11
N TYR E 54 51.44 -16.29 -12.07
CA TYR E 54 51.90 -16.72 -13.39
C TYR E 54 53.41 -16.46 -13.51
N ALA E 55 54.21 -17.52 -13.58
CA ALA E 55 55.66 -17.37 -13.59
C ALA E 55 56.29 -17.93 -14.86
N THR E 56 57.42 -17.34 -15.23
CA THR E 56 58.28 -17.80 -16.31
C THR E 56 59.72 -17.78 -15.80
N LYS E 57 60.63 -18.43 -16.53
CA LYS E 57 62.00 -18.53 -16.05
C LYS E 57 62.67 -17.18 -15.98
N ARG E 58 62.43 -16.31 -16.97
CA ARG E 58 62.99 -14.97 -16.92
C ARG E 58 62.35 -14.10 -15.86
N GLN E 59 61.12 -14.41 -15.46
CA GLN E 59 60.36 -13.51 -14.60
C GLN E 59 59.40 -14.33 -13.77
N ASP E 60 59.58 -14.33 -12.44
CA ASP E 60 58.70 -15.12 -11.57
C ASP E 60 57.32 -14.50 -11.40
N ASN E 61 57.24 -13.18 -11.38
CA ASN E 61 55.97 -12.46 -11.22
C ASN E 61 55.45 -11.99 -12.57
N GLU E 62 55.38 -12.88 -13.55
CA GLU E 62 55.04 -12.44 -14.89
C GLU E 62 53.60 -11.95 -14.96
N ILE E 63 52.69 -12.61 -14.24
CA ILE E 63 51.45 -11.99 -13.78
C ILE E 63 51.28 -12.36 -12.31
N LEU E 64 51.05 -11.35 -11.48
CA LEU E 64 50.65 -11.58 -10.08
C LEU E 64 49.46 -10.71 -9.77
N ILE E 65 48.35 -11.32 -9.38
CA ILE E 65 47.29 -10.65 -8.66
C ILE E 65 47.49 -10.91 -7.18
N PHE E 66 47.85 -9.88 -6.42
CA PHE E 66 48.26 -10.01 -5.04
C PHE E 66 47.44 -9.07 -4.17
N TRP E 67 46.79 -9.62 -3.15
CA TRP E 67 46.30 -8.83 -2.03
C TRP E 67 47.46 -8.34 -1.17
N SER E 68 47.60 -7.02 -1.05
CA SER E 68 48.58 -6.42 -0.16
C SER E 68 47.86 -5.83 1.03
N LYS E 69 48.33 -6.20 2.22
CA LYS E 69 47.58 -5.93 3.44
C LYS E 69 47.33 -4.44 3.65
N ASP E 70 46.11 -4.11 4.03
CA ASP E 70 45.66 -2.74 4.30
C ASP E 70 45.77 -1.83 3.09
N ILE E 71 45.96 -2.38 1.89
CA ILE E 71 46.21 -1.58 0.70
C ILE E 71 45.16 -1.94 -0.34
N GLY E 72 45.09 -3.22 -0.72
CA GLY E 72 44.24 -3.72 -1.78
C GLY E 72 44.95 -4.63 -2.74
N TYR E 73 44.38 -4.73 -3.94
CA TYR E 73 44.96 -5.49 -5.07
C TYR E 73 46.17 -4.83 -5.69
N SER E 74 47.35 -5.37 -5.39
CA SER E 74 48.47 -5.32 -6.32
C SER E 74 48.16 -6.10 -7.59
N PHE E 75 48.36 -5.47 -8.75
CA PHE E 75 48.44 -6.14 -10.04
C PHE E 75 49.82 -5.93 -10.65
N THR E 76 50.50 -7.02 -10.98
CA THR E 76 51.81 -6.94 -11.64
C THR E 76 51.77 -7.68 -12.96
N VAL E 77 52.43 -7.10 -13.96
CA VAL E 77 52.81 -7.79 -15.18
C VAL E 77 54.29 -7.58 -15.41
N GLY E 78 55.01 -8.67 -15.65
CA GLY E 78 56.44 -8.58 -15.92
C GLY E 78 57.24 -7.86 -14.87
N GLY E 79 56.90 -8.04 -13.59
CA GLY E 79 57.62 -7.44 -12.50
C GLY E 79 57.26 -6.01 -12.17
N SER E 80 56.42 -5.35 -12.95
CA SER E 80 55.96 -3.99 -12.65
C SER E 80 54.57 -4.03 -12.03
N GLU E 81 54.34 -3.14 -11.07
CA GLU E 81 53.18 -3.20 -10.19
C GLU E 81 52.33 -1.96 -10.36
N ILE E 82 51.01 -2.14 -10.24
CA ILE E 82 50.06 -1.07 -9.98
C ILE E 82 49.12 -1.53 -8.89
N LEU E 83 48.51 -0.57 -8.21
CA LEU E 83 47.60 -0.88 -7.12
C LEU E 83 46.19 -0.43 -7.45
N PHE E 84 45.21 -1.29 -7.20
CA PHE E 84 43.80 -0.92 -7.05
C PHE E 84 43.40 -0.86 -5.58
N GLU E 85 43.83 0.19 -4.90
CA GLU E 85 43.63 0.30 -3.45
C GLU E 85 42.16 0.10 -3.07
N VAL E 86 41.93 -0.79 -2.12
CA VAL E 86 40.60 -1.07 -1.59
C VAL E 86 40.57 -0.67 -0.12
N PRO E 87 39.86 0.40 0.25
CA PRO E 87 39.99 0.89 1.63
C PRO E 87 39.40 -0.04 2.66
N GLU E 88 38.32 -0.75 2.33
CA GLU E 88 37.73 -1.73 3.23
C GLU E 88 37.33 -2.95 2.40
N VAL E 89 37.62 -4.14 2.93
CA VAL E 89 37.45 -5.39 2.20
C VAL E 89 36.39 -6.22 2.91
N THR E 90 35.30 -6.52 2.20
CA THR E 90 34.25 -7.40 2.71
C THR E 90 34.77 -8.81 2.90
N VAL E 91 34.39 -9.42 4.02
CA VAL E 91 34.42 -10.87 4.18
C VAL E 91 33.27 -11.52 3.41
N ALA E 92 33.39 -11.52 2.08
CA ALA E 92 32.45 -12.18 1.19
C ALA E 92 33.26 -12.72 0.01
N PRO E 93 32.77 -13.77 -0.66
CA PRO E 93 33.38 -14.14 -1.94
C PRO E 93 33.52 -12.98 -2.92
N VAL E 94 34.74 -12.73 -3.37
CA VAL E 94 35.06 -11.71 -4.37
C VAL E 94 35.28 -12.35 -5.73
N HIS E 95 34.57 -11.87 -6.74
CA HIS E 95 34.88 -12.21 -8.13
C HIS E 95 35.67 -11.06 -8.74
N ILE E 96 36.89 -11.34 -9.20
CA ILE E 96 37.72 -10.36 -9.88
C ILE E 96 37.91 -10.79 -11.33
N CYS E 97 37.88 -9.82 -12.25
CA CYS E 97 38.40 -9.97 -13.60
C CYS E 97 39.43 -8.90 -13.89
N THR E 98 40.56 -9.29 -14.48
CA THR E 98 41.65 -8.39 -14.78
C THR E 98 42.10 -8.59 -16.22
N SER E 99 42.16 -7.52 -17.00
CA SER E 99 42.52 -7.60 -18.40
C SER E 99 43.60 -6.58 -18.74
N TRP E 100 44.61 -7.02 -19.47
CA TRP E 100 45.79 -6.25 -19.84
C TRP E 100 46.05 -6.38 -21.33
N GLU E 101 46.35 -5.27 -21.98
CA GLU E 101 46.61 -5.25 -23.41
C GLU E 101 47.93 -4.56 -23.69
N SER E 102 48.82 -5.26 -24.41
CA SER E 102 50.16 -4.77 -24.67
C SER E 102 50.17 -3.50 -25.51
N ALA E 103 49.28 -3.42 -26.50
CA ALA E 103 49.32 -2.31 -27.44
C ALA E 103 49.17 -0.96 -26.75
N SER E 104 48.33 -0.89 -25.71
CA SER E 104 48.15 0.32 -24.94
C SER E 104 48.75 0.26 -23.54
N GLY E 105 48.95 -0.93 -22.99
CA GLY E 105 49.25 -1.12 -21.59
C GLY E 105 48.13 -0.82 -20.62
N ILE E 106 46.92 -0.51 -21.11
CA ILE E 106 45.77 -0.36 -20.22
C ILE E 106 45.51 -1.65 -19.45
N VAL E 107 45.44 -1.54 -18.13
CA VAL E 107 44.84 -2.56 -17.27
C VAL E 107 43.43 -2.16 -16.89
N GLU E 108 42.45 -3.00 -17.21
CA GLU E 108 41.13 -2.98 -16.56
C GLU E 108 41.11 -3.98 -15.42
N PHE E 109 40.74 -3.52 -14.24
CA PHE E 109 40.54 -4.38 -13.08
C PHE E 109 39.07 -4.31 -12.69
N TRP E 110 38.40 -5.45 -12.60
CA TRP E 110 36.97 -5.53 -12.32
C TRP E 110 36.76 -6.32 -11.04
N VAL E 111 36.02 -5.74 -10.10
CA VAL E 111 35.67 -6.41 -8.85
C VAL E 111 34.16 -6.55 -8.78
N ASP E 112 33.70 -7.79 -8.65
CA ASP E 112 32.27 -8.10 -8.54
C ASP E 112 31.45 -7.36 -9.60
N GLY E 113 31.94 -7.38 -10.83
CA GLY E 113 31.26 -6.72 -11.92
C GLY E 113 31.33 -5.21 -11.95
N LYS E 114 32.12 -4.58 -11.08
CA LYS E 114 32.29 -3.13 -11.12
C LYS E 114 33.69 -2.79 -11.61
N PRO E 115 33.83 -1.95 -12.63
CA PRO E 115 35.17 -1.62 -13.13
C PRO E 115 35.86 -0.56 -12.28
N ARG E 116 37.07 -0.86 -11.86
CA ARG E 116 38.03 0.19 -11.50
C ARG E 116 38.43 1.01 -12.73
N VAL E 117 38.89 2.23 -12.47
CA VAL E 117 39.51 3.05 -13.50
C VAL E 117 40.67 2.34 -14.18
N ARG E 118 40.66 2.33 -15.51
CA ARG E 118 41.79 1.89 -16.32
C ARG E 118 43.09 2.61 -15.97
N LYS E 119 44.16 1.82 -15.87
CA LYS E 119 45.50 2.29 -15.51
C LYS E 119 46.51 1.72 -16.50
N SER E 120 47.53 2.51 -16.84
CA SER E 120 48.59 2.05 -17.74
C SER E 120 49.61 1.15 -17.04
N LEU E 121 50.05 0.11 -17.75
CA LEU E 121 51.12 -0.74 -17.24
C LEU E 121 51.82 -1.46 -18.39
N LYS E 122 53.14 -1.31 -18.47
CA LYS E 122 54.00 -2.13 -19.33
C LYS E 122 53.52 -2.20 -20.78
N LYS E 123 53.27 -1.04 -21.36
CA LYS E 123 53.01 -0.96 -22.78
C LYS E 123 54.15 -1.60 -23.58
N GLY E 124 53.78 -2.39 -24.59
CA GLY E 124 54.75 -3.04 -25.45
C GLY E 124 55.45 -4.25 -24.89
N TYR E 125 55.10 -4.70 -23.68
CA TYR E 125 55.63 -5.95 -23.15
C TYR E 125 55.00 -7.14 -23.87
N THR E 126 55.54 -8.33 -23.62
CA THR E 126 55.03 -9.56 -24.24
C THR E 126 55.21 -10.71 -23.26
N VAL E 127 54.08 -11.23 -22.76
CA VAL E 127 54.08 -12.20 -21.69
C VAL E 127 54.47 -13.58 -22.23
N GLY E 128 55.44 -14.23 -21.57
CA GLY E 128 55.88 -15.53 -22.01
C GLY E 128 54.76 -16.56 -21.96
N ALA E 129 54.68 -17.40 -23.01
CA ALA E 129 53.63 -18.39 -23.10
C ALA E 129 53.86 -19.59 -22.19
N GLU E 130 55.10 -20.07 -22.08
CA GLU E 130 55.42 -21.27 -21.29
C GLU E 130 55.55 -20.88 -19.82
N ALA E 131 54.51 -21.14 -19.03
CA ALA E 131 54.39 -20.53 -17.71
C ALA E 131 53.87 -21.52 -16.68
N SER E 132 54.34 -21.37 -15.46
CA SER E 132 53.81 -22.06 -14.30
C SER E 132 52.70 -21.22 -13.67
N ILE E 133 51.45 -21.64 -13.84
CA ILE E 133 50.30 -20.98 -13.25
C ILE E 133 49.97 -21.65 -11.91
N ILE E 134 50.21 -20.94 -10.80
CA ILE E 134 50.11 -21.51 -9.47
C ILE E 134 48.97 -20.82 -8.73
N LEU E 135 48.01 -21.61 -8.27
CA LEU E 135 46.97 -21.20 -7.35
C LEU E 135 47.30 -21.66 -5.94
N GLY E 136 47.17 -20.76 -4.97
CA GLY E 136 47.45 -21.06 -3.58
C GLY E 136 48.80 -20.63 -3.09
N GLN E 137 49.74 -20.30 -3.97
CA GLN E 137 51.06 -19.89 -3.55
C GLN E 137 51.49 -18.70 -4.41
N GLU E 138 52.34 -17.86 -3.84
CA GLU E 138 53.20 -17.02 -4.66
C GLU E 138 54.45 -17.83 -4.96
N GLN E 139 54.97 -17.69 -6.16
CA GLN E 139 56.16 -18.43 -6.58
C GLN E 139 57.28 -17.49 -6.98
N ASP E 140 58.51 -17.94 -6.72
CA ASP E 140 59.71 -17.15 -7.01
C ASP E 140 60.68 -17.92 -7.89
N SER E 141 60.67 -19.25 -7.82
CA SER E 141 61.33 -20.05 -8.83
C SER E 141 60.39 -20.15 -10.04
N PHE E 142 60.75 -20.99 -11.01
CA PHE E 142 59.84 -21.18 -12.14
C PHE E 142 58.53 -21.79 -11.69
N GLY E 143 58.58 -22.68 -10.71
CA GLY E 143 57.40 -23.38 -10.27
C GLY E 143 57.42 -23.69 -8.79
N GLY E 144 58.10 -22.87 -8.00
CA GLY E 144 58.38 -23.23 -6.63
C GLY E 144 58.95 -22.09 -5.86
N ASN E 145 59.68 -22.42 -4.80
CA ASN E 145 60.16 -21.45 -3.82
C ASN E 145 58.99 -20.63 -3.26
N PHE E 146 57.96 -21.34 -2.82
CA PHE E 146 56.78 -20.72 -2.21
C PHE E 146 57.12 -20.19 -0.83
N GLU E 147 56.24 -19.33 -0.31
CA GLU E 147 56.37 -18.77 1.02
C GLU E 147 55.07 -18.97 1.76
N GLY E 148 55.16 -19.53 2.97
CA GLY E 148 53.96 -19.76 3.76
C GLY E 148 53.17 -18.49 4.03
N SER E 149 53.87 -17.42 4.38
CA SER E 149 53.23 -16.14 4.67
C SER E 149 52.52 -15.53 3.48
N GLN E 150 52.62 -16.11 2.29
CA GLN E 150 51.92 -15.58 1.13
C GLN E 150 50.96 -16.57 0.49
N SER E 151 50.94 -17.82 0.95
CA SER E 151 49.93 -18.77 0.52
C SER E 151 48.52 -18.24 0.74
N LEU E 152 47.64 -18.50 -0.21
CA LEU E 152 46.21 -18.32 -0.02
C LEU E 152 45.66 -19.35 0.96
N VAL E 153 44.69 -18.93 1.76
CA VAL E 153 43.91 -19.81 2.61
C VAL E 153 42.43 -19.56 2.36
N GLY E 154 41.66 -20.63 2.19
CA GLY E 154 40.32 -20.57 1.67
C GLY E 154 40.09 -21.09 0.27
N ASP E 155 39.14 -20.51 -0.46
CA ASP E 155 38.67 -21.10 -1.71
C ASP E 155 39.09 -20.28 -2.92
N ILE E 156 39.39 -20.95 -4.02
CA ILE E 156 39.60 -20.32 -5.32
C ILE E 156 38.92 -21.17 -6.38
N GLY E 157 38.17 -20.53 -7.28
CA GLY E 157 37.43 -21.27 -8.29
C GLY E 157 37.02 -20.39 -9.44
N ASN E 158 36.41 -21.01 -10.44
CA ASN E 158 35.98 -20.36 -11.68
C ASN E 158 37.12 -19.66 -12.40
N VAL E 159 38.34 -20.16 -12.21
CA VAL E 159 39.54 -19.58 -12.81
C VAL E 159 39.55 -19.75 -14.32
N ASN E 160 39.24 -18.69 -15.05
CA ASN E 160 39.19 -18.70 -16.51
C ASN E 160 40.14 -17.65 -17.05
N MET E 161 40.83 -17.97 -18.15
CA MET E 161 41.78 -17.06 -18.76
C MET E 161 41.59 -16.99 -20.26
N TRP E 162 41.56 -15.78 -20.79
CA TRP E 162 41.49 -15.49 -22.22
C TRP E 162 42.79 -14.85 -22.66
N ASP E 163 43.24 -15.15 -23.87
CA ASP E 163 44.36 -14.43 -24.44
C ASP E 163 43.97 -13.08 -25.07
N PHE E 164 42.87 -12.47 -24.67
CA PHE E 164 42.44 -11.18 -25.21
C PHE E 164 41.58 -10.45 -24.19
N VAL E 165 41.51 -9.13 -24.34
CA VAL E 165 40.63 -8.27 -23.55
C VAL E 165 39.15 -8.40 -23.90
N LEU E 166 38.40 -9.07 -23.03
CA LEU E 166 36.94 -9.02 -23.07
C LEU E 166 36.45 -7.58 -23.00
N SER E 167 35.47 -7.25 -23.85
CA SER E 167 34.68 -6.04 -23.66
C SER E 167 33.95 -6.08 -22.32
N PRO E 168 33.58 -4.92 -21.79
CA PRO E 168 32.65 -4.88 -20.65
C PRO E 168 31.45 -5.80 -20.71
N ASP E 169 30.87 -5.95 -21.91
CA ASP E 169 29.69 -6.79 -22.06
C ASP E 169 29.97 -8.25 -21.73
N GLU E 170 31.03 -8.85 -22.28
CA GLU E 170 31.44 -10.17 -21.83
C GLU E 170 31.67 -10.22 -20.33
N ILE E 171 32.43 -9.27 -19.78
CA ILE E 171 32.73 -9.33 -18.35
C ILE E 171 31.46 -9.32 -17.53
N ASN E 172 30.45 -8.58 -17.96
CA ASN E 172 29.13 -8.70 -17.35
C ASN E 172 28.65 -10.15 -17.35
N THR E 173 28.60 -10.79 -18.52
CA THR E 173 28.20 -12.20 -18.60
C THR E 173 29.08 -13.14 -17.77
N ILE E 174 30.38 -12.87 -17.64
CA ILE E 174 31.20 -13.70 -16.75
C ILE E 174 30.73 -13.57 -15.31
N TYR E 175 30.54 -12.34 -14.84
CA TYR E 175 30.09 -12.15 -13.47
C TYR E 175 28.74 -12.81 -13.23
N LEU E 176 27.86 -12.75 -14.22
CA LEU E 176 26.67 -13.59 -14.21
C LEU E 176 26.99 -15.07 -14.36
N GLY E 177 28.19 -15.40 -14.84
CA GLY E 177 28.46 -16.75 -15.28
C GLY E 177 27.63 -17.17 -16.48
N GLY E 178 27.24 -16.22 -17.30
CA GLY E 178 26.44 -16.50 -18.47
C GLY E 178 27.20 -17.35 -19.46
N PRO E 179 26.70 -17.45 -20.69
CA PRO E 179 27.43 -18.21 -21.72
C PRO E 179 28.70 -17.51 -22.16
N PHE E 180 29.83 -18.19 -21.98
CA PHE E 180 31.12 -17.68 -22.42
C PHE E 180 32.05 -18.87 -22.61
N SER E 181 33.12 -18.65 -23.38
CA SER E 181 34.11 -19.70 -23.66
C SER E 181 35.53 -19.17 -23.57
N PRO E 182 36.22 -19.37 -22.45
CA PRO E 182 37.66 -19.09 -22.42
C PRO E 182 38.39 -19.95 -23.45
N ASN E 183 39.65 -19.60 -23.68
CA ASN E 183 40.50 -20.35 -24.60
C ASN E 183 41.91 -20.62 -24.09
N VAL E 184 42.46 -19.81 -23.18
CA VAL E 184 43.73 -20.14 -22.53
C VAL E 184 43.51 -21.13 -21.40
N LEU E 185 42.46 -20.95 -20.60
CA LEU E 185 42.34 -21.66 -19.33
C LEU E 185 40.86 -21.73 -18.98
N ASN E 186 40.29 -22.92 -19.04
CA ASN E 186 38.84 -23.11 -18.95
C ASN E 186 38.52 -23.99 -17.74
N TRP E 187 37.84 -23.40 -16.76
CA TRP E 187 37.32 -24.17 -15.62
C TRP E 187 36.48 -25.36 -16.05
N ARG E 188 35.61 -25.19 -17.04
CA ARG E 188 34.86 -26.31 -17.57
C ARG E 188 35.75 -27.39 -18.17
N ALA E 189 37.02 -27.11 -18.44
CA ALA E 189 37.90 -28.07 -19.09
C ALA E 189 39.31 -27.96 -18.52
N LEU E 190 39.42 -27.84 -17.20
CA LEU E 190 40.68 -27.55 -16.54
C LEU E 190 41.63 -28.73 -16.59
N LYS E 191 42.87 -28.47 -16.98
CA LYS E 191 43.99 -29.41 -16.85
C LYS E 191 44.85 -28.95 -15.70
N TYR E 192 44.99 -29.78 -14.67
CA TYR E 192 45.60 -29.33 -13.44
C TYR E 192 46.29 -30.46 -12.70
N GLU E 193 47.18 -30.08 -11.79
CA GLU E 193 47.91 -30.99 -10.94
C GLU E 193 47.88 -30.46 -9.52
N VAL E 194 47.51 -31.31 -8.56
CA VAL E 194 47.30 -30.89 -7.17
C VAL E 194 48.40 -31.48 -6.30
N GLN E 195 49.04 -30.64 -5.50
CA GLN E 195 50.05 -31.06 -4.55
C GLN E 195 49.71 -30.52 -3.16
N GLY E 196 49.98 -31.32 -2.14
CA GLY E 196 49.65 -30.98 -0.78
C GLY E 196 48.16 -31.08 -0.47
N GLU E 197 47.81 -30.55 0.70
CA GLU E 197 46.42 -30.49 1.13
C GLU E 197 45.64 -29.45 0.35
N VAL E 198 45.06 -29.85 -0.77
CA VAL E 198 44.08 -29.04 -1.48
C VAL E 198 42.88 -29.92 -1.79
N PHE E 199 41.70 -29.48 -1.39
CA PHE E 199 40.48 -30.24 -1.54
C PHE E 199 39.55 -29.57 -2.53
N THR E 200 38.90 -30.37 -3.35
CA THR E 200 37.84 -29.92 -4.26
C THR E 200 36.46 -30.15 -3.64
N LYS E 201 35.77 -29.06 -3.32
CA LYS E 201 34.49 -29.04 -2.63
C LYS E 201 33.50 -28.18 -3.40
N PRO E 202 32.20 -28.44 -3.24
CA PRO E 202 31.20 -27.46 -3.68
C PRO E 202 31.48 -26.03 -3.31
N GLN E 203 31.52 -25.18 -4.33
CA GLN E 203 31.71 -23.74 -4.14
C GLN E 203 30.68 -23.16 -3.17
N LEU E 204 31.16 -22.26 -2.32
CA LEU E 204 30.33 -21.55 -1.34
C LEU E 204 29.57 -20.37 -1.93
N TRP E 205 29.59 -20.18 -3.23
CA TRP E 205 29.15 -18.94 -3.86
C TRP E 205 28.37 -19.26 -5.13
N PRO E 206 27.47 -18.36 -5.55
CA PRO E 206 26.82 -18.45 -6.86
C PRO E 206 27.78 -18.62 -8.04
N GLN F 1 -14.58 -29.04 33.19
CA GLN F 1 -15.02 -27.93 32.31
C GLN F 1 -13.88 -27.52 31.39
N THR F 2 -14.19 -27.23 30.13
CA THR F 2 -13.19 -26.97 29.11
C THR F 2 -13.33 -25.55 28.60
N ASP F 3 -12.21 -24.86 28.40
CA ASP F 3 -12.20 -23.58 27.70
C ASP F 3 -12.09 -23.82 26.19
N MET F 4 -13.17 -23.59 25.46
CA MET F 4 -13.22 -23.75 24.02
C MET F 4 -12.82 -22.48 23.27
N SER F 5 -12.12 -21.56 23.90
CA SER F 5 -11.65 -20.35 23.24
C SER F 5 -10.98 -20.62 21.89
N ARG F 6 -11.40 -19.85 20.89
CA ARG F 6 -10.93 -19.94 19.51
C ARG F 6 -11.12 -21.30 18.85
N LYS F 7 -12.00 -22.14 19.38
CA LYS F 7 -12.26 -23.46 18.81
C LYS F 7 -13.70 -23.54 18.36
N ALA F 8 -13.96 -24.35 17.34
CA ALA F 8 -15.31 -24.64 16.87
C ALA F 8 -15.51 -26.14 16.77
N PHE F 9 -16.75 -26.57 16.97
CA PHE F 9 -17.17 -27.91 16.58
C PHE F 9 -17.44 -27.98 15.08
N VAL F 10 -16.89 -29.01 14.44
CA VAL F 10 -17.02 -29.20 13.01
C VAL F 10 -17.81 -30.46 12.74
N PHE F 11 -18.90 -30.31 12.02
CA PHE F 11 -19.80 -31.36 11.54
C PHE F 11 -19.64 -31.56 10.04
N PRO F 12 -18.58 -32.20 9.57
CA PRO F 12 -18.22 -32.09 8.15
C PRO F 12 -19.01 -32.99 7.22
N LYS F 13 -19.93 -33.81 7.75
CA LYS F 13 -20.69 -34.77 6.96
C LYS F 13 -22.15 -34.69 7.36
N GLU F 14 -23.03 -34.84 6.40
CA GLU F 14 -24.44 -35.04 6.71
C GLU F 14 -24.62 -36.40 7.36
N SER F 15 -25.17 -36.40 8.57
CA SER F 15 -25.49 -37.63 9.28
C SER F 15 -26.55 -37.29 10.31
N ASP F 16 -27.21 -38.33 10.81
CA ASP F 16 -28.10 -38.21 11.95
C ASP F 16 -27.47 -38.61 13.28
N THR F 17 -26.17 -38.89 13.31
CA THR F 17 -25.52 -39.36 14.52
C THR F 17 -24.50 -38.40 15.13
N SER F 18 -23.91 -37.51 14.32
CA SER F 18 -22.97 -36.50 14.80
C SER F 18 -23.66 -35.38 15.58
N TYR F 19 -23.42 -35.31 16.88
CA TYR F 19 -23.92 -34.22 17.69
C TYR F 19 -23.04 -34.00 18.91
N VAL F 20 -23.12 -32.80 19.49
CA VAL F 20 -22.62 -32.50 20.83
C VAL F 20 -23.78 -32.11 21.73
N SER F 21 -23.81 -32.67 22.93
CA SER F 21 -24.80 -32.31 23.93
C SER F 21 -24.17 -31.48 25.04
N LEU F 22 -24.67 -30.25 25.18
CA LEU F 22 -24.17 -29.24 26.12
C LEU F 22 -24.89 -29.33 27.47
N LYS F 23 -24.14 -29.52 28.55
CA LYS F 23 -24.70 -29.69 29.91
C LYS F 23 -24.68 -28.36 30.66
N ALA F 24 -25.77 -27.61 30.52
CA ALA F 24 -26.02 -26.43 31.35
C ALA F 24 -26.22 -26.82 32.81
N PRO F 25 -25.58 -26.13 33.76
CA PRO F 25 -25.93 -26.31 35.18
C PRO F 25 -27.21 -25.60 35.62
N LEU F 26 -28.20 -25.57 34.74
CA LEU F 26 -29.37 -24.71 34.94
C LEU F 26 -30.25 -25.28 36.06
N THR F 27 -30.38 -24.52 37.14
CA THR F 27 -31.11 -24.97 38.32
C THR F 27 -32.58 -24.55 38.34
N LYS F 28 -32.93 -23.45 37.67
CA LYS F 28 -34.24 -22.83 37.79
C LYS F 28 -34.91 -22.69 36.44
N PRO F 29 -36.25 -22.72 36.39
CA PRO F 29 -36.94 -22.46 35.14
C PRO F 29 -36.64 -21.06 34.62
N LEU F 30 -36.48 -20.94 33.31
CA LEU F 30 -36.05 -19.69 32.68
C LEU F 30 -37.23 -18.76 32.42
N LYS F 31 -37.22 -17.59 33.07
CA LYS F 31 -38.09 -16.50 32.65
C LYS F 31 -37.55 -15.74 31.45
N ALA F 32 -36.23 -15.70 31.26
CA ALA F 32 -35.66 -15.07 30.09
C ALA F 32 -34.35 -15.76 29.75
N PHE F 33 -33.98 -15.70 28.48
CA PHE F 33 -32.70 -16.19 27.99
C PHE F 33 -32.18 -15.32 26.85
N THR F 34 -30.86 -15.22 26.74
CA THR F 34 -30.20 -14.94 25.47
C THR F 34 -29.29 -16.10 25.08
N VAL F 35 -29.36 -16.54 23.84
CA VAL F 35 -28.37 -17.44 23.24
C VAL F 35 -27.68 -16.79 22.02
N CYS F 36 -26.36 -16.64 22.07
CA CYS F 36 -25.52 -16.16 20.97
C CYS F 36 -24.56 -17.23 20.47
N LEU F 37 -24.45 -17.37 19.14
CA LEU F 37 -23.49 -18.30 18.55
C LEU F 37 -23.05 -17.87 17.15
N HIS F 38 -21.83 -18.29 16.79
CA HIS F 38 -21.34 -18.33 15.41
C HIS F 38 -21.52 -19.68 14.76
N PHE F 39 -22.08 -19.69 13.56
CA PHE F 39 -22.12 -20.88 12.73
C PHE F 39 -21.84 -20.53 11.28
N TYR F 40 -21.35 -21.52 10.56
CA TYR F 40 -20.92 -21.38 9.17
C TYR F 40 -21.22 -22.61 8.34
N THR F 41 -22.18 -22.49 7.42
CA THR F 41 -22.68 -23.60 6.63
C THR F 41 -23.06 -23.13 5.23
N GLU F 42 -22.82 -24.01 4.25
CA GLU F 42 -23.35 -23.87 2.89
C GLU F 42 -24.85 -24.15 2.79
N LEU F 43 -25.41 -24.99 3.66
CA LEU F 43 -26.75 -25.54 3.47
C LEU F 43 -27.82 -24.48 3.23
N SER F 44 -27.60 -23.23 3.65
CA SER F 44 -28.69 -22.26 3.74
C SER F 44 -29.52 -22.19 2.45
N SER F 45 -28.87 -22.27 1.30
CA SER F 45 -29.64 -22.30 0.05
C SER F 45 -30.15 -23.69 -0.31
N THR F 46 -29.57 -24.74 0.24
CA THR F 46 -29.96 -26.10 -0.14
C THR F 46 -31.17 -26.59 0.64
N ARG F 47 -31.12 -26.53 1.97
CA ARG F 47 -32.13 -27.15 2.81
C ARG F 47 -32.10 -26.48 4.17
N GLY F 48 -33.13 -26.76 4.98
CA GLY F 48 -33.12 -26.30 6.34
C GLY F 48 -32.22 -27.10 7.26
N TYR F 49 -31.81 -26.46 8.34
CA TYR F 49 -30.93 -27.03 9.36
C TYR F 49 -31.22 -26.43 10.72
N SER F 50 -31.22 -27.29 11.74
CA SER F 50 -31.05 -26.91 13.14
C SER F 50 -29.74 -26.22 13.47
N ILE F 51 -29.84 -25.02 14.02
CA ILE F 51 -28.73 -24.29 14.63
C ILE F 51 -28.60 -24.68 16.11
N PHE F 52 -29.66 -24.46 16.88
CA PHE F 52 -29.65 -24.59 18.34
C PHE F 52 -30.93 -25.24 18.81
N SER F 53 -30.83 -26.47 19.26
CA SER F 53 -31.94 -27.31 19.69
C SER F 53 -31.92 -27.50 21.20
N TYR F 54 -32.90 -26.90 21.88
CA TYR F 54 -33.08 -27.06 23.33
C TYR F 54 -34.39 -27.82 23.54
N ALA F 55 -34.28 -29.04 24.05
CA ALA F 55 -35.44 -29.89 24.36
C ALA F 55 -35.51 -30.19 25.85
N THR F 56 -36.67 -29.94 26.45
CA THR F 56 -37.03 -30.55 27.72
C THR F 56 -37.82 -31.83 27.50
N LYS F 57 -38.01 -32.59 28.57
CA LYS F 57 -38.82 -33.79 28.53
C LYS F 57 -40.22 -33.48 28.02
N ARG F 58 -40.77 -32.34 28.44
CA ARG F 58 -42.11 -31.92 28.10
C ARG F 58 -42.25 -31.50 26.63
N GLN F 59 -41.19 -30.99 26.00
CA GLN F 59 -41.34 -30.24 24.76
C GLN F 59 -40.03 -30.34 23.98
N ASP F 60 -40.08 -30.98 22.80
CA ASP F 60 -38.87 -31.18 22.02
C ASP F 60 -38.38 -29.93 21.30
N ASN F 61 -39.25 -28.95 21.11
CA ASN F 61 -38.85 -27.69 20.49
C ASN F 61 -38.97 -26.57 21.50
N GLU F 62 -38.42 -26.78 22.69
CA GLU F 62 -38.58 -25.82 23.77
C GLU F 62 -37.89 -24.51 23.45
N ILE F 63 -36.67 -24.57 22.94
CA ILE F 63 -36.11 -23.49 22.14
C ILE F 63 -35.45 -24.12 20.93
N LEU F 64 -35.81 -23.63 19.74
CA LEU F 64 -35.15 -24.08 18.53
C LEU F 64 -34.88 -22.84 17.68
N ILE F 65 -33.62 -22.64 17.33
CA ILE F 65 -33.19 -21.71 16.30
C ILE F 65 -32.97 -22.47 15.00
N PHE F 66 -33.87 -22.33 14.04
CA PHE F 66 -33.90 -23.19 12.86
C PHE F 66 -33.89 -22.32 11.61
N TRP F 67 -32.88 -22.53 10.77
CA TRP F 67 -32.91 -22.07 9.39
C TRP F 67 -33.86 -22.91 8.55
N SER F 68 -34.99 -22.33 8.17
CA SER F 68 -35.92 -22.98 7.26
C SER F 68 -35.66 -22.45 5.87
N LYS F 69 -35.46 -23.34 4.91
CA LYS F 69 -35.04 -22.97 3.57
C LYS F 69 -35.97 -21.92 2.97
N ASP F 70 -35.37 -20.95 2.29
CA ASP F 70 -36.02 -19.79 1.66
C ASP F 70 -36.70 -18.80 2.60
N ILE F 71 -37.09 -19.19 3.81
CA ILE F 71 -37.69 -18.26 4.75
C ILE F 71 -36.55 -17.51 5.45
N GLY F 72 -35.79 -18.25 6.24
CA GLY F 72 -34.79 -17.74 7.15
C GLY F 72 -34.85 -18.36 8.54
N TYR F 73 -34.36 -17.66 9.55
CA TYR F 73 -34.49 -18.08 10.94
C TYR F 73 -35.88 -18.25 11.54
N SER F 74 -36.34 -19.49 11.59
CA SER F 74 -37.38 -19.94 12.52
C SER F 74 -36.91 -19.90 13.97
N PHE F 75 -37.40 -18.94 14.73
CA PHE F 75 -37.27 -18.89 16.19
C PHE F 75 -38.52 -19.38 16.90
N THR F 76 -38.42 -20.49 17.61
CA THR F 76 -39.57 -21.02 18.33
C THR F 76 -39.24 -21.33 19.77
N VAL F 77 -40.19 -21.00 20.65
CA VAL F 77 -40.18 -21.33 22.06
C VAL F 77 -41.45 -22.08 22.37
N GLY F 78 -41.34 -23.17 23.11
CA GLY F 78 -42.50 -23.96 23.45
C GLY F 78 -43.32 -24.42 22.26
N GLY F 79 -42.65 -24.63 21.13
CA GLY F 79 -43.31 -25.08 19.91
C GLY F 79 -44.05 -24.03 19.13
N SER F 80 -44.02 -22.77 19.53
CA SER F 80 -44.62 -21.69 18.76
C SER F 80 -43.53 -20.88 18.03
N GLU F 81 -43.77 -20.61 16.75
CA GLU F 81 -42.74 -20.23 15.80
C GLU F 81 -42.96 -18.81 15.29
N ILE F 82 -41.87 -18.05 15.20
CA ILE F 82 -41.86 -16.77 14.48
C ILE F 82 -40.75 -16.82 13.42
N LEU F 83 -41.00 -16.18 12.29
CA LEU F 83 -40.04 -16.10 11.18
C LEU F 83 -39.41 -14.72 11.06
N PHE F 84 -38.08 -14.68 11.16
CA PHE F 84 -37.25 -13.59 10.61
C PHE F 84 -36.79 -13.85 9.17
N GLU F 85 -37.66 -13.49 8.24
CA GLU F 85 -37.35 -13.57 6.80
C GLU F 85 -35.98 -12.98 6.47
N VAL F 86 -35.14 -13.80 5.85
CA VAL F 86 -33.79 -13.46 5.39
C VAL F 86 -33.69 -13.66 3.90
N PRO F 87 -34.13 -12.70 3.08
CA PRO F 87 -34.32 -13.00 1.65
C PRO F 87 -33.02 -13.22 0.90
N GLU F 88 -31.92 -12.60 1.31
CA GLU F 88 -30.63 -12.82 0.69
C GLU F 88 -29.66 -13.34 1.75
N VAL F 89 -29.04 -14.48 1.47
CA VAL F 89 -28.14 -15.14 2.40
C VAL F 89 -26.82 -15.41 1.69
N THR F 90 -25.73 -15.35 2.46
CA THR F 90 -24.39 -15.33 1.91
C THR F 90 -23.53 -16.41 2.56
N VAL F 91 -22.49 -16.83 1.82
CA VAL F 91 -21.45 -17.71 2.32
C VAL F 91 -20.44 -16.94 3.17
N ALA F 92 -20.86 -16.55 4.37
CA ALA F 92 -20.03 -15.90 5.36
C ALA F 92 -20.50 -16.47 6.68
N PRO F 93 -19.61 -16.76 7.63
CA PRO F 93 -20.07 -16.97 9.00
C PRO F 93 -21.04 -15.91 9.48
N VAL F 94 -22.11 -16.35 10.14
CA VAL F 94 -23.15 -15.50 10.67
C VAL F 94 -23.24 -15.65 12.18
N HIS F 95 -23.00 -14.55 12.91
CA HIS F 95 -23.19 -14.48 14.36
C HIS F 95 -24.63 -14.09 14.67
N ILE F 96 -25.38 -14.97 15.31
CA ILE F 96 -26.73 -14.66 15.80
C ILE F 96 -26.73 -14.59 17.33
N CYS F 97 -27.36 -13.55 17.88
CA CYS F 97 -27.91 -13.55 19.23
C CYS F 97 -29.42 -13.42 19.16
N THR F 98 -30.09 -14.12 20.07
CA THR F 98 -31.54 -14.09 20.18
C THR F 98 -31.93 -14.10 21.65
N SER F 99 -32.83 -13.20 22.02
CA SER F 99 -33.29 -13.06 23.40
C SER F 99 -34.81 -13.13 23.46
N TRP F 100 -35.32 -13.86 24.44
CA TRP F 100 -36.75 -13.96 24.71
C TRP F 100 -37.02 -13.68 26.19
N GLU F 101 -38.05 -12.88 26.44
CA GLU F 101 -38.48 -12.50 27.79
C GLU F 101 -39.92 -12.90 28.03
N SER F 102 -40.13 -13.73 29.06
CA SER F 102 -41.47 -14.13 29.48
C SER F 102 -42.36 -12.93 29.81
N ALA F 103 -41.84 -11.97 30.58
CA ALA F 103 -42.67 -10.87 31.07
C ALA F 103 -43.38 -10.15 29.94
N SER F 104 -42.81 -10.14 28.75
CA SER F 104 -43.40 -9.44 27.61
C SER F 104 -43.50 -10.29 26.37
N GLY F 105 -42.83 -11.43 26.30
CA GLY F 105 -42.65 -12.20 25.09
C GLY F 105 -41.90 -11.53 23.95
N ILE F 106 -41.33 -10.35 24.19
CA ILE F 106 -40.57 -9.68 23.16
C ILE F 106 -39.36 -10.52 22.78
N VAL F 107 -39.28 -10.95 21.53
CA VAL F 107 -38.10 -11.57 20.95
C VAL F 107 -37.23 -10.54 20.23
N GLU F 108 -36.04 -10.27 20.73
CA GLU F 108 -34.97 -9.63 19.96
C GLU F 108 -34.13 -10.67 19.24
N PHE F 109 -34.04 -10.56 17.92
CA PHE F 109 -33.19 -11.40 17.09
C PHE F 109 -32.12 -10.55 16.41
N TRP F 110 -30.85 -10.87 16.67
CA TRP F 110 -29.69 -10.12 16.22
C TRP F 110 -28.83 -10.95 15.29
N VAL F 111 -28.62 -10.47 14.07
CA VAL F 111 -27.78 -11.13 13.08
C VAL F 111 -26.63 -10.19 12.75
N ASP F 112 -25.41 -10.65 12.99
CA ASP F 112 -24.19 -9.88 12.81
C ASP F 112 -24.29 -8.47 13.41
N GLY F 113 -24.80 -8.42 14.64
CA GLY F 113 -25.00 -7.18 15.35
C GLY F 113 -26.05 -6.25 14.80
N LYS F 114 -26.84 -6.67 13.81
CA LYS F 114 -27.98 -5.88 13.37
C LYS F 114 -29.25 -6.42 13.99
N PRO F 115 -29.99 -5.65 14.79
CA PRO F 115 -31.30 -6.13 15.26
C PRO F 115 -32.32 -6.22 14.15
N ARG F 116 -32.89 -7.40 13.95
CA ARG F 116 -34.27 -7.53 13.49
C ARG F 116 -35.24 -6.83 14.42
N VAL F 117 -36.38 -6.42 13.85
CA VAL F 117 -37.56 -5.95 14.59
C VAL F 117 -37.92 -6.92 15.71
N ARG F 118 -38.19 -6.36 16.89
CA ARG F 118 -38.75 -7.09 18.03
C ARG F 118 -40.16 -7.65 17.76
N LYS F 119 -40.35 -8.93 18.08
CA LYS F 119 -41.58 -9.67 17.86
C LYS F 119 -42.05 -10.32 19.15
N SER F 120 -43.37 -10.45 19.30
CA SER F 120 -43.96 -11.13 20.46
C SER F 120 -44.06 -12.63 20.23
N LEU F 121 -43.59 -13.42 21.21
CA LEU F 121 -43.79 -14.87 21.20
C LEU F 121 -43.99 -15.38 22.62
N LYS F 122 -45.04 -16.18 22.83
CA LYS F 122 -45.22 -16.95 24.07
C LYS F 122 -45.10 -16.10 25.32
N LYS F 123 -45.82 -14.99 25.35
CA LYS F 123 -45.94 -14.18 26.57
C LYS F 123 -46.36 -15.03 27.76
N GLY F 124 -45.70 -14.83 28.90
CA GLY F 124 -45.95 -15.54 30.14
C GLY F 124 -45.53 -16.99 30.21
N TYR F 125 -45.11 -17.59 29.10
CA TYR F 125 -44.58 -18.95 29.12
C TYR F 125 -43.39 -19.04 30.06
N THR F 126 -43.02 -20.27 30.44
CA THR F 126 -41.84 -20.48 31.28
C THR F 126 -41.11 -21.71 30.76
N VAL F 127 -39.87 -21.50 30.31
CA VAL F 127 -39.03 -22.57 29.80
C VAL F 127 -38.54 -23.44 30.95
N GLY F 128 -38.61 -24.75 30.76
CA GLY F 128 -38.17 -25.67 31.78
C GLY F 128 -36.67 -25.75 31.88
N ALA F 129 -36.19 -26.06 33.09
CA ALA F 129 -34.75 -26.16 33.33
C ALA F 129 -34.17 -27.50 32.92
N GLU F 130 -34.92 -28.59 33.10
CA GLU F 130 -34.45 -29.93 32.77
C GLU F 130 -34.39 -30.14 31.26
N ALA F 131 -33.25 -29.82 30.64
CA ALA F 131 -33.18 -29.67 29.19
C ALA F 131 -31.96 -30.36 28.58
N SER F 132 -32.17 -31.05 27.46
CA SER F 132 -31.09 -31.51 26.59
C SER F 132 -30.79 -30.48 25.51
N ILE F 133 -29.68 -29.77 25.65
CA ILE F 133 -29.17 -28.84 24.64
C ILE F 133 -28.28 -29.55 23.62
N ILE F 134 -28.67 -29.55 22.35
CA ILE F 134 -27.97 -30.30 21.31
C ILE F 134 -27.61 -29.39 20.16
N LEU F 135 -26.33 -29.42 19.78
CA LEU F 135 -25.78 -28.77 18.61
C LEU F 135 -25.48 -29.77 17.51
N GLY F 136 -25.84 -29.41 16.27
CA GLY F 136 -25.71 -30.27 15.11
C GLY F 136 -26.91 -31.08 14.71
N GLN F 137 -27.90 -31.22 15.57
CA GLN F 137 -29.06 -32.05 15.28
C GLN F 137 -30.30 -31.32 15.72
N GLU F 138 -31.43 -31.69 15.14
CA GLU F 138 -32.73 -31.25 15.61
C GLU F 138 -33.38 -32.45 16.26
N GLN F 139 -33.73 -32.32 17.53
CA GLN F 139 -34.23 -33.43 18.31
C GLN F 139 -35.74 -33.36 18.45
N ASP F 140 -36.41 -34.48 18.17
CA ASP F 140 -37.85 -34.62 18.34
C ASP F 140 -38.22 -35.40 19.58
N SER F 141 -37.24 -35.87 20.34
CA SER F 141 -37.46 -36.38 21.69
C SER F 141 -36.37 -35.83 22.59
N PHE F 142 -36.54 -36.05 23.89
CA PHE F 142 -35.50 -35.65 24.82
C PHE F 142 -34.21 -36.37 24.47
N GLY F 143 -33.30 -35.68 23.80
CA GLY F 143 -32.01 -36.22 23.45
C GLY F 143 -31.93 -37.13 22.26
N GLY F 144 -32.96 -37.22 21.42
CA GLY F 144 -32.92 -38.21 20.37
C GLY F 144 -33.84 -37.92 19.20
N ASN F 145 -34.04 -38.96 18.39
CA ASN F 145 -34.83 -38.88 17.17
C ASN F 145 -34.36 -37.76 16.24
N PHE F 146 -33.08 -37.78 15.92
CA PHE F 146 -32.53 -36.84 14.97
C PHE F 146 -32.91 -37.24 13.54
N GLU F 147 -32.86 -36.25 12.65
CA GLU F 147 -33.10 -36.46 11.22
C GLU F 147 -31.93 -35.89 10.44
N GLY F 148 -31.35 -36.72 9.57
CA GLY F 148 -30.18 -36.28 8.82
C GLY F 148 -30.45 -35.08 7.93
N SER F 149 -31.67 -34.97 7.40
CA SER F 149 -32.06 -33.82 6.62
C SER F 149 -32.12 -32.53 7.42
N GLN F 150 -32.03 -32.59 8.75
CA GLN F 150 -31.99 -31.39 9.58
C GLN F 150 -30.67 -31.16 10.29
N SER F 151 -29.68 -32.03 10.12
CA SER F 151 -28.39 -31.83 10.76
C SER F 151 -27.67 -30.59 10.21
N LEU F 152 -26.95 -29.91 11.10
CA LEU F 152 -25.96 -28.89 10.74
C LEU F 152 -24.74 -29.52 10.08
N VAL F 153 -24.44 -29.12 8.85
CA VAL F 153 -23.21 -29.47 8.15
C VAL F 153 -22.31 -28.23 8.05
N GLY F 154 -21.18 -28.25 8.76
CA GLY F 154 -20.37 -27.08 9.03
C GLY F 154 -20.01 -26.76 10.46
N ASP F 155 -19.67 -25.50 10.72
CA ASP F 155 -19.05 -25.09 11.98
C ASP F 155 -20.05 -24.41 12.89
N ILE F 156 -19.94 -24.66 14.19
CA ILE F 156 -20.66 -23.91 15.21
C ILE F 156 -19.74 -23.66 16.40
N GLY F 157 -19.86 -22.48 17.01
CA GLY F 157 -19.03 -22.15 18.15
C GLY F 157 -19.45 -20.86 18.82
N ASN F 158 -18.74 -20.51 19.88
CA ASN F 158 -19.07 -19.38 20.76
C ASN F 158 -20.51 -19.44 21.26
N VAL F 159 -20.96 -20.65 21.60
CA VAL F 159 -22.26 -20.89 22.22
C VAL F 159 -22.37 -20.37 23.65
N ASN F 160 -22.90 -19.17 23.84
CA ASN F 160 -23.02 -18.53 25.15
C ASN F 160 -24.49 -18.33 25.47
N MET F 161 -24.89 -18.76 26.67
CA MET F 161 -26.27 -18.62 27.12
C MET F 161 -26.38 -17.94 28.48
N TRP F 162 -27.20 -16.88 28.51
CA TRP F 162 -27.60 -16.09 29.66
C TRP F 162 -29.05 -16.34 29.98
N ASP F 163 -29.37 -16.43 31.27
CA ASP F 163 -30.77 -16.47 31.67
C ASP F 163 -31.41 -15.09 31.80
N PHE F 164 -30.88 -14.08 31.10
CA PHE F 164 -31.48 -12.75 31.07
C PHE F 164 -31.25 -12.16 29.69
N VAL F 165 -32.11 -11.23 29.31
CA VAL F 165 -31.95 -10.34 28.15
C VAL F 165 -30.75 -9.40 28.26
N LEU F 166 -29.68 -9.70 27.54
CA LEU F 166 -28.66 -8.69 27.22
C LEU F 166 -29.24 -7.43 26.58
N SER F 167 -28.89 -6.28 27.15
CA SER F 167 -29.04 -4.99 26.47
C SER F 167 -28.33 -5.00 25.11
N PRO F 168 -28.84 -4.26 24.13
CA PRO F 168 -28.06 -3.97 22.92
C PRO F 168 -26.57 -3.68 23.09
N ASP F 169 -26.19 -2.87 24.07
CA ASP F 169 -24.78 -2.59 24.28
C ASP F 169 -23.96 -3.86 24.54
N GLU F 170 -24.39 -4.66 25.51
CA GLU F 170 -23.85 -6.00 25.69
C GLU F 170 -23.75 -6.80 24.39
N ILE F 171 -24.84 -6.92 23.66
CA ILE F 171 -24.80 -7.63 22.37
C ILE F 171 -23.68 -7.12 21.48
N ASN F 172 -23.54 -5.81 21.35
CA ASN F 172 -22.43 -5.23 20.61
C ASN F 172 -21.07 -5.80 21.05
N THR F 173 -20.76 -5.72 22.33
CA THR F 173 -19.57 -6.38 22.87
C THR F 173 -19.45 -7.86 22.51
N ILE F 174 -20.52 -8.64 22.72
CA ILE F 174 -20.55 -10.01 22.21
C ILE F 174 -20.04 -10.06 20.77
N TYR F 175 -20.72 -9.38 19.86
CA TYR F 175 -20.37 -9.45 18.45
C TYR F 175 -18.93 -9.03 18.19
N LEU F 176 -18.51 -7.89 18.74
CA LEU F 176 -17.12 -7.46 18.62
C LEU F 176 -16.20 -8.33 19.46
N GLY F 177 -16.65 -8.73 20.63
CA GLY F 177 -15.97 -9.74 21.44
C GLY F 177 -15.35 -9.33 22.76
N GLY F 178 -15.59 -8.12 23.24
CA GLY F 178 -15.08 -7.70 24.52
C GLY F 178 -15.44 -8.63 25.67
N PRO F 179 -15.16 -8.21 26.90
CA PRO F 179 -15.40 -9.07 28.07
C PRO F 179 -16.87 -9.25 28.41
N PHE F 180 -17.25 -10.51 28.67
CA PHE F 180 -18.59 -10.90 29.05
C PHE F 180 -18.50 -12.19 29.86
N SER F 181 -19.50 -12.44 30.70
CA SER F 181 -19.60 -13.68 31.47
C SER F 181 -20.98 -14.30 31.42
N PRO F 182 -21.21 -15.28 30.55
CA PRO F 182 -22.49 -16.00 30.55
C PRO F 182 -22.66 -16.84 31.80
N ASN F 183 -23.92 -16.99 32.22
CA ASN F 183 -24.27 -17.66 33.47
C ASN F 183 -25.03 -18.97 33.30
N VAL F 184 -25.55 -19.26 32.11
CA VAL F 184 -26.20 -20.54 31.83
C VAL F 184 -25.27 -21.49 31.08
N LEU F 185 -24.55 -20.98 30.10
CA LEU F 185 -23.84 -21.84 29.15
C LEU F 185 -22.67 -21.02 28.66
N ASN F 186 -21.47 -21.38 29.10
CA ASN F 186 -20.27 -20.56 28.95
C ASN F 186 -19.26 -21.29 28.08
N TRP F 187 -18.97 -20.70 26.91
CA TRP F 187 -17.99 -21.28 25.99
C TRP F 187 -16.58 -21.27 26.55
N ARG F 188 -16.26 -20.30 27.40
CA ARG F 188 -14.98 -20.30 28.09
C ARG F 188 -14.86 -21.41 29.13
N ALA F 189 -15.95 -22.08 29.49
CA ALA F 189 -15.95 -23.05 30.58
C ALA F 189 -17.05 -24.09 30.35
N LEU F 190 -16.94 -24.79 29.23
CA LEU F 190 -18.04 -25.58 28.69
C LEU F 190 -17.97 -27.04 29.14
N LYS F 191 -19.12 -27.59 29.52
CA LYS F 191 -19.31 -29.03 29.71
C LYS F 191 -20.05 -29.61 28.52
N TYR F 192 -19.39 -30.51 27.78
CA TYR F 192 -20.00 -31.06 26.58
C TYR F 192 -19.60 -32.50 26.38
N GLU F 193 -20.48 -33.24 25.71
CA GLU F 193 -20.23 -34.61 25.27
C GLU F 193 -20.34 -34.68 23.75
N VAL F 194 -19.38 -35.33 23.11
CA VAL F 194 -19.30 -35.46 21.66
C VAL F 194 -19.72 -36.86 21.23
N GLN F 195 -20.72 -36.94 20.37
CA GLN F 195 -21.18 -38.18 19.77
C GLN F 195 -21.00 -38.15 18.26
N GLY F 196 -20.54 -39.27 17.71
CA GLY F 196 -20.19 -39.45 16.32
C GLY F 196 -19.03 -38.61 15.77
N GLU F 197 -19.06 -38.43 14.45
CA GLU F 197 -18.04 -37.67 13.71
C GLU F 197 -18.14 -36.17 13.92
N VAL F 198 -17.52 -35.70 15.00
CA VAL F 198 -17.48 -34.28 15.34
C VAL F 198 -16.06 -33.95 15.74
N PHE F 199 -15.53 -32.85 15.22
CA PHE F 199 -14.16 -32.45 15.45
C PHE F 199 -14.10 -31.06 16.06
N THR F 200 -13.09 -30.83 16.88
CA THR F 200 -12.77 -29.50 17.38
C THR F 200 -11.58 -28.96 16.59
N LYS F 201 -11.77 -27.81 15.96
CA LYS F 201 -10.77 -27.19 15.10
C LYS F 201 -10.66 -25.72 15.42
N PRO F 202 -9.56 -25.07 15.05
CA PRO F 202 -9.49 -23.62 15.15
C PRO F 202 -10.62 -22.95 14.39
N GLN F 203 -11.27 -21.98 15.02
CA GLN F 203 -12.40 -21.33 14.38
C GLN F 203 -11.97 -20.56 13.13
N LEU F 204 -12.83 -20.58 12.11
CA LEU F 204 -12.55 -19.89 10.85
C LEU F 204 -12.87 -18.41 10.91
N TRP F 205 -13.90 -18.02 11.63
CA TRP F 205 -14.15 -16.61 11.88
C TRP F 205 -13.10 -16.02 12.83
N PRO F 206 -12.69 -14.76 12.62
CA PRO F 206 -11.99 -14.03 13.67
C PRO F 206 -12.75 -13.92 14.97
N GLN G 1 -41.67 14.75 34.72
CA GLN G 1 -41.18 14.46 33.35
C GLN G 1 -40.43 13.15 33.32
N THR G 2 -40.43 12.49 32.16
CA THR G 2 -39.61 11.31 31.92
C THR G 2 -38.58 11.62 30.86
N ASP G 3 -37.31 11.31 31.14
CA ASP G 3 -36.27 11.34 30.12
C ASP G 3 -36.28 10.00 29.40
N MET G 4 -36.92 9.95 28.24
CA MET G 4 -36.96 8.73 27.44
C MET G 4 -35.71 8.52 26.59
N SER G 5 -34.64 9.24 26.89
CA SER G 5 -33.38 9.05 26.19
C SER G 5 -32.93 7.59 26.22
N ARG G 6 -32.42 7.13 25.07
CA ARG G 6 -32.01 5.76 24.82
C ARG G 6 -33.15 4.74 24.90
N LYS G 7 -34.39 5.17 25.01
CA LYS G 7 -35.50 4.26 25.21
C LYS G 7 -36.48 4.37 24.05
N ALA G 8 -37.18 3.28 23.75
CA ALA G 8 -38.17 3.25 22.68
C ALA G 8 -39.44 2.57 23.16
N PHE G 9 -40.57 3.01 22.59
CA PHE G 9 -41.81 2.27 22.71
C PHE G 9 -41.85 1.12 21.72
N VAL G 10 -42.28 -0.04 22.18
CA VAL G 10 -42.32 -1.25 21.38
C VAL G 10 -43.76 -1.69 21.28
N PHE G 11 -44.23 -1.88 20.06
CA PHE G 11 -45.58 -2.31 19.78
C PHE G 11 -45.49 -3.69 19.16
N PRO G 12 -45.41 -4.75 19.96
CA PRO G 12 -44.92 -6.02 19.43
C PRO G 12 -45.97 -6.87 18.73
N LYS G 13 -47.22 -6.42 18.66
CA LYS G 13 -48.29 -7.13 17.98
C LYS G 13 -49.18 -6.13 17.27
N GLU G 14 -49.77 -6.56 16.17
CA GLU G 14 -50.91 -5.83 15.63
C GLU G 14 -52.07 -5.90 16.61
N SER G 15 -52.62 -4.74 16.94
CA SER G 15 -53.80 -4.66 17.79
C SER G 15 -54.46 -3.31 17.53
N ASP G 16 -55.75 -3.24 17.89
CA ASP G 16 -56.43 -1.96 18.02
C ASP G 16 -56.10 -1.24 19.33
N THR G 17 -55.85 -1.99 20.39
CA THR G 17 -55.81 -1.44 21.74
C THR G 17 -54.48 -0.77 22.08
N SER G 18 -53.36 -1.32 21.62
CA SER G 18 -52.03 -0.83 21.99
C SER G 18 -51.71 0.50 21.32
N TYR G 19 -51.64 1.55 22.12
CA TYR G 19 -51.20 2.87 21.70
C TYR G 19 -50.53 3.58 22.87
N VAL G 20 -49.71 4.58 22.58
CA VAL G 20 -49.30 5.56 23.58
C VAL G 20 -49.73 6.95 23.14
N SER G 21 -50.27 7.70 24.10
CA SER G 21 -50.73 9.07 23.94
C SER G 21 -49.69 10.06 24.46
N LEU G 22 -49.32 11.02 23.62
CA LEU G 22 -48.34 12.04 23.99
C LEU G 22 -49.04 13.36 24.28
N LYS G 23 -48.64 14.02 25.36
CA LYS G 23 -49.24 15.26 25.85
C LYS G 23 -48.43 16.48 25.43
N ALA G 24 -49.04 17.33 24.62
CA ALA G 24 -48.40 18.56 24.16
C ALA G 24 -48.78 19.72 25.06
N PRO G 25 -47.82 20.44 25.65
CA PRO G 25 -48.15 21.72 26.30
C PRO G 25 -48.51 22.84 25.35
N LEU G 26 -48.79 22.51 24.10
CA LEU G 26 -49.03 23.51 23.06
C LEU G 26 -50.30 24.30 23.37
N THR G 27 -50.21 25.61 23.17
CA THR G 27 -51.33 26.51 23.47
C THR G 27 -51.69 27.36 22.26
N LYS G 28 -50.69 27.98 21.64
CA LYS G 28 -50.92 28.68 20.39
C LYS G 28 -51.12 27.66 19.26
N PRO G 29 -52.09 27.88 18.37
CA PRO G 29 -52.18 27.03 17.19
C PRO G 29 -50.95 27.20 16.29
N LEU G 30 -50.49 26.10 15.74
CA LEU G 30 -49.24 26.04 15.01
C LEU G 30 -49.37 26.63 13.61
N LYS G 31 -48.50 27.60 13.30
CA LYS G 31 -48.26 28.00 11.93
C LYS G 31 -47.11 27.24 11.28
N ALA G 32 -46.31 26.51 12.06
CA ALA G 32 -45.27 25.65 11.50
C ALA G 32 -44.88 24.60 12.53
N PHE G 33 -44.33 23.49 12.04
CA PHE G 33 -43.76 22.48 12.92
C PHE G 33 -42.65 21.71 12.22
N THR G 34 -41.77 21.09 13.02
CA THR G 34 -40.96 19.92 12.65
C THR G 34 -41.25 18.76 13.58
N VAL G 35 -41.69 17.62 13.03
CA VAL G 35 -41.71 16.36 13.78
C VAL G 35 -40.65 15.37 13.28
N CYS G 36 -39.64 15.10 14.12
CA CYS G 36 -38.62 14.08 13.90
C CYS G 36 -38.81 12.87 14.81
N LEU G 37 -38.68 11.68 14.24
CA LEU G 37 -38.79 10.44 15.01
C LEU G 37 -38.01 9.31 14.34
N HIS G 38 -37.45 8.42 15.16
CA HIS G 38 -37.07 7.07 14.73
C HIS G 38 -38.23 6.09 14.88
N PHE G 39 -38.48 5.34 13.82
CA PHE G 39 -39.32 4.15 13.84
C PHE G 39 -38.62 2.98 13.15
N TYR G 40 -38.97 1.78 13.62
CA TYR G 40 -38.47 0.50 13.11
C TYR G 40 -39.57 -0.54 12.99
N THR G 41 -39.93 -0.88 11.75
CA THR G 41 -41.00 -1.83 11.49
C THR G 41 -40.65 -2.64 10.25
N GLU G 42 -41.06 -3.91 10.25
CA GLU G 42 -41.05 -4.77 9.07
C GLU G 42 -42.33 -4.69 8.24
N LEU G 43 -43.38 -4.05 8.73
CA LEU G 43 -44.65 -3.97 8.01
C LEU G 43 -44.50 -3.38 6.61
N SER G 44 -43.45 -2.61 6.35
CA SER G 44 -43.40 -1.78 5.16
C SER G 44 -43.75 -2.55 3.90
N SER G 45 -43.30 -3.79 3.77
CA SER G 45 -43.75 -4.59 2.64
C SER G 45 -45.14 -5.20 2.84
N THR G 46 -45.52 -5.48 4.07
CA THR G 46 -46.83 -6.10 4.34
C THR G 46 -47.98 -5.14 4.06
N ARG G 47 -48.03 -4.01 4.75
CA ARG G 47 -49.22 -3.16 4.75
C ARG G 47 -48.85 -1.74 5.15
N GLY G 48 -49.80 -0.82 4.94
CA GLY G 48 -49.68 0.50 5.54
C GLY G 48 -49.77 0.53 7.05
N TYR G 49 -49.09 1.51 7.62
CA TYR G 49 -49.01 1.75 9.06
C TYR G 49 -48.88 3.24 9.33
N SER G 50 -49.59 3.71 10.34
CA SER G 50 -49.45 5.05 10.89
C SER G 50 -48.20 5.24 11.74
N ILE G 51 -47.30 6.11 11.32
CA ILE G 51 -46.18 6.57 12.14
C ILE G 51 -46.65 7.54 13.23
N PHE G 52 -47.12 8.71 12.80
CA PHE G 52 -47.47 9.85 13.63
C PHE G 52 -48.88 10.33 13.32
N SER G 53 -49.70 10.48 14.36
CA SER G 53 -51.12 10.76 14.19
C SER G 53 -51.52 11.85 15.18
N TYR G 54 -51.78 13.03 14.62
CA TYR G 54 -52.18 14.24 15.33
C TYR G 54 -53.64 14.51 15.01
N ALA G 55 -54.52 14.31 15.98
CA ALA G 55 -55.93 14.61 15.79
C ALA G 55 -56.35 15.80 16.61
N THR G 56 -57.38 16.48 16.11
CA THR G 56 -58.11 17.51 16.82
C THR G 56 -59.59 17.22 16.69
N LYS G 57 -60.39 17.83 17.57
CA LYS G 57 -61.83 17.59 17.55
C LYS G 57 -62.48 18.14 16.30
N ARG G 58 -61.79 18.95 15.51
CA ARG G 58 -62.27 19.36 14.20
C ARG G 58 -61.87 18.40 13.10
N GLN G 59 -60.78 17.66 13.28
CA GLN G 59 -60.10 17.00 12.16
C GLN G 59 -59.27 15.86 12.74
N ASP G 60 -59.63 14.62 12.40
CA ASP G 60 -58.90 13.46 12.90
C ASP G 60 -57.49 13.36 12.33
N ASN G 61 -57.24 13.94 11.16
CA ASN G 61 -55.97 13.81 10.47
C ASN G 61 -55.29 15.16 10.33
N GLU G 62 -55.04 15.82 11.44
CA GLU G 62 -54.47 17.17 11.38
C GLU G 62 -53.00 17.12 10.97
N ILE G 63 -52.25 16.18 11.52
CA ILE G 63 -51.02 15.69 10.89
C ILE G 63 -51.09 14.18 10.87
N LEU G 64 -50.84 13.58 9.72
CA LEU G 64 -50.62 12.15 9.61
C LEU G 64 -49.32 11.94 8.87
N ILE G 65 -48.40 11.21 9.47
CA ILE G 65 -47.28 10.59 8.76
C ILE G 65 -47.60 9.12 8.54
N PHE G 66 -47.99 8.76 7.32
CA PHE G 66 -48.51 7.44 6.99
C PHE G 66 -47.69 6.80 5.89
N TRP G 67 -47.09 5.66 6.19
CA TRP G 67 -46.63 4.69 5.19
C TRP G 67 -47.78 4.06 4.44
N SER G 68 -47.98 4.44 3.19
CA SER G 68 -48.99 3.84 2.33
C SER G 68 -48.34 2.78 1.47
N LYS G 69 -48.95 1.59 1.46
CA LYS G 69 -48.31 0.39 0.95
C LYS G 69 -47.78 0.58 -0.47
N ASP G 70 -46.53 0.19 -0.68
CA ASP G 70 -45.83 0.28 -1.96
C ASP G 70 -45.61 1.70 -2.47
N ILE G 71 -46.26 2.71 -1.88
CA ILE G 71 -46.14 4.07 -2.38
C ILE G 71 -44.96 4.70 -1.66
N GLY G 72 -45.09 4.87 -0.36
CA GLY G 72 -44.12 5.57 0.46
C GLY G 72 -44.80 6.27 1.63
N TYR G 73 -44.18 7.38 2.05
CA TYR G 73 -44.75 8.28 3.07
C TYR G 73 -45.83 9.19 2.52
N SER G 74 -47.08 8.88 2.83
CA SER G 74 -48.15 9.87 2.89
C SER G 74 -47.93 10.87 4.03
N PHE G 75 -47.70 12.12 3.68
CA PHE G 75 -47.73 13.24 4.62
C PHE G 75 -48.99 14.06 4.37
N THR G 76 -49.81 14.24 5.41
CA THR G 76 -51.04 14.99 5.28
C THR G 76 -51.12 16.06 6.35
N VAL G 77 -51.68 17.21 5.99
CA VAL G 77 -52.04 18.25 6.94
C VAL G 77 -53.49 18.63 6.67
N GLY G 78 -54.28 18.74 7.72
CA GLY G 78 -55.68 19.13 7.55
C GLY G 78 -56.46 18.24 6.61
N GLY G 79 -56.12 16.96 6.55
CA GLY G 79 -56.77 16.01 5.68
C GLY G 79 -56.28 15.96 4.24
N SER G 80 -55.57 16.99 3.76
CA SER G 80 -55.01 16.93 2.41
C SER G 80 -53.65 16.23 2.44
N GLU G 81 -53.34 15.50 1.37
CA GLU G 81 -52.20 14.58 1.34
C GLU G 81 -51.22 14.93 0.22
N ILE G 82 -49.92 14.75 0.52
CA ILE G 82 -48.86 14.67 -0.48
C ILE G 82 -48.11 13.35 -0.27
N LEU G 83 -47.59 12.79 -1.37
CA LEU G 83 -46.75 11.60 -1.29
C LEU G 83 -45.28 11.90 -1.58
N PHE G 84 -44.40 11.33 -0.77
CA PHE G 84 -42.99 11.08 -1.08
C PHE G 84 -42.75 9.62 -1.45
N GLU G 85 -42.84 9.32 -2.74
CA GLU G 85 -42.68 7.95 -3.21
C GLU G 85 -41.31 7.37 -2.85
N VAL G 86 -41.33 6.18 -2.26
CA VAL G 86 -40.15 5.46 -1.80
C VAL G 86 -40.11 4.10 -2.48
N PRO G 87 -39.69 4.01 -3.75
CA PRO G 87 -39.96 2.79 -4.53
C PRO G 87 -39.33 1.54 -3.98
N GLU G 88 -38.13 1.64 -3.41
CA GLU G 88 -37.43 0.53 -2.79
C GLU G 88 -37.29 0.78 -1.29
N VAL G 89 -37.76 -0.17 -0.49
CA VAL G 89 -37.72 -0.05 0.96
C VAL G 89 -36.82 -1.14 1.52
N THR G 90 -36.06 -0.82 2.55
CA THR G 90 -35.17 -1.76 3.21
C THR G 90 -35.45 -1.78 4.71
N VAL G 91 -35.45 -2.99 5.28
CA VAL G 91 -35.50 -3.23 6.71
C VAL G 91 -34.32 -2.62 7.48
N ALA G 92 -34.43 -1.33 7.82
CA ALA G 92 -33.49 -0.67 8.71
C ALA G 92 -34.29 0.36 9.48
N PRO G 93 -33.95 0.63 10.74
CA PRO G 93 -34.47 1.84 11.37
C PRO G 93 -34.28 3.07 10.50
N VAL G 94 -35.33 3.87 10.40
CA VAL G 94 -35.38 5.05 9.54
C VAL G 94 -35.70 6.28 10.37
N HIS G 95 -34.82 7.28 10.33
CA HIS G 95 -35.06 8.57 10.97
C HIS G 95 -35.66 9.56 9.97
N ILE G 96 -36.92 9.95 10.19
CA ILE G 96 -37.59 10.99 9.42
C ILE G 96 -37.67 12.29 10.22
N CYS G 97 -37.43 13.43 9.56
CA CYS G 97 -37.93 14.75 9.97
C CYS G 97 -38.78 15.35 8.86
N THR G 98 -40.01 15.72 9.20
CA THR G 98 -40.90 16.43 8.30
C THR G 98 -41.28 17.80 8.87
N SER G 99 -41.17 18.83 8.03
CA SER G 99 -41.48 20.22 8.40
C SER G 99 -42.54 20.77 7.48
N TRP G 100 -43.51 21.47 8.05
CA TRP G 100 -44.53 22.22 7.32
C TRP G 100 -44.54 23.67 7.77
N GLU G 101 -44.79 24.58 6.83
CA GLU G 101 -44.96 26.00 7.15
C GLU G 101 -46.25 26.54 6.55
N SER G 102 -47.05 27.23 7.38
CA SER G 102 -48.28 27.84 6.90
C SER G 102 -48.03 28.93 5.88
N ALA G 103 -47.05 29.80 6.14
CA ALA G 103 -46.86 30.97 5.29
C ALA G 103 -46.60 30.64 3.83
N SER G 104 -46.07 29.47 3.53
CA SER G 104 -45.80 29.08 2.16
C SER G 104 -46.36 27.72 1.78
N GLY G 105 -46.75 26.90 2.75
CA GLY G 105 -47.10 25.52 2.52
C GLY G 105 -45.95 24.58 2.23
N ILE G 106 -44.72 25.09 2.12
CA ILE G 106 -43.60 24.22 1.78
C ILE G 106 -43.45 23.12 2.82
N VAL G 107 -43.62 21.88 2.39
CA VAL G 107 -43.32 20.71 3.20
C VAL G 107 -41.92 20.21 2.88
N GLU G 108 -41.04 20.20 3.87
CA GLU G 108 -39.76 19.51 3.81
C GLU G 108 -39.88 18.16 4.51
N PHE G 109 -39.49 17.10 3.82
CA PHE G 109 -39.51 15.75 4.36
C PHE G 109 -38.10 15.20 4.27
N TRP G 110 -37.56 14.73 5.38
CA TRP G 110 -36.17 14.25 5.46
C TRP G 110 -36.18 12.79 5.88
N VAL G 111 -35.38 11.97 5.20
CA VAL G 111 -35.25 10.56 5.52
C VAL G 111 -33.78 10.23 5.72
N ASP G 112 -33.43 9.77 6.90
CA ASP G 112 -32.04 9.48 7.26
C ASP G 112 -31.12 10.65 6.93
N GLY G 113 -31.56 11.86 7.27
CA GLY G 113 -30.77 13.05 7.05
C GLY G 113 -30.69 13.53 5.62
N LYS G 114 -31.36 12.91 4.66
CA LYS G 114 -31.36 13.40 3.30
C LYS G 114 -32.68 14.05 2.96
N PRO G 115 -32.67 15.25 2.37
CA PRO G 115 -33.94 15.90 2.02
C PRO G 115 -34.61 15.30 0.80
N ARG G 116 -35.92 15.11 0.90
CA ARG G 116 -36.77 15.04 -0.27
C ARG G 116 -36.95 16.43 -0.88
N VAL G 117 -37.38 16.47 -2.14
CA VAL G 117 -37.78 17.74 -2.72
C VAL G 117 -38.95 18.34 -1.95
N ARG G 118 -38.82 19.62 -1.62
CA ARG G 118 -39.93 20.41 -1.09
C ARG G 118 -41.18 20.40 -1.95
N LYS G 119 -42.33 20.23 -1.30
CA LYS G 119 -43.63 20.23 -1.93
C LYS G 119 -44.57 21.18 -1.18
N SER G 120 -45.56 21.70 -1.90
CA SER G 120 -46.54 22.64 -1.32
C SER G 120 -47.78 21.94 -0.81
N LEU G 121 -48.15 22.25 0.44
CA LEU G 121 -49.39 21.76 1.03
C LEU G 121 -50.01 22.80 1.95
N LYS G 122 -51.32 23.03 1.79
CA LYS G 122 -52.14 23.78 2.76
C LYS G 122 -51.57 25.15 3.11
N LYS G 123 -51.21 25.91 2.07
CA LYS G 123 -50.76 27.28 2.30
C LYS G 123 -51.81 28.11 3.04
N GLY G 124 -51.37 28.81 4.09
CA GLY G 124 -52.23 29.65 4.90
C GLY G 124 -53.12 28.95 5.91
N TYR G 125 -53.10 27.62 5.96
CA TYR G 125 -53.87 26.89 6.97
C TYR G 125 -53.28 27.13 8.36
N THR G 126 -54.06 26.78 9.39
CA THR G 126 -53.60 26.86 10.78
C THR G 126 -53.92 25.55 11.49
N VAL G 127 -52.93 24.99 12.18
CA VAL G 127 -53.03 23.67 12.82
C VAL G 127 -53.43 23.83 14.28
N GLY G 128 -54.50 23.14 14.67
CA GLY G 128 -55.10 23.36 15.97
C GLY G 128 -54.17 23.04 17.12
N ALA G 129 -54.31 23.81 18.20
CA ALA G 129 -53.50 23.60 19.40
C ALA G 129 -53.97 22.44 20.28
N GLU G 130 -55.28 22.15 20.29
CA GLU G 130 -55.81 21.03 21.06
C GLU G 130 -55.43 19.68 20.43
N ALA G 131 -54.26 19.18 20.78
CA ALA G 131 -53.65 18.02 20.15
C ALA G 131 -54.04 16.73 20.85
N SER G 132 -54.41 15.72 20.08
CA SER G 132 -54.34 14.31 20.50
C SER G 132 -53.26 13.62 19.69
N ILE G 133 -52.07 13.47 20.28
CA ILE G 133 -50.91 12.89 19.60
C ILE G 133 -50.77 11.43 20.02
N ILE G 134 -50.91 10.52 19.06
CA ILE G 134 -50.94 9.08 19.30
C ILE G 134 -49.91 8.37 18.45
N LEU G 135 -49.12 7.53 19.11
CA LEU G 135 -48.18 6.63 18.47
C LEU G 135 -48.74 5.22 18.54
N GLY G 136 -48.56 4.46 17.46
CA GLY G 136 -49.00 3.09 17.41
C GLY G 136 -50.30 2.88 16.66
N GLN G 137 -51.17 3.88 16.61
CA GLN G 137 -52.48 3.74 15.99
C GLN G 137 -52.75 4.95 15.12
N GLU G 138 -53.64 4.76 14.16
CA GLU G 138 -54.22 5.83 13.36
C GLU G 138 -55.60 6.14 13.90
N GLN G 139 -55.76 7.33 14.45
CA GLN G 139 -57.02 7.70 15.05
C GLN G 139 -57.92 8.33 14.00
N ASP G 140 -59.18 7.91 13.98
CA ASP G 140 -60.22 8.47 13.14
C ASP G 140 -61.20 9.32 13.90
N SER G 141 -60.95 9.57 15.19
CA SER G 141 -61.66 10.61 15.92
C SER G 141 -60.63 11.31 16.78
N PHE G 142 -61.08 12.09 17.75
CA PHE G 142 -60.15 12.78 18.63
C PHE G 142 -59.21 11.82 19.34
N GLY G 143 -59.59 10.55 19.49
CA GLY G 143 -58.73 9.66 20.24
C GLY G 143 -59.14 8.21 20.19
N GLY G 144 -59.67 7.76 19.07
CA GLY G 144 -60.14 6.40 19.00
C GLY G 144 -60.47 5.96 17.59
N ASN G 145 -61.29 4.92 17.50
CA ASN G 145 -61.63 4.30 16.23
C ASN G 145 -60.38 3.76 15.53
N PHE G 146 -59.49 3.17 16.32
CA PHE G 146 -58.28 2.58 15.77
C PHE G 146 -58.60 1.42 14.83
N GLU G 147 -57.71 1.20 13.88
CA GLU G 147 -57.81 0.14 12.89
C GLU G 147 -56.54 -0.70 12.97
N GLY G 148 -56.71 -2.01 13.18
CA GLY G 148 -55.56 -2.89 13.27
C GLY G 148 -54.70 -2.91 12.02
N SER G 149 -55.33 -2.98 10.85
CA SER G 149 -54.64 -2.84 9.57
C SER G 149 -53.81 -1.56 9.42
N GLN G 150 -53.96 -0.60 10.33
CA GLN G 150 -53.17 0.62 10.28
C GLN G 150 -52.19 0.76 11.45
N SER G 151 -52.29 -0.07 12.48
CA SER G 151 -51.39 0.03 13.62
C SER G 151 -49.94 -0.17 13.20
N LEU G 152 -49.04 0.57 13.85
CA LEU G 152 -47.61 0.31 13.80
C LEU G 152 -47.20 -0.83 14.72
N VAL G 153 -46.51 -1.82 14.16
CA VAL G 153 -45.89 -2.91 14.89
C VAL G 153 -44.38 -2.76 14.78
N GLY G 154 -43.68 -2.85 15.92
CA GLY G 154 -42.29 -2.48 16.02
C GLY G 154 -42.09 -1.30 16.95
N ASP G 155 -41.03 -0.53 16.68
CA ASP G 155 -40.50 0.42 17.64
C ASP G 155 -40.59 1.83 17.09
N ILE G 156 -40.79 2.78 17.99
CA ILE G 156 -40.79 4.21 17.65
C ILE G 156 -40.22 4.98 18.83
N GLY G 157 -39.46 6.04 18.53
CA GLY G 157 -38.82 6.79 19.58
C GLY G 157 -38.12 8.01 19.03
N ASN G 158 -37.48 8.74 19.95
CA ASN G 158 -36.90 10.05 19.67
C ASN G 158 -37.89 11.04 19.05
N VAL G 159 -39.16 10.97 19.44
CA VAL G 159 -40.18 11.85 18.90
C VAL G 159 -40.06 13.26 19.50
N ASN G 160 -39.60 14.20 18.70
CA ASN G 160 -39.38 15.59 19.10
C ASN G 160 -40.18 16.49 18.18
N MET G 161 -40.95 17.41 18.74
CA MET G 161 -41.71 18.38 17.96
C MET G 161 -41.35 19.81 18.32
N TRP G 162 -40.94 20.56 17.30
CA TRP G 162 -40.74 22.01 17.29
C TRP G 162 -41.90 22.68 16.57
N ASP G 163 -42.39 23.79 17.13
CA ASP G 163 -43.39 24.59 16.44
C ASP G 163 -42.80 25.56 15.41
N PHE G 164 -41.61 25.29 14.87
CA PHE G 164 -41.03 26.08 13.81
C PHE G 164 -40.29 25.13 12.89
N VAL G 165 -40.13 25.53 11.63
CA VAL G 165 -39.26 24.85 10.66
C VAL G 165 -37.80 24.97 11.06
N LEU G 166 -37.23 23.89 11.57
CA LEU G 166 -35.77 23.77 11.66
C LEU G 166 -35.11 24.01 10.31
N SER G 167 -34.09 24.88 10.29
CA SER G 167 -33.18 24.94 9.17
C SER G 167 -32.58 23.57 8.89
N PRO G 168 -32.19 23.29 7.66
CA PRO G 168 -31.39 22.09 7.35
C PRO G 168 -30.24 21.77 8.29
N ASP G 169 -29.43 22.76 8.65
CA ASP G 169 -28.34 22.53 9.58
C ASP G 169 -28.82 21.99 10.92
N GLU G 170 -29.82 22.63 11.51
CA GLU G 170 -30.46 22.07 12.69
C GLU G 170 -30.91 20.64 12.47
N ILE G 171 -31.54 20.35 11.34
CA ILE G 171 -32.00 19.00 11.07
C ILE G 171 -30.84 18.01 11.02
N ASN G 172 -29.72 18.41 10.44
CA ASN G 172 -28.53 17.57 10.51
C ASN G 172 -28.10 17.27 11.94
N THR G 173 -28.03 18.30 12.78
CA THR G 173 -27.79 18.11 14.22
C THR G 173 -28.72 17.08 14.87
N ILE G 174 -30.02 17.15 14.58
CA ILE G 174 -30.95 16.11 15.05
C ILE G 174 -30.49 14.71 14.64
N TYR G 175 -30.29 14.50 13.34
CA TYR G 175 -29.91 13.19 12.85
C TYR G 175 -28.70 12.61 13.59
N LEU G 176 -27.74 13.45 13.92
CA LEU G 176 -26.61 13.04 14.75
C LEU G 176 -26.94 13.01 16.25
N GLY G 177 -28.11 13.49 16.66
CA GLY G 177 -28.43 13.71 18.06
C GLY G 177 -27.61 14.79 18.75
N GLY G 178 -27.27 15.85 18.05
CA GLY G 178 -26.58 16.97 18.62
C GLY G 178 -27.41 17.62 19.70
N PRO G 179 -26.87 18.63 20.37
CA PRO G 179 -27.68 19.40 21.31
C PRO G 179 -28.84 20.15 20.67
N PHE G 180 -30.07 19.68 20.95
CA PHE G 180 -31.31 20.26 20.43
C PHE G 180 -32.35 20.27 21.53
N SER G 181 -33.19 21.31 21.55
CA SER G 181 -34.18 21.53 22.61
C SER G 181 -35.59 21.79 22.06
N PRO G 182 -36.37 20.75 21.82
CA PRO G 182 -37.74 20.93 21.33
C PRO G 182 -38.64 21.65 22.33
N ASN G 183 -39.57 22.44 21.79
CA ASN G 183 -40.49 23.24 22.59
C ASN G 183 -41.94 22.79 22.54
N VAL G 184 -42.33 21.97 21.56
CA VAL G 184 -43.68 21.38 21.54
C VAL G 184 -43.68 20.01 22.19
N LEU G 185 -42.70 19.16 21.89
CA LEU G 185 -42.75 17.77 22.31
C LEU G 185 -41.31 17.32 22.44
N ASN G 186 -40.88 17.05 23.67
CA ASN G 186 -39.49 16.77 24.00
C ASN G 186 -39.36 15.36 24.52
N TRP G 187 -38.60 14.54 23.79
CA TRP G 187 -38.34 13.16 24.19
C TRP G 187 -37.53 13.08 25.48
N ARG G 188 -36.61 14.02 25.70
CA ARG G 188 -35.86 14.05 26.95
C ARG G 188 -36.70 14.52 28.13
N ALA G 189 -37.96 14.90 27.92
CA ALA G 189 -38.81 15.42 28.98
C ALA G 189 -40.28 15.13 28.67
N LEU G 190 -40.56 13.89 28.28
CA LEU G 190 -41.84 13.54 27.67
C LEU G 190 -42.94 13.37 28.71
N LYS G 191 -44.13 13.84 28.38
CA LYS G 191 -45.37 13.53 29.10
C LYS G 191 -46.20 12.57 28.27
N TYR G 192 -46.49 11.39 28.80
CA TYR G 192 -47.19 10.39 28.00
C TYR G 192 -48.01 9.44 28.86
N GLU G 193 -48.96 8.79 28.20
CA GLU G 193 -49.84 7.78 28.78
C GLU G 193 -49.80 6.53 27.91
N VAL G 194 -49.68 5.37 28.54
CA VAL G 194 -49.57 4.10 27.84
C VAL G 194 -50.89 3.35 27.98
N GLN G 195 -51.40 2.86 26.86
CA GLN G 195 -52.62 2.06 26.82
C GLN G 195 -52.36 0.77 26.06
N GLY G 196 -52.78 -0.36 26.64
CA GLY G 196 -52.52 -1.68 26.10
C GLY G 196 -51.07 -2.14 26.17
N GLU G 197 -50.78 -3.15 25.34
CA GLU G 197 -49.46 -3.78 25.23
C GLU G 197 -48.46 -2.86 24.55
N VAL G 198 -47.85 -1.98 25.34
CA VAL G 198 -46.71 -1.21 24.90
C VAL G 198 -45.64 -1.33 25.95
N PHE G 199 -44.40 -1.54 25.50
CA PHE G 199 -43.27 -1.72 26.37
C PHE G 199 -42.24 -0.64 26.09
N THR G 200 -41.54 -0.22 27.14
CA THR G 200 -40.45 0.72 27.02
C THR G 200 -39.15 -0.06 27.13
N LYS G 201 -38.33 -0.01 26.09
CA LYS G 201 -37.19 -0.90 25.97
C LYS G 201 -35.98 -0.11 25.49
N PRO G 202 -34.77 -0.64 25.69
CA PRO G 202 -33.59 -0.04 25.07
C PRO G 202 -33.72 0.04 23.55
N GLN G 203 -33.46 1.22 23.01
CA GLN G 203 -33.62 1.41 21.58
C GLN G 203 -32.64 0.55 20.79
N LEU G 204 -33.07 0.13 19.60
CA LEU G 204 -32.26 -0.72 18.74
C LEU G 204 -31.35 0.07 17.82
N TRP G 205 -31.73 1.28 17.44
CA TRP G 205 -30.88 2.14 16.65
C TRP G 205 -29.84 2.84 17.52
N PRO G 206 -28.73 3.28 16.93
CA PRO G 206 -27.75 4.06 17.70
C PRO G 206 -28.25 5.45 18.07
N GLN H 1 -28.09 44.58 -5.12
CA GLN H 1 -28.02 43.13 -5.43
C GLN H 1 -27.97 42.32 -4.14
N THR H 2 -28.55 41.12 -4.17
CA THR H 2 -28.64 40.29 -2.97
C THR H 2 -27.60 39.19 -3.02
N ASP H 3 -26.85 39.05 -1.94
CA ASP H 3 -26.09 37.84 -1.69
C ASP H 3 -27.07 36.72 -1.38
N MET H 4 -27.29 35.84 -2.34
CA MET H 4 -28.18 34.71 -2.17
C MET H 4 -27.47 33.48 -1.64
N SER H 5 -26.20 33.60 -1.25
CA SER H 5 -25.45 32.47 -0.73
C SER H 5 -26.23 31.72 0.34
N ARG H 6 -26.12 30.39 0.29
CA ARG H 6 -26.85 29.43 1.11
C ARG H 6 -28.34 29.40 0.85
N LYS H 7 -28.86 30.15 -0.13
CA LYS H 7 -30.28 30.21 -0.38
C LYS H 7 -30.61 29.71 -1.78
N ALA H 8 -31.77 29.08 -1.91
CA ALA H 8 -32.25 28.59 -3.19
C ALA H 8 -33.68 29.08 -3.42
N PHE H 9 -34.01 29.37 -4.67
CA PHE H 9 -35.39 29.53 -5.08
C PHE H 9 -36.15 28.22 -5.04
N VAL H 10 -37.31 28.22 -4.39
CA VAL H 10 -38.17 27.05 -4.28
C VAL H 10 -39.38 27.26 -5.17
N PHE H 11 -39.53 26.41 -6.18
CA PHE H 11 -40.71 26.39 -7.04
C PHE H 11 -41.58 25.20 -6.67
N PRO H 12 -42.40 25.31 -5.63
CA PRO H 12 -42.98 24.11 -5.01
C PRO H 12 -44.17 23.53 -5.75
N LYS H 13 -44.68 24.22 -6.77
CA LYS H 13 -45.94 23.88 -7.39
C LYS H 13 -45.83 24.11 -8.88
N GLU H 14 -46.30 23.17 -9.68
CA GLU H 14 -46.33 23.36 -11.12
C GLU H 14 -47.20 24.56 -11.49
N SER H 15 -46.63 25.45 -12.30
CA SER H 15 -47.40 26.58 -12.82
C SER H 15 -46.74 27.08 -14.09
N ASP H 16 -47.51 27.85 -14.86
CA ASP H 16 -47.01 28.58 -16.01
C ASP H 16 -46.78 30.05 -15.68
N THR H 17 -46.58 30.39 -14.41
CA THR H 17 -46.46 31.77 -13.96
C THR H 17 -45.33 32.00 -12.96
N SER H 18 -44.93 30.99 -12.21
CA SER H 18 -43.80 31.09 -11.30
C SER H 18 -42.48 31.15 -12.06
N TYR H 19 -41.77 32.25 -11.96
CA TYR H 19 -40.38 32.29 -12.41
C TYR H 19 -39.65 33.39 -11.66
N VAL H 20 -38.32 33.30 -11.69
CA VAL H 20 -37.44 34.40 -11.34
C VAL H 20 -36.66 34.79 -12.58
N SER H 21 -36.55 36.08 -12.83
CA SER H 21 -35.79 36.58 -13.96
C SER H 21 -34.54 37.29 -13.47
N LEU H 22 -33.40 36.92 -14.04
CA LEU H 22 -32.08 37.37 -13.59
C LEU H 22 -31.54 38.41 -14.56
N LYS H 23 -30.97 39.48 -14.03
CA LYS H 23 -30.48 40.57 -14.86
C LYS H 23 -28.96 40.49 -14.98
N ALA H 24 -28.50 40.27 -16.21
CA ALA H 24 -27.07 40.23 -16.51
C ALA H 24 -26.53 41.63 -16.74
N PRO H 25 -25.55 42.09 -15.97
CA PRO H 25 -24.74 43.23 -16.43
C PRO H 25 -23.86 42.83 -17.60
N LEU H 26 -24.47 42.48 -18.73
CA LEU H 26 -23.76 41.95 -19.89
C LEU H 26 -24.15 42.70 -21.16
N THR H 27 -23.15 43.19 -21.89
CA THR H 27 -23.40 44.00 -23.08
C THR H 27 -22.72 43.45 -24.33
N LYS H 28 -21.50 42.97 -24.24
CA LYS H 28 -20.82 42.43 -25.42
C LYS H 28 -21.38 41.04 -25.74
N PRO H 29 -21.77 40.77 -26.98
CA PRO H 29 -22.21 39.41 -27.32
C PRO H 29 -21.17 38.36 -26.96
N LEU H 30 -21.66 37.27 -26.38
CA LEU H 30 -20.86 36.18 -25.86
C LEU H 30 -20.19 35.38 -26.96
N LYS H 31 -18.87 35.47 -27.07
CA LYS H 31 -18.13 34.47 -27.83
C LYS H 31 -18.06 33.15 -27.07
N ALA H 32 -18.16 33.19 -25.75
CA ALA H 32 -18.09 31.98 -24.93
C ALA H 32 -18.82 32.25 -23.62
N PHE H 33 -19.23 31.18 -22.96
CA PHE H 33 -19.78 31.27 -21.62
C PHE H 33 -19.53 29.98 -20.87
N THR H 34 -19.57 30.07 -19.54
CA THR H 34 -19.87 28.96 -18.64
C THR H 34 -21.05 29.33 -17.76
N VAL H 35 -22.01 28.42 -17.63
CA VAL H 35 -23.05 28.52 -16.61
C VAL H 35 -23.00 27.29 -15.70
N CYS H 36 -22.98 27.52 -14.39
CA CYS H 36 -23.04 26.50 -13.34
C CYS H 36 -24.21 26.74 -12.41
N LEU H 37 -24.95 25.68 -12.07
CA LEU H 37 -26.05 25.82 -11.15
C LEU H 37 -26.33 24.50 -10.44
N HIS H 38 -26.92 24.61 -9.25
CA HIS H 38 -27.58 23.53 -8.52
C HIS H 38 -29.08 23.52 -8.74
N PHE H 39 -29.63 22.35 -9.03
CA PHE H 39 -31.07 22.15 -9.02
C PHE H 39 -31.41 20.81 -8.38
N TYR H 40 -32.63 20.74 -7.86
CA TYR H 40 -33.18 19.54 -7.23
C TYR H 40 -34.65 19.40 -7.58
N THR H 41 -34.99 18.31 -8.26
CA THR H 41 -36.36 18.08 -8.72
C THR H 41 -36.58 16.58 -8.82
N GLU H 42 -37.84 16.16 -8.65
CA GLU H 42 -38.25 14.78 -8.83
C GLU H 42 -38.88 14.51 -10.19
N LEU H 43 -38.98 15.53 -11.05
CA LEU H 43 -39.64 15.40 -12.34
C LEU H 43 -38.92 14.46 -13.28
N SER H 44 -37.65 14.14 -13.03
CA SER H 44 -36.82 13.53 -14.06
C SER H 44 -37.40 12.22 -14.58
N SER H 45 -38.16 11.51 -13.76
CA SER H 45 -38.92 10.37 -14.25
C SER H 45 -40.34 10.73 -14.70
N THR H 46 -40.79 11.95 -14.46
CA THR H 46 -42.13 12.38 -14.87
C THR H 46 -42.16 13.06 -16.24
N ARG H 47 -41.40 14.14 -16.40
CA ARG H 47 -41.53 14.98 -17.58
C ARG H 47 -40.28 15.83 -17.74
N GLY H 48 -40.11 16.38 -18.93
CA GLY H 48 -39.08 17.38 -19.14
C GLY H 48 -39.36 18.68 -18.41
N TYR H 49 -38.29 19.40 -18.10
CA TYR H 49 -38.37 20.69 -17.41
C TYR H 49 -37.20 21.55 -17.84
N SER H 50 -37.46 22.85 -17.97
CA SER H 50 -36.43 23.86 -18.19
C SER H 50 -35.55 24.04 -16.97
N ILE H 51 -34.28 23.67 -17.10
CA ILE H 51 -33.30 23.98 -16.07
C ILE H 51 -32.86 25.45 -16.14
N PHE H 52 -32.53 25.93 -17.34
CA PHE H 52 -31.99 27.28 -17.51
C PHE H 52 -32.35 27.79 -18.90
N SER H 53 -33.05 28.92 -18.96
CA SER H 53 -33.55 29.49 -20.20
C SER H 53 -32.98 30.89 -20.44
N TYR H 54 -32.19 31.02 -21.49
CA TYR H 54 -31.62 32.29 -21.96
C TYR H 54 -32.23 32.67 -23.30
N ALA H 55 -32.93 33.80 -23.34
CA ALA H 55 -33.59 34.27 -24.56
C ALA H 55 -33.02 35.61 -25.01
N THR H 56 -32.94 35.78 -26.33
CA THR H 56 -32.77 37.07 -26.99
C THR H 56 -34.02 37.41 -27.79
N LYS H 57 -34.19 38.70 -28.11
CA LYS H 57 -35.34 39.12 -28.90
C LYS H 57 -35.43 38.36 -30.22
N ARG H 58 -34.29 37.99 -30.77
CA ARG H 58 -34.24 37.25 -32.03
C ARG H 58 -34.36 35.74 -31.87
N GLN H 59 -34.08 35.18 -30.69
CA GLN H 59 -33.99 33.73 -30.51
C GLN H 59 -34.36 33.36 -29.08
N ASP H 60 -35.50 32.69 -28.92
CA ASP H 60 -35.97 32.30 -27.59
C ASP H 60 -35.14 31.19 -26.95
N ASN H 61 -34.56 30.28 -27.73
CA ASN H 61 -33.71 29.23 -27.20
C ASN H 61 -32.23 29.54 -27.41
N GLU H 62 -31.83 30.75 -27.06
CA GLU H 62 -30.46 31.18 -27.30
C GLU H 62 -29.48 30.32 -26.50
N ILE H 63 -29.69 30.19 -25.19
CA ILE H 63 -29.10 29.10 -24.42
C ILE H 63 -30.23 28.45 -23.65
N LEU H 64 -30.40 27.14 -23.84
CA LEU H 64 -31.34 26.37 -23.03
C LEU H 64 -30.63 25.14 -22.51
N ILE H 65 -30.64 24.94 -21.19
CA ILE H 65 -30.34 23.66 -20.58
C ILE H 65 -31.65 22.99 -20.20
N PHE H 66 -31.92 21.84 -20.79
CA PHE H 66 -33.22 21.19 -20.71
C PHE H 66 -33.05 19.72 -20.41
N TRP H 67 -33.78 19.23 -19.40
CA TRP H 67 -33.92 17.79 -19.17
C TRP H 67 -35.02 17.22 -20.05
N SER H 68 -34.65 16.43 -21.04
CA SER H 68 -35.59 15.76 -21.92
C SER H 68 -35.79 14.33 -21.45
N LYS H 69 -37.02 14.01 -21.04
CA LYS H 69 -37.33 12.76 -20.37
C LYS H 69 -36.89 11.51 -21.15
N ASP H 70 -36.23 10.60 -20.44
CA ASP H 70 -35.62 9.39 -20.97
C ASP H 70 -34.35 9.60 -21.77
N ILE H 71 -34.03 10.84 -22.09
CA ILE H 71 -32.79 11.13 -22.81
C ILE H 71 -31.76 11.55 -21.78
N GLY H 72 -32.01 12.69 -21.13
CA GLY H 72 -31.01 13.40 -20.37
C GLY H 72 -30.95 14.88 -20.66
N TYR H 73 -29.77 15.48 -20.46
CA TYR H 73 -29.59 16.91 -20.61
C TYR H 73 -29.51 17.34 -22.07
N SER H 74 -30.63 17.83 -22.59
CA SER H 74 -30.63 18.67 -23.79
C SER H 74 -29.89 19.98 -23.54
N PHE H 75 -28.86 20.24 -24.33
CA PHE H 75 -28.16 21.51 -24.34
C PHE H 75 -28.23 22.10 -25.74
N THR H 76 -28.76 23.30 -25.86
CA THR H 76 -28.95 23.94 -27.16
C THR H 76 -28.49 25.37 -27.15
N VAL H 77 -27.75 25.75 -28.19
CA VAL H 77 -27.30 27.11 -28.42
C VAL H 77 -27.80 27.53 -29.80
N GLY H 78 -28.46 28.68 -29.86
CA GLY H 78 -29.04 29.11 -31.12
C GLY H 78 -29.95 28.10 -31.76
N GLY H 79 -30.74 27.40 -30.96
CA GLY H 79 -31.62 26.35 -31.43
C GLY H 79 -30.98 25.08 -31.97
N SER H 80 -29.66 25.04 -32.11
CA SER H 80 -28.98 23.77 -32.36
C SER H 80 -28.80 23.02 -31.04
N GLU H 81 -29.09 21.72 -31.05
CA GLU H 81 -29.25 20.94 -29.84
C GLU H 81 -28.31 19.74 -29.83
N ILE H 82 -27.65 19.50 -28.69
CA ILE H 82 -26.94 18.27 -28.42
C ILE H 82 -27.50 17.62 -27.16
N LEU H 83 -27.54 16.30 -27.15
CA LEU H 83 -27.94 15.53 -25.99
C LEU H 83 -26.74 14.92 -25.26
N PHE H 84 -26.73 15.05 -23.94
CA PHE H 84 -25.91 14.23 -23.05
C PHE H 84 -26.79 13.17 -22.38
N GLU H 85 -26.94 12.04 -23.04
CA GLU H 85 -27.80 10.98 -22.53
C GLU H 85 -27.37 10.53 -21.14
N VAL H 86 -28.34 10.44 -20.23
CA VAL H 86 -28.14 9.93 -18.87
C VAL H 86 -28.80 8.56 -18.79
N PRO H 87 -28.04 7.49 -18.49
CA PRO H 87 -28.64 6.15 -18.46
C PRO H 87 -29.64 5.92 -17.33
N GLU H 88 -29.32 6.33 -16.10
CA GLU H 88 -30.30 6.25 -15.02
C GLU H 88 -30.11 7.45 -14.10
N VAL H 89 -31.12 8.33 -14.10
CA VAL H 89 -31.16 9.49 -13.21
C VAL H 89 -31.37 9.07 -11.77
N THR H 90 -30.84 9.87 -10.85
CA THR H 90 -30.97 9.63 -9.43
C THR H 90 -31.63 10.85 -8.80
N VAL H 91 -32.47 10.61 -7.81
CA VAL H 91 -33.14 11.67 -7.06
C VAL H 91 -32.21 12.27 -6.03
N ALA H 92 -31.32 13.16 -6.45
CA ALA H 92 -30.48 13.92 -5.55
C ALA H 92 -30.28 15.29 -6.16
N PRO H 93 -30.01 16.32 -5.36
CA PRO H 93 -29.49 17.57 -5.93
C PRO H 93 -28.32 17.29 -6.85
N VAL H 94 -28.33 17.91 -8.02
CA VAL H 94 -27.29 17.75 -9.01
C VAL H 94 -26.70 19.12 -9.35
N HIS H 95 -25.38 19.20 -9.36
CA HIS H 95 -24.63 20.37 -9.82
C HIS H 95 -24.18 20.18 -11.26
N ILE H 96 -24.57 21.09 -12.15
CA ILE H 96 -24.05 21.06 -13.52
C ILE H 96 -23.29 22.34 -13.79
N CYS H 97 -22.15 22.21 -14.48
CA CYS H 97 -21.50 23.28 -15.23
C CYS H 97 -21.50 22.91 -16.71
N THR H 98 -21.91 23.85 -17.54
CA THR H 98 -21.85 23.69 -18.98
C THR H 98 -21.23 24.93 -19.60
N SER H 99 -20.29 24.71 -20.52
CA SER H 99 -19.49 25.77 -21.10
C SER H 99 -19.44 25.61 -22.61
N TRP H 100 -19.45 26.73 -23.32
CA TRP H 100 -19.49 26.79 -24.77
C TRP H 100 -18.52 27.82 -25.30
N GLU H 101 -17.83 27.47 -26.38
CA GLU H 101 -16.89 28.36 -27.05
C GLU H 101 -17.23 28.44 -28.52
N SER H 102 -17.52 29.66 -28.99
CA SER H 102 -17.75 29.91 -30.40
C SER H 102 -16.57 29.51 -31.27
N ALA H 103 -15.36 29.89 -30.85
CA ALA H 103 -14.19 29.71 -31.71
C ALA H 103 -13.98 28.26 -32.11
N SER H 104 -14.43 27.31 -31.30
CA SER H 104 -14.31 25.90 -31.62
C SER H 104 -15.64 25.16 -31.68
N GLY H 105 -16.72 25.75 -31.18
CA GLY H 105 -17.98 25.07 -30.98
C GLY H 105 -18.01 24.07 -29.84
N ILE H 106 -16.88 23.82 -29.19
CA ILE H 106 -16.80 22.76 -28.18
C ILE H 106 -17.72 23.06 -27.02
N VAL H 107 -18.57 22.09 -26.66
CA VAL H 107 -19.32 22.12 -25.43
C VAL H 107 -18.63 21.22 -24.43
N GLU H 108 -18.38 21.73 -23.23
CA GLU H 108 -18.08 20.95 -22.03
C GLU H 108 -19.34 20.87 -21.18
N PHE H 109 -19.72 19.66 -20.77
CA PHE H 109 -20.83 19.53 -19.85
C PHE H 109 -20.33 18.76 -18.64
N TRP H 110 -20.52 19.31 -17.44
CA TRP H 110 -20.10 18.72 -16.18
C TRP H 110 -21.30 18.43 -15.30
N VAL H 111 -21.43 17.20 -14.84
CA VAL H 111 -22.47 16.80 -13.91
C VAL H 111 -21.78 16.28 -12.65
N ASP H 112 -22.09 16.92 -11.52
CA ASP H 112 -21.51 16.58 -10.22
C ASP H 112 -19.98 16.45 -10.28
N GLY H 113 -19.35 17.42 -10.93
CA GLY H 113 -17.91 17.43 -11.03
C GLY H 113 -17.31 16.39 -11.94
N LYS H 114 -18.11 15.60 -12.65
CA LYS H 114 -17.57 14.68 -13.63
C LYS H 114 -17.80 15.22 -15.03
N PRO H 115 -16.76 15.36 -15.86
CA PRO H 115 -16.97 15.82 -17.24
C PRO H 115 -17.62 14.76 -18.12
N ARG H 116 -18.63 15.18 -18.88
CA ARG H 116 -19.01 14.49 -20.10
C ARG H 116 -18.00 14.77 -21.23
N VAL H 117 -17.92 13.84 -22.18
CA VAL H 117 -17.16 14.05 -23.40
C VAL H 117 -17.54 15.37 -24.07
N ARG H 118 -16.53 16.16 -24.42
CA ARG H 118 -16.66 17.34 -25.29
C ARG H 118 -17.30 17.06 -26.65
N LYS H 119 -18.38 17.78 -26.94
CA LYS H 119 -19.12 17.68 -28.20
C LYS H 119 -19.13 19.06 -28.86
N SER H 120 -18.96 19.08 -30.18
CA SER H 120 -19.03 20.31 -30.96
C SER H 120 -20.46 20.81 -31.18
N LEU H 121 -20.64 22.13 -31.13
CA LEU H 121 -21.95 22.73 -31.38
C LEU H 121 -21.79 24.19 -31.78
N LYS H 122 -22.45 24.57 -32.89
CA LYS H 122 -22.62 25.97 -33.29
C LYS H 122 -21.30 26.74 -33.38
N LYS H 123 -20.27 26.11 -33.92
CA LYS H 123 -19.01 26.79 -34.14
C LYS H 123 -19.20 28.05 -34.98
N GLY H 124 -18.58 29.14 -34.54
CA GLY H 124 -18.67 30.43 -35.21
C GLY H 124 -19.92 31.25 -34.96
N TYR H 125 -20.91 30.71 -34.26
CA TYR H 125 -22.05 31.51 -33.83
C TYR H 125 -21.63 32.48 -32.73
N THR H 126 -22.46 33.48 -32.48
CA THR H 126 -22.30 34.34 -31.30
C THR H 126 -23.64 34.50 -30.58
N VAL H 127 -23.59 34.41 -29.26
CA VAL H 127 -24.77 34.53 -28.42
C VAL H 127 -25.07 35.99 -28.16
N GLY H 128 -26.33 36.39 -28.32
CA GLY H 128 -26.70 37.79 -28.11
C GLY H 128 -26.68 38.16 -26.64
N ALA H 129 -26.10 39.33 -26.36
CA ALA H 129 -26.00 39.83 -24.99
C ALA H 129 -27.29 40.49 -24.49
N GLU H 130 -28.07 41.10 -25.38
CA GLU H 130 -29.36 41.67 -25.01
C GLU H 130 -30.38 40.58 -24.71
N ALA H 131 -30.46 40.12 -23.46
CA ALA H 131 -30.98 38.81 -23.14
C ALA H 131 -31.89 38.83 -21.93
N SER H 132 -32.86 37.90 -21.94
CA SER H 132 -33.75 37.65 -20.81
C SER H 132 -33.43 36.28 -20.21
N ILE H 133 -32.88 36.25 -19.00
CA ILE H 133 -32.54 35.02 -18.30
C ILE H 133 -33.64 34.67 -17.32
N ILE H 134 -34.24 33.49 -17.48
CA ILE H 134 -35.37 33.05 -16.66
C ILE H 134 -35.09 31.68 -16.08
N LEU H 135 -35.31 31.55 -14.78
CA LEU H 135 -35.25 30.28 -14.08
C LEU H 135 -36.67 29.85 -13.68
N GLY H 136 -37.01 28.59 -13.90
CA GLY H 136 -38.32 28.07 -13.58
C GLY H 136 -39.25 27.85 -14.75
N GLN H 137 -39.05 28.53 -15.87
CA GLN H 137 -39.89 28.34 -17.05
C GLN H 137 -39.01 28.18 -18.27
N GLU H 138 -39.50 27.45 -19.26
CA GLU H 138 -38.99 27.58 -20.61
C GLU H 138 -39.79 28.68 -21.29
N GLN H 139 -39.09 29.65 -21.84
CA GLN H 139 -39.74 30.76 -22.52
C GLN H 139 -39.68 30.54 -24.02
N ASP H 140 -40.85 30.55 -24.66
CA ASP H 140 -40.95 30.42 -26.11
C ASP H 140 -41.03 31.76 -26.81
N SER H 141 -41.34 32.83 -26.10
CA SER H 141 -41.15 34.19 -26.56
C SER H 141 -40.06 34.87 -25.73
N PHE H 142 -39.80 36.14 -26.02
CA PHE H 142 -38.66 36.82 -25.41
C PHE H 142 -38.69 36.76 -23.89
N GLY H 143 -39.85 36.77 -23.28
CA GLY H 143 -39.92 36.72 -21.84
C GLY H 143 -41.24 36.18 -21.36
N GLY H 144 -41.81 35.25 -22.10
CA GLY H 144 -43.17 34.84 -21.85
C GLY H 144 -43.53 33.60 -22.61
N ASN H 145 -44.83 33.36 -22.72
CA ASN H 145 -45.35 32.15 -23.33
C ASN H 145 -44.73 30.91 -22.69
N PHE H 146 -44.71 30.90 -21.37
CA PHE H 146 -44.25 29.74 -20.64
C PHE H 146 -45.23 28.59 -20.77
N GLU H 147 -44.73 27.38 -20.55
CA GLU H 147 -45.54 26.17 -20.52
C GLU H 147 -45.38 25.48 -19.17
N GLY H 148 -46.48 25.31 -18.46
CA GLY H 148 -46.44 24.61 -17.19
C GLY H 148 -45.85 23.22 -17.30
N SER H 149 -46.18 22.50 -18.36
CA SER H 149 -45.56 21.20 -18.63
C SER H 149 -44.06 21.27 -18.79
N GLN H 150 -43.47 22.46 -18.89
CA GLN H 150 -42.02 22.60 -18.92
C GLN H 150 -41.45 23.31 -17.70
N SER H 151 -42.29 23.81 -16.79
CA SER H 151 -41.81 24.47 -15.60
C SER H 151 -40.93 23.53 -14.75
N LEU H 152 -39.93 24.13 -14.09
CA LEU H 152 -39.22 23.47 -13.00
C LEU H 152 -40.08 23.39 -11.75
N VAL H 153 -40.04 22.23 -11.10
CA VAL H 153 -40.65 22.03 -9.78
C VAL H 153 -39.58 21.50 -8.83
N GLY H 154 -39.38 22.19 -7.70
CA GLY H 154 -38.24 22.01 -6.83
C GLY H 154 -37.37 23.24 -6.72
N ASP H 155 -36.07 23.01 -6.56
CA ASP H 155 -35.12 24.06 -6.19
C ASP H 155 -34.10 24.32 -7.30
N ILE H 156 -33.68 25.58 -7.39
CA ILE H 156 -32.54 25.99 -8.20
C ILE H 156 -31.72 26.99 -7.41
N GLY H 157 -30.40 26.84 -7.43
CA GLY H 157 -29.56 27.85 -6.81
C GLY H 157 -28.11 27.72 -7.24
N ASN H 158 -27.28 28.58 -6.66
CA ASN H 158 -25.87 28.72 -7.04
C ASN H 158 -25.67 28.96 -8.54
N VAL H 159 -26.59 29.69 -9.17
CA VAL H 159 -26.52 30.05 -10.59
C VAL H 159 -25.42 31.05 -10.90
N ASN H 160 -24.32 30.62 -11.50
CA ASN H 160 -23.19 31.48 -11.82
C ASN H 160 -22.91 31.44 -13.31
N MET H 161 -22.59 32.60 -13.89
CA MET H 161 -22.33 32.75 -15.31
C MET H 161 -21.03 33.50 -15.56
N TRP H 162 -20.16 32.92 -16.37
CA TRP H 162 -18.91 33.49 -16.85
C TRP H 162 -19.02 33.70 -18.35
N ASP H 163 -18.46 34.80 -18.83
CA ASP H 163 -18.32 35.02 -20.27
C ASP H 163 -17.18 34.20 -20.91
N PHE H 164 -16.60 33.22 -20.22
CA PHE H 164 -15.51 32.44 -20.79
C PHE H 164 -15.59 31.02 -20.25
N VAL H 165 -14.97 30.10 -21.00
CA VAL H 165 -14.78 28.70 -20.61
C VAL H 165 -13.82 28.57 -19.42
N LEU H 166 -14.37 28.26 -18.25
CA LEU H 166 -13.57 27.79 -17.12
C LEU H 166 -12.77 26.53 -17.49
N SER H 167 -11.48 26.54 -17.21
CA SER H 167 -10.67 25.32 -17.16
C SER H 167 -11.26 24.24 -16.25
N PRO H 168 -11.05 22.96 -16.56
CA PRO H 168 -11.34 21.88 -15.59
C PRO H 168 -10.94 22.16 -14.15
N ASP H 169 -9.73 22.67 -13.92
CA ASP H 169 -9.31 23.06 -12.58
C ASP H 169 -10.32 24.01 -11.94
N GLU H 170 -10.66 25.08 -12.65
CA GLU H 170 -11.61 26.06 -12.13
C GLU H 170 -12.94 25.42 -11.74
N ILE H 171 -13.50 24.62 -12.63
CA ILE H 171 -14.78 23.97 -12.36
C ILE H 171 -14.75 23.11 -11.09
N ASN H 172 -13.70 22.33 -10.89
CA ASN H 172 -13.50 21.66 -9.60
C ASN H 172 -13.71 22.57 -8.39
N THR H 173 -12.95 23.66 -8.29
CA THR H 173 -13.19 24.63 -7.23
C THR H 173 -14.65 25.06 -7.12
N ILE H 174 -15.30 25.40 -8.23
CA ILE H 174 -16.75 25.65 -8.18
C ILE H 174 -17.46 24.52 -7.44
N TYR H 175 -17.37 23.31 -7.97
CA TYR H 175 -18.09 22.18 -7.38
C TYR H 175 -17.76 21.98 -5.90
N LEU H 176 -16.51 22.15 -5.51
CA LEU H 176 -16.13 22.18 -4.10
C LEU H 176 -16.60 23.44 -3.39
N GLY H 177 -17.00 24.47 -4.13
CA GLY H 177 -17.26 25.80 -3.58
C GLY H 177 -16.07 26.56 -3.04
N GLY H 178 -14.89 26.38 -3.64
CA GLY H 178 -13.78 27.27 -3.43
C GLY H 178 -14.14 28.67 -3.88
N PRO H 179 -13.30 29.65 -3.57
CA PRO H 179 -13.54 31.03 -4.02
C PRO H 179 -13.49 31.17 -5.54
N PHE H 180 -14.51 31.80 -6.10
CA PHE H 180 -14.66 32.00 -7.54
C PHE H 180 -15.43 33.30 -7.80
N SER H 181 -15.12 33.96 -8.92
CA SER H 181 -15.61 35.31 -9.24
C SER H 181 -16.34 35.40 -10.58
N PRO H 182 -17.61 34.98 -10.63
CA PRO H 182 -18.37 35.14 -11.88
C PRO H 182 -18.45 36.58 -12.35
N ASN H 183 -18.32 36.77 -13.66
CA ASN H 183 -18.31 38.07 -14.28
C ASN H 183 -19.57 38.41 -15.07
N VAL H 184 -20.38 37.42 -15.45
CA VAL H 184 -21.66 37.65 -16.13
C VAL H 184 -22.80 37.65 -15.13
N LEU H 185 -22.81 36.71 -14.21
CA LEU H 185 -23.97 36.52 -13.33
C LEU H 185 -23.46 35.86 -12.06
N ASN H 186 -23.59 36.56 -10.94
CA ASN H 186 -22.94 36.20 -9.68
C ASN H 186 -23.99 35.99 -8.60
N TRP H 187 -24.09 34.75 -8.11
CA TRP H 187 -25.02 34.43 -7.04
C TRP H 187 -24.76 35.23 -5.77
N ARG H 188 -23.50 35.53 -5.46
CA ARG H 188 -23.21 36.40 -4.33
C ARG H 188 -23.62 37.86 -4.55
N ALA H 189 -23.95 38.25 -5.78
CA ALA H 189 -24.22 39.64 -6.13
C ALA H 189 -25.35 39.69 -7.14
N LEU H 190 -26.46 39.04 -6.80
CA LEU H 190 -27.51 38.69 -7.75
C LEU H 190 -28.54 39.81 -7.91
N LYS H 191 -28.83 40.15 -9.16
CA LYS H 191 -30.01 40.93 -9.51
C LYS H 191 -31.10 40.00 -10.01
N TYR H 192 -32.26 40.04 -9.37
CA TYR H 192 -33.35 39.15 -9.77
C TYR H 192 -34.69 39.81 -9.50
N GLU H 193 -35.71 39.36 -10.22
CA GLU H 193 -37.10 39.74 -9.98
C GLU H 193 -37.95 38.49 -9.99
N VAL H 194 -38.94 38.43 -9.10
CA VAL H 194 -39.73 37.22 -8.88
C VAL H 194 -41.19 37.50 -9.19
N GLN H 195 -41.82 36.61 -9.95
CA GLN H 195 -43.25 36.68 -10.19
C GLN H 195 -43.88 35.35 -9.81
N GLY H 196 -45.11 35.43 -9.31
CA GLY H 196 -45.85 34.27 -8.85
C GLY H 196 -45.26 33.61 -7.62
N GLU H 197 -45.60 32.33 -7.47
CA GLU H 197 -45.21 31.53 -6.31
C GLU H 197 -43.80 31.02 -6.46
N VAL H 198 -42.85 31.80 -5.94
CA VAL H 198 -41.48 31.35 -5.75
C VAL H 198 -41.05 31.81 -4.37
N PHE H 199 -40.31 30.96 -3.67
CA PHE H 199 -39.84 31.27 -2.33
C PHE H 199 -38.33 31.15 -2.28
N THR H 200 -37.70 31.99 -1.46
CA THR H 200 -36.31 31.80 -1.09
C THR H 200 -36.23 31.02 0.21
N LYS H 201 -35.47 29.93 0.20
CA LYS H 201 -35.29 29.08 1.36
C LYS H 201 -33.82 28.70 1.53
N PRO H 202 -33.40 28.36 2.74
CA PRO H 202 -32.13 27.66 2.92
C PRO H 202 -31.96 26.50 1.95
N GLN H 203 -30.81 26.47 1.28
CA GLN H 203 -30.48 25.41 0.34
C GLN H 203 -30.45 24.04 1.01
N LEU H 204 -31.00 23.04 0.34
CA LEU H 204 -30.96 21.66 0.83
C LEU H 204 -29.64 20.97 0.55
N TRP H 205 -29.08 21.16 -0.64
CA TRP H 205 -27.77 20.60 -0.93
C TRP H 205 -26.68 21.23 -0.08
N PRO H 206 -25.62 20.46 0.24
CA PRO H 206 -24.44 20.92 0.98
C PRO H 206 -23.73 22.06 0.28
N GLN I 1 9.90 20.27 -30.00
CA GLN I 1 9.10 19.69 -28.90
C GLN I 1 7.98 20.65 -28.48
N THR I 2 6.84 20.09 -28.09
CA THR I 2 5.85 20.79 -27.28
C THR I 2 5.66 20.02 -25.98
N ASP I 3 5.63 20.73 -24.86
CA ASP I 3 5.23 20.11 -23.61
C ASP I 3 3.71 20.14 -23.55
N MET I 4 3.10 19.04 -23.99
CA MET I 4 1.66 18.81 -23.95
C MET I 4 1.08 18.64 -22.56
N SER I 5 1.90 18.60 -21.52
CA SER I 5 1.44 18.30 -20.17
C SER I 5 0.12 18.98 -19.79
N ARG I 6 -0.85 18.15 -19.40
CA ARG I 6 -2.24 18.45 -19.07
C ARG I 6 -3.09 18.96 -20.22
N LYS I 7 -2.62 18.84 -21.46
CA LYS I 7 -3.32 19.28 -22.66
C LYS I 7 -3.67 18.07 -23.50
N ALA I 8 -4.90 18.01 -24.02
CA ALA I 8 -5.39 16.89 -24.83
C ALA I 8 -5.85 17.36 -26.20
N PHE I 9 -5.49 16.59 -27.23
CA PHE I 9 -6.18 16.64 -28.52
C PHE I 9 -7.65 16.24 -28.45
N VAL I 10 -8.52 17.18 -28.79
CA VAL I 10 -9.96 16.99 -28.81
C VAL I 10 -10.40 16.83 -30.27
N PHE I 11 -11.02 15.70 -30.59
CA PHE I 11 -11.65 15.38 -31.86
C PHE I 11 -13.17 15.49 -31.76
N PRO I 12 -13.74 16.69 -31.67
CA PRO I 12 -15.11 16.83 -31.16
C PRO I 12 -16.19 16.42 -32.13
N LYS I 13 -15.87 16.08 -33.37
CA LYS I 13 -16.88 15.77 -34.38
C LYS I 13 -16.36 14.66 -35.26
N GLU I 14 -17.27 13.82 -35.75
CA GLU I 14 -16.88 12.75 -36.67
C GLU I 14 -16.43 13.32 -38.00
N SER I 15 -15.24 12.89 -38.44
CA SER I 15 -14.75 13.19 -39.77
C SER I 15 -13.72 12.15 -40.14
N ASP I 16 -13.37 12.11 -41.43
CA ASP I 16 -12.25 11.32 -41.89
C ASP I 16 -10.98 12.12 -42.14
N THR I 17 -11.03 13.44 -42.03
CA THR I 17 -9.85 14.27 -42.28
C THR I 17 -9.09 14.71 -41.04
N SER I 18 -9.73 14.83 -39.88
CA SER I 18 -9.06 15.31 -38.68
C SER I 18 -8.19 14.25 -38.04
N TYR I 19 -6.89 14.50 -37.94
CA TYR I 19 -5.99 13.59 -37.24
C TYR I 19 -4.77 14.36 -36.75
N VAL I 20 -4.08 13.76 -35.78
CA VAL I 20 -2.76 14.18 -35.32
C VAL I 20 -1.73 13.15 -35.75
N SER I 21 -0.68 13.58 -36.45
CA SER I 21 0.45 12.72 -36.75
C SER I 21 1.59 12.96 -35.77
N LEU I 22 2.05 11.89 -35.12
CA LEU I 22 3.10 11.91 -34.11
C LEU I 22 4.43 11.45 -34.69
N LYS I 23 5.47 12.25 -34.55
CA LYS I 23 6.78 11.93 -35.11
C LYS I 23 7.66 11.35 -34.01
N ALA I 24 8.06 10.07 -34.18
CA ALA I 24 8.99 9.31 -33.35
C ALA I 24 10.39 9.34 -33.93
N PRO I 25 11.42 9.62 -33.13
CA PRO I 25 12.79 9.64 -33.65
C PRO I 25 13.38 8.28 -33.93
N LEU I 26 12.56 7.37 -34.44
CA LEU I 26 12.77 5.93 -34.28
C LEU I 26 13.44 5.35 -35.52
N THR I 27 14.58 4.73 -35.33
CA THR I 27 15.35 4.16 -36.42
C THR I 27 15.67 2.69 -36.22
N LYS I 28 16.05 2.28 -35.01
CA LYS I 28 16.12 0.86 -34.70
C LYS I 28 14.74 0.25 -34.83
N PRO I 29 14.58 -0.89 -35.50
CA PRO I 29 13.31 -1.61 -35.39
C PRO I 29 13.06 -2.11 -33.98
N LEU I 30 11.80 -1.99 -33.56
CA LEU I 30 11.38 -2.26 -32.20
C LEU I 30 11.21 -3.76 -31.96
N LYS I 31 12.02 -4.32 -31.05
CA LYS I 31 11.80 -5.66 -30.56
C LYS I 31 10.79 -5.71 -29.42
N ALA I 32 10.49 -4.58 -28.79
CA ALA I 32 9.44 -4.51 -27.80
C ALA I 32 8.99 -3.07 -27.68
N PHE I 33 7.78 -2.87 -27.16
CA PHE I 33 7.30 -1.53 -26.86
C PHE I 33 6.29 -1.56 -25.73
N THR I 34 6.11 -0.41 -25.09
CA THR I 34 4.92 -0.08 -24.31
C THR I 34 4.24 1.16 -24.87
N VAL I 35 2.96 1.07 -25.19
CA VAL I 35 2.11 2.24 -25.43
C VAL I 35 1.18 2.44 -24.24
N CYS I 36 1.22 3.61 -23.62
CA CYS I 36 0.24 4.11 -22.67
C CYS I 36 -0.38 5.42 -23.12
N LEU I 37 -1.70 5.52 -23.00
CA LEU I 37 -2.41 6.77 -23.27
C LEU I 37 -3.72 6.80 -22.51
N HIS I 38 -4.19 8.03 -22.26
CA HIS I 38 -5.57 8.31 -21.89
C HIS I 38 -6.42 8.61 -23.11
N PHE I 39 -7.65 8.09 -23.12
CA PHE I 39 -8.65 8.57 -24.05
C PHE I 39 -10.03 8.59 -23.39
N TYR I 40 -10.93 9.39 -23.96
CA TYR I 40 -12.28 9.57 -23.45
C TYR I 40 -13.27 9.75 -24.59
N THR I 41 -14.19 8.80 -24.73
CA THR I 41 -15.14 8.82 -25.84
C THR I 41 -16.45 8.14 -25.43
N GLU I 42 -17.54 8.62 -26.02
CA GLU I 42 -18.86 7.98 -25.95
C GLU I 42 -19.04 6.81 -26.92
N LEU I 43 -18.22 6.71 -27.95
CA LEU I 43 -18.50 5.79 -29.05
C LEU I 43 -18.63 4.34 -28.59
N SER I 44 -18.02 3.98 -27.46
CA SER I 44 -17.85 2.56 -27.13
C SER I 44 -19.16 1.79 -27.17
N SER I 45 -20.28 2.42 -26.84
CA SER I 45 -21.58 1.77 -26.92
C SER I 45 -22.21 1.81 -28.32
N THR I 46 -21.47 2.20 -29.36
CA THR I 46 -22.11 2.57 -30.62
C THR I 46 -21.37 2.03 -31.83
N ARG I 47 -20.05 2.25 -31.91
CA ARG I 47 -19.26 1.72 -33.01
C ARG I 47 -17.81 1.62 -32.57
N GLY I 48 -17.04 0.86 -33.33
CA GLY I 48 -15.61 0.80 -33.08
C GLY I 48 -14.90 2.06 -33.50
N TYR I 49 -13.70 2.23 -32.96
CA TYR I 49 -12.88 3.40 -33.24
C TYR I 49 -11.42 3.05 -33.01
N SER I 50 -10.55 3.63 -33.83
CA SER I 50 -9.11 3.59 -33.56
C SER I 50 -8.76 4.41 -32.32
N ILE I 51 -8.26 3.74 -31.30
CA ILE I 51 -7.56 4.42 -30.21
C ILE I 51 -6.20 4.91 -30.71
N PHE I 52 -5.36 3.99 -31.18
CA PHE I 52 -3.93 4.28 -31.45
C PHE I 52 -3.46 3.48 -32.66
N SER I 53 -3.18 4.17 -33.76
CA SER I 53 -2.88 3.56 -35.05
C SER I 53 -1.44 3.84 -35.44
N TYR I 54 -0.65 2.79 -35.60
CA TYR I 54 0.75 2.86 -36.00
C TYR I 54 0.95 2.02 -37.27
N ALA I 55 1.40 2.66 -38.35
CA ALA I 55 1.58 1.98 -39.63
C ALA I 55 3.02 2.09 -40.12
N THR I 56 3.47 1.03 -40.78
CA THR I 56 4.68 1.05 -41.60
C THR I 56 4.29 0.87 -43.05
N LYS I 57 5.25 1.15 -43.93
CA LYS I 57 4.98 1.12 -45.36
C LYS I 57 4.57 -0.26 -45.85
N ARG I 58 5.08 -1.31 -45.22
CA ARG I 58 4.70 -2.67 -45.55
C ARG I 58 3.48 -3.17 -44.79
N GLN I 59 2.98 -2.43 -43.81
CA GLN I 59 1.93 -2.95 -42.94
C GLN I 59 1.15 -1.78 -42.36
N ASP I 60 -0.11 -1.62 -42.77
CA ASP I 60 -0.90 -0.50 -42.26
C ASP I 60 -1.32 -0.73 -40.82
N ASN I 61 -1.48 -1.98 -40.40
CA ASN I 61 -1.83 -2.31 -39.02
C ASN I 61 -0.61 -2.84 -38.28
N GLU I 62 0.45 -2.05 -38.23
CA GLU I 62 1.69 -2.55 -37.65
C GLU I 62 1.59 -2.63 -36.14
N ILE I 63 1.06 -1.60 -35.49
CA ILE I 63 0.46 -1.71 -34.18
C ILE I 63 -0.89 -1.00 -34.23
N LEU I 64 -1.93 -1.68 -33.79
CA LEU I 64 -3.26 -1.08 -33.69
C LEU I 64 -3.85 -1.38 -32.33
N ILE I 65 -4.27 -0.36 -31.61
CA ILE I 65 -5.18 -0.51 -30.48
C ILE I 65 -6.56 -0.05 -30.92
N PHE I 66 -7.49 -0.99 -31.02
CA PHE I 66 -8.80 -0.75 -31.59
C PHE I 66 -9.86 -1.18 -30.58
N TRP I 67 -10.80 -0.29 -30.29
CA TRP I 67 -12.07 -0.67 -29.69
C TRP I 67 -13.01 -1.33 -30.70
N SER I 68 -13.44 -2.55 -30.41
CA SER I 68 -14.38 -3.29 -31.24
C SER I 68 -15.74 -3.34 -30.55
N LYS I 69 -16.77 -2.94 -31.29
CA LYS I 69 -18.13 -2.92 -30.77
C LYS I 69 -18.55 -4.26 -30.18
N ASP I 70 -19.10 -4.21 -28.97
CA ASP I 70 -19.60 -5.37 -28.22
C ASP I 70 -18.52 -6.38 -27.87
N ILE I 71 -17.25 -6.07 -28.09
CA ILE I 71 -16.17 -7.03 -27.88
C ILE I 71 -15.24 -6.43 -26.84
N GLY I 72 -14.71 -5.25 -27.12
CA GLY I 72 -13.63 -4.65 -26.35
C GLY I 72 -12.42 -4.16 -27.12
N TYR I 73 -11.28 -4.09 -26.46
CA TYR I 73 -10.01 -3.78 -27.10
C TYR I 73 -9.49 -4.90 -27.99
N SER I 74 -9.23 -4.55 -29.24
CA SER I 74 -8.43 -5.34 -30.17
C SER I 74 -6.99 -4.82 -30.19
N PHE I 75 -6.05 -5.64 -29.76
CA PHE I 75 -4.62 -5.35 -29.87
C PHE I 75 -4.02 -6.15 -31.01
N THR I 76 -3.49 -5.46 -32.03
CA THR I 76 -2.93 -6.14 -33.18
C THR I 76 -1.52 -5.65 -33.43
N VAL I 77 -0.64 -6.58 -33.81
CA VAL I 77 0.76 -6.30 -34.08
C VAL I 77 1.13 -7.03 -35.35
N GLY I 78 1.81 -6.35 -36.26
CA GLY I 78 2.11 -6.93 -37.55
C GLY I 78 0.88 -7.43 -38.27
N GLY I 79 -0.28 -6.87 -37.96
CA GLY I 79 -1.55 -7.29 -38.55
C GLY I 79 -2.22 -8.48 -37.91
N SER I 80 -1.59 -9.16 -36.96
CA SER I 80 -2.23 -10.24 -36.22
C SER I 80 -2.87 -9.69 -34.95
N GLU I 81 -3.99 -10.29 -34.54
CA GLU I 81 -4.91 -9.69 -33.60
C GLU I 81 -5.20 -10.59 -32.41
N ILE I 82 -5.39 -9.98 -31.24
CA ILE I 82 -6.01 -10.62 -30.08
C ILE I 82 -7.01 -9.67 -29.44
N LEU I 83 -8.02 -10.24 -28.79
CA LEU I 83 -9.06 -9.47 -28.13
C LEU I 83 -8.94 -9.55 -26.60
N PHE I 84 -9.03 -8.40 -25.95
CA PHE I 84 -9.24 -8.28 -24.50
C PHE I 84 -10.68 -7.94 -24.16
N GLU I 85 -11.53 -8.95 -24.16
CA GLU I 85 -12.97 -8.77 -24.08
C GLU I 85 -13.37 -7.96 -22.85
N VAL I 86 -14.02 -6.83 -23.07
CA VAL I 86 -14.58 -5.98 -22.01
C VAL I 86 -16.08 -6.22 -21.93
N PRO I 87 -16.57 -6.98 -20.97
CA PRO I 87 -18.01 -7.34 -21.00
C PRO I 87 -18.93 -6.14 -20.94
N GLU I 88 -18.65 -5.16 -20.08
CA GLU I 88 -19.51 -3.99 -19.95
C GLU I 88 -18.64 -2.74 -19.82
N VAL I 89 -19.11 -1.64 -20.38
CA VAL I 89 -18.33 -0.42 -20.53
C VAL I 89 -19.08 0.75 -19.90
N THR I 90 -18.32 1.66 -19.28
CA THR I 90 -18.88 2.84 -18.63
C THR I 90 -18.20 4.08 -19.18
N VAL I 91 -18.95 5.18 -19.17
CA VAL I 91 -18.48 6.50 -19.60
C VAL I 91 -17.54 7.13 -18.58
N ALA I 92 -16.27 6.76 -18.63
CA ALA I 92 -15.23 7.41 -17.86
C ALA I 92 -13.96 7.42 -18.70
N PRO I 93 -13.11 8.43 -18.55
CA PRO I 93 -11.75 8.33 -19.10
C PRO I 93 -11.10 7.02 -18.70
N VAL I 94 -10.47 6.36 -19.66
CA VAL I 94 -9.79 5.09 -19.44
C VAL I 94 -8.33 5.24 -19.83
N HIS I 95 -7.43 4.91 -18.90
CA HIS I 95 -6.00 4.85 -19.18
C HIS I 95 -5.63 3.41 -19.52
N ILE I 96 -5.10 3.20 -20.72
CA ILE I 96 -4.55 1.91 -21.14
C ILE I 96 -3.04 1.98 -21.21
N CYS I 97 -2.37 0.89 -20.84
CA CYS I 97 -1.04 0.57 -21.36
C CYS I 97 -1.08 -0.78 -22.08
N THR I 98 -0.28 -0.88 -23.13
CA THR I 98 -0.08 -2.10 -23.89
C THR I 98 1.41 -2.36 -24.00
N SER I 99 1.82 -3.58 -23.71
CA SER I 99 3.20 -3.97 -23.85
C SER I 99 3.31 -5.21 -24.72
N TRP I 100 4.27 -5.20 -25.63
CA TRP I 100 4.57 -6.34 -26.48
C TRP I 100 6.06 -6.63 -26.47
N GLU I 101 6.41 -7.91 -26.36
CA GLU I 101 7.80 -8.33 -26.45
C GLU I 101 7.96 -9.39 -27.54
N SER I 102 8.88 -9.14 -28.46
CA SER I 102 9.14 -10.08 -29.54
C SER I 102 9.67 -11.43 -29.03
N ALA I 103 10.57 -11.39 -28.05
CA ALA I 103 11.22 -12.62 -27.62
C ALA I 103 10.25 -13.70 -27.15
N SER I 104 9.06 -13.30 -26.71
CA SER I 104 8.02 -14.24 -26.29
C SER I 104 6.67 -14.00 -26.93
N GLY I 105 6.45 -12.83 -27.54
CA GLY I 105 5.15 -12.39 -27.97
C GLY I 105 4.14 -12.12 -26.88
N ILE I 106 4.53 -12.18 -25.61
CA ILE I 106 3.59 -11.81 -24.54
C ILE I 106 3.11 -10.39 -24.75
N VAL I 107 1.79 -10.23 -24.87
CA VAL I 107 1.12 -8.94 -24.77
C VAL I 107 0.58 -8.77 -23.36
N GLU I 108 0.99 -7.72 -22.67
CA GLU I 108 0.32 -7.22 -21.47
C GLU I 108 -0.58 -6.05 -21.84
N PHE I 109 -1.87 -6.17 -21.56
CA PHE I 109 -2.82 -5.07 -21.68
C PHE I 109 -3.21 -4.61 -20.27
N TRP I 110 -3.09 -3.32 -20.00
CA TRP I 110 -3.42 -2.75 -18.70
C TRP I 110 -4.55 -1.72 -18.85
N VAL I 111 -5.61 -1.88 -18.08
CA VAL I 111 -6.74 -0.95 -18.08
C VAL I 111 -6.85 -0.33 -16.70
N ASP I 112 -6.76 1.00 -16.65
CA ASP I 112 -6.79 1.73 -15.39
C ASP I 112 -5.90 1.10 -14.33
N GLY I 113 -4.70 0.69 -14.73
CA GLY I 113 -3.78 0.10 -13.79
C GLY I 113 -4.10 -1.30 -13.31
N LYS I 114 -5.07 -1.98 -13.90
CA LYS I 114 -5.28 -3.39 -13.62
C LYS I 114 -4.83 -4.22 -14.80
N PRO I 115 -3.95 -5.21 -14.61
CA PRO I 115 -3.52 -6.05 -15.74
C PRO I 115 -4.61 -7.02 -16.18
N ARG I 116 -4.87 -7.04 -17.48
CA ARG I 116 -5.40 -8.23 -18.13
C ARG I 116 -4.39 -9.37 -18.08
N VAL I 117 -4.90 -10.59 -18.23
CA VAL I 117 -4.06 -11.76 -18.45
C VAL I 117 -3.11 -11.54 -19.62
N ARG I 118 -1.85 -11.89 -19.40
CA ARG I 118 -0.85 -12.00 -20.47
C ARG I 118 -1.25 -12.97 -21.58
N LYS I 119 -1.19 -12.50 -22.82
CA LYS I 119 -1.54 -13.27 -24.01
C LYS I 119 -0.36 -13.32 -24.96
N SER I 120 -0.38 -14.27 -25.88
CA SER I 120 0.69 -14.45 -26.86
C SER I 120 0.32 -13.86 -28.21
N LEU I 121 1.26 -13.14 -28.82
CA LEU I 121 1.03 -12.60 -30.15
C LEU I 121 2.35 -12.40 -30.88
N LYS I 122 2.43 -12.90 -32.11
CA LYS I 122 3.50 -12.55 -33.05
C LYS I 122 4.90 -12.70 -32.45
N LYS I 123 5.11 -13.80 -31.73
CA LYS I 123 6.44 -14.11 -31.23
C LYS I 123 7.47 -14.11 -32.36
N GLY I 124 8.61 -13.49 -32.10
CA GLY I 124 9.70 -13.43 -33.04
C GLY I 124 9.59 -12.40 -34.15
N TYR I 125 8.45 -11.74 -34.28
CA TYR I 125 8.29 -10.65 -35.22
C TYR I 125 9.16 -9.47 -34.80
N THR I 126 9.30 -8.48 -35.69
CA THR I 126 9.89 -7.20 -35.33
C THR I 126 9.08 -6.08 -35.95
N VAL I 127 8.78 -5.06 -35.16
CA VAL I 127 8.04 -3.90 -35.63
C VAL I 127 8.97 -2.94 -36.36
N GLY I 128 8.53 -2.48 -37.53
CA GLY I 128 9.34 -1.58 -38.33
C GLY I 128 9.50 -0.21 -37.70
N ALA I 129 10.70 0.35 -37.86
CA ALA I 129 11.06 1.62 -37.22
C ALA I 129 10.50 2.83 -37.94
N GLU I 130 10.50 2.82 -39.27
CA GLU I 130 9.99 3.94 -40.07
C GLU I 130 8.48 3.88 -40.13
N ALA I 131 7.80 4.67 -39.32
CA ALA I 131 6.37 4.51 -39.13
C ALA I 131 5.64 5.84 -39.16
N SER I 132 4.37 5.78 -39.55
CA SER I 132 3.42 6.88 -39.38
C SER I 132 2.53 6.57 -38.18
N ILE I 133 2.56 7.42 -37.17
CA ILE I 133 1.74 7.27 -35.97
C ILE I 133 0.60 8.28 -36.01
N ILE I 134 -0.65 7.79 -36.02
CA ILE I 134 -1.81 8.66 -36.15
C ILE I 134 -2.77 8.41 -35.00
N LEU I 135 -3.21 9.49 -34.35
CA LEU I 135 -4.32 9.49 -33.42
C LEU I 135 -5.57 10.05 -34.09
N GLY I 136 -6.72 9.48 -33.75
CA GLY I 136 -7.99 9.91 -34.28
C GLY I 136 -8.47 9.17 -35.50
N GLN I 137 -7.60 8.43 -36.18
CA GLN I 137 -7.97 7.75 -37.41
C GLN I 137 -7.34 6.37 -37.42
N GLU I 138 -7.91 5.51 -38.25
CA GLU I 138 -7.32 4.21 -38.57
C GLU I 138 -6.81 4.29 -39.99
N GLN I 139 -5.51 4.12 -40.16
CA GLN I 139 -4.90 4.30 -41.46
C GLN I 139 -4.73 2.95 -42.14
N ASP I 140 -5.10 2.90 -43.42
CA ASP I 140 -4.98 1.71 -44.24
C ASP I 140 -3.88 1.81 -45.28
N SER I 141 -3.36 3.01 -45.53
CA SER I 141 -2.07 3.20 -46.17
C SER I 141 -1.11 3.82 -45.15
N PHE I 142 0.09 4.17 -45.62
CA PHE I 142 1.11 4.66 -44.71
C PHE I 142 0.57 5.82 -43.87
N GLY I 143 -0.06 6.79 -44.51
CA GLY I 143 -0.58 7.92 -43.77
C GLY I 143 -1.96 8.36 -44.22
N GLY I 144 -2.83 7.43 -44.59
CA GLY I 144 -4.07 7.83 -45.21
C GLY I 144 -5.05 6.69 -45.35
N ASN I 145 -6.02 6.89 -46.23
CA ASN I 145 -7.16 5.98 -46.39
C ASN I 145 -7.93 5.85 -45.09
N PHE I 146 -8.16 6.97 -44.43
CA PHE I 146 -8.95 6.99 -43.21
C PHE I 146 -10.41 6.68 -43.52
N GLU I 147 -11.12 6.21 -42.50
CA GLU I 147 -12.55 5.91 -42.58
C GLU I 147 -13.26 6.55 -41.41
N GLY I 148 -14.33 7.29 -41.70
CA GLY I 148 -15.03 8.01 -40.66
C GLY I 148 -15.64 7.11 -39.60
N SER I 149 -16.12 5.94 -40.00
CA SER I 149 -16.67 5.01 -39.04
C SER I 149 -15.62 4.40 -38.11
N GLN I 150 -14.34 4.58 -38.37
CA GLN I 150 -13.29 4.12 -37.49
C GLN I 150 -12.55 5.23 -36.77
N SER I 151 -12.85 6.49 -37.05
CA SER I 151 -12.22 7.60 -36.35
C SER I 151 -12.62 7.62 -34.88
N LEU I 152 -11.66 8.01 -34.02
CA LEU I 152 -11.96 8.39 -32.65
C LEU I 152 -12.61 9.76 -32.58
N VAL I 153 -13.74 9.84 -31.88
CA VAL I 153 -14.40 11.10 -31.53
C VAL I 153 -14.33 11.28 -30.01
N GLY I 154 -13.74 12.39 -29.58
CA GLY I 154 -13.41 12.63 -28.18
C GLY I 154 -11.98 13.01 -27.83
N ASP I 155 -11.52 12.61 -26.64
CA ASP I 155 -10.24 13.03 -26.09
C ASP I 155 -9.19 11.93 -26.13
N ILE I 156 -7.96 12.30 -26.47
CA ILE I 156 -6.80 11.44 -26.35
C ILE I 156 -5.63 12.24 -25.79
N GLY I 157 -4.89 11.65 -24.86
CA GLY I 157 -3.74 12.34 -24.31
C GLY I 157 -2.84 11.42 -23.49
N ASN I 158 -1.75 12.00 -23.01
CA ASN I 158 -0.66 11.30 -22.31
C ASN I 158 -0.11 10.13 -23.12
N VAL I 159 -0.09 10.26 -24.44
CA VAL I 159 0.53 9.28 -25.34
C VAL I 159 2.03 9.12 -25.11
N ASN I 160 2.45 8.09 -24.37
CA ASN I 160 3.85 7.81 -24.12
C ASN I 160 4.23 6.45 -24.71
N MET I 161 5.36 6.39 -25.41
CA MET I 161 5.88 5.17 -26.01
C MET I 161 7.32 4.87 -25.62
N TRP I 162 7.53 3.65 -25.14
CA TRP I 162 8.81 3.04 -24.78
C TRP I 162 9.13 1.94 -25.77
N ASP I 163 10.39 1.80 -26.14
CA ASP I 163 10.86 0.67 -26.93
C ASP I 163 11.11 -0.61 -26.11
N PHE I 164 10.60 -0.70 -24.89
CA PHE I 164 10.87 -1.79 -23.98
C PHE I 164 9.62 -2.01 -23.12
N VAL I 165 9.43 -3.25 -22.68
CA VAL I 165 8.39 -3.62 -21.72
C VAL I 165 8.68 -3.01 -20.35
N LEU I 166 7.92 -1.97 -19.99
CA LEU I 166 7.76 -1.57 -18.59
C LEU I 166 7.35 -2.73 -17.69
N SER I 167 8.11 -2.95 -16.63
CA SER I 167 7.66 -3.80 -15.53
C SER I 167 6.34 -3.29 -14.95
N PRO I 168 5.53 -4.18 -14.36
CA PRO I 168 4.38 -3.74 -13.56
C PRO I 168 4.64 -2.64 -12.54
N ASP I 169 5.76 -2.65 -11.81
CA ASP I 169 6.07 -1.54 -10.92
C ASP I 169 6.03 -0.19 -11.62
N GLU I 170 6.83 -0.04 -12.67
CA GLU I 170 6.77 1.10 -13.57
C GLU I 170 5.35 1.51 -13.95
N ILE I 171 4.59 0.59 -14.53
CA ILE I 171 3.25 0.91 -15.02
C ILE I 171 2.37 1.48 -13.92
N ASN I 172 2.51 1.01 -12.70
CA ASN I 172 1.80 1.67 -11.61
C ASN I 172 2.20 3.14 -11.47
N THR I 173 3.49 3.43 -11.44
CA THR I 173 3.95 4.82 -11.53
C THR I 173 3.33 5.58 -12.69
N ILE I 174 3.35 5.00 -13.88
CA ILE I 174 2.63 5.58 -15.02
C ILE I 174 1.21 5.98 -14.62
N TYR I 175 0.40 5.00 -14.22
CA TYR I 175 -1.00 5.27 -13.93
C TYR I 175 -1.16 6.28 -12.79
N LEU I 176 -0.28 6.22 -11.79
CA LEU I 176 -0.24 7.28 -10.79
C LEU I 176 0.27 8.60 -11.37
N GLY I 177 0.86 8.56 -12.56
CA GLY I 177 1.65 9.66 -13.08
C GLY I 177 2.89 10.00 -12.28
N GLY I 178 3.53 8.99 -11.69
CA GLY I 178 4.85 9.15 -11.12
C GLY I 178 5.87 9.57 -12.16
N PRO I 179 7.06 9.98 -11.71
CA PRO I 179 8.13 10.29 -12.65
C PRO I 179 8.45 9.15 -13.61
N PHE I 180 8.37 9.42 -14.91
CA PHE I 180 8.70 8.44 -15.94
C PHE I 180 9.29 9.18 -17.14
N SER I 181 10.18 8.49 -17.87
CA SER I 181 10.86 9.05 -19.03
C SER I 181 10.69 8.17 -20.27
N PRO I 182 9.66 8.43 -21.08
CA PRO I 182 9.50 7.68 -22.34
C PRO I 182 10.65 7.95 -23.30
N ASN I 183 11.21 6.89 -23.86
CA ASN I 183 12.34 6.99 -24.78
C ASN I 183 11.97 6.91 -26.27
N VAL I 184 10.71 6.70 -26.65
CA VAL I 184 10.32 6.66 -28.04
C VAL I 184 9.34 7.78 -28.41
N LEU I 185 8.33 8.02 -27.58
CA LEU I 185 7.29 8.97 -27.92
C LEU I 185 6.88 9.61 -26.60
N ASN I 186 7.27 10.86 -26.38
CA ASN I 186 7.09 11.48 -25.07
C ASN I 186 6.13 12.66 -25.18
N TRP I 187 5.01 12.54 -24.46
CA TRP I 187 4.06 13.63 -24.27
C TRP I 187 4.70 14.95 -23.89
N ARG I 188 5.60 14.95 -22.93
CA ARG I 188 6.15 16.19 -22.41
C ARG I 188 7.15 16.82 -23.38
N ALA I 189 7.41 16.16 -24.50
CA ALA I 189 8.37 16.60 -25.50
C ALA I 189 7.89 16.15 -26.88
N LEU I 190 6.58 16.30 -27.12
CA LEU I 190 5.90 15.76 -28.29
C LEU I 190 6.22 16.52 -29.57
N LYS I 191 6.70 15.81 -30.57
CA LYS I 191 6.86 16.31 -31.94
C LYS I 191 5.68 15.80 -32.76
N TYR I 192 4.81 16.72 -33.18
CA TYR I 192 3.51 16.34 -33.73
C TYR I 192 3.06 17.34 -34.79
N GLU I 193 2.17 16.89 -35.67
CA GLU I 193 1.44 17.74 -36.59
C GLU I 193 -0.05 17.44 -36.54
N VAL I 194 -0.84 18.50 -36.55
CA VAL I 194 -2.30 18.41 -36.52
C VAL I 194 -2.84 18.67 -37.92
N GLN I 195 -3.76 17.82 -38.35
CA GLN I 195 -4.51 18.06 -39.58
C GLN I 195 -5.99 18.17 -39.26
N GLY I 196 -6.64 19.12 -39.92
CA GLY I 196 -8.07 19.35 -39.76
C GLY I 196 -8.50 19.86 -38.39
N GLU I 197 -9.76 19.58 -38.08
CA GLU I 197 -10.42 19.95 -36.83
C GLU I 197 -9.97 19.18 -35.59
N VAL I 198 -8.78 19.47 -35.08
CA VAL I 198 -8.31 18.91 -33.83
C VAL I 198 -7.87 20.07 -32.94
N PHE I 199 -8.37 20.10 -31.72
CA PHE I 199 -8.06 21.19 -30.81
C PHE I 199 -7.25 20.67 -29.63
N THR I 200 -6.34 21.51 -29.17
CA THR I 200 -5.60 21.32 -27.93
C THR I 200 -6.29 21.97 -26.74
N LYS I 201 -6.86 21.16 -25.85
CA LYS I 201 -7.63 21.62 -24.71
C LYS I 201 -6.98 21.09 -23.44
N PRO I 202 -7.12 21.80 -22.31
CA PRO I 202 -6.95 21.13 -21.00
C PRO I 202 -7.60 19.77 -20.88
N GLN I 203 -6.80 18.78 -20.47
CA GLN I 203 -7.31 17.45 -20.17
C GLN I 203 -8.43 17.47 -19.13
N LEU I 204 -9.53 16.79 -19.45
CA LEU I 204 -10.59 16.56 -18.48
C LEU I 204 -10.17 15.62 -17.35
N TRP I 205 -9.61 14.46 -17.68
CA TRP I 205 -9.12 13.55 -16.65
C TRP I 205 -8.06 14.21 -15.78
N PRO I 206 -8.15 14.10 -14.44
CA PRO I 206 -7.00 14.37 -13.59
C PRO I 206 -5.77 13.54 -13.94
N GLN J 1 18.79 -24.53 -8.00
CA GLN J 1 17.56 -24.14 -7.27
C GLN J 1 17.44 -22.64 -7.54
N THR J 2 16.23 -22.13 -7.72
CA THR J 2 16.03 -20.70 -8.01
C THR J 2 15.07 -20.04 -7.03
N ASP J 3 15.43 -18.83 -6.61
CA ASP J 3 14.50 -17.97 -5.88
C ASP J 3 13.54 -17.33 -6.87
N MET J 4 12.30 -17.80 -6.89
CA MET J 4 11.25 -17.27 -7.76
C MET J 4 10.52 -16.05 -7.21
N SER J 5 10.93 -15.49 -6.08
CA SER J 5 10.23 -14.35 -5.51
C SER J 5 10.00 -13.25 -6.54
N ARG J 6 8.80 -12.68 -6.50
CA ARG J 6 8.28 -11.68 -7.43
C ARG J 6 8.01 -12.18 -8.84
N LYS J 7 8.27 -13.45 -9.16
CA LYS J 7 8.20 -13.94 -10.52
C LYS J 7 7.12 -15.02 -10.62
N ALA J 8 6.49 -15.08 -11.80
CA ALA J 8 5.44 -16.04 -12.07
C ALA J 8 5.74 -16.77 -13.38
N PHE J 9 5.29 -18.01 -13.47
CA PHE J 9 5.26 -18.73 -14.73
C PHE J 9 4.08 -18.30 -15.59
N VAL J 10 4.37 -17.88 -16.82
CA VAL J 10 3.36 -17.44 -17.77
C VAL J 10 3.17 -18.53 -18.80
N PHE J 11 1.96 -19.06 -18.91
CA PHE J 11 1.55 -20.03 -19.92
C PHE J 11 0.64 -19.37 -20.95
N PRO J 12 1.18 -18.61 -21.91
CA PRO J 12 0.36 -17.66 -22.66
C PRO J 12 -0.45 -18.25 -23.80
N LYS J 13 -0.38 -19.55 -24.08
CA LYS J 13 -1.19 -20.16 -25.10
C LYS J 13 -1.68 -21.52 -24.62
N GLU J 14 -2.88 -21.87 -25.05
CA GLU J 14 -3.36 -23.23 -24.84
C GLU J 14 -2.49 -24.19 -25.62
N SER J 15 -1.94 -25.18 -24.92
CA SER J 15 -1.18 -26.24 -25.54
C SER J 15 -1.16 -27.42 -24.58
N ASP J 16 -0.78 -28.58 -25.08
CA ASP J 16 -0.48 -29.72 -24.24
C ASP J 16 1.02 -29.90 -23.97
N THR J 17 1.87 -29.04 -24.50
CA THR J 17 3.31 -29.21 -24.36
C THR J 17 3.93 -28.33 -23.28
N SER J 18 3.34 -27.17 -22.99
CA SER J 18 3.90 -26.25 -22.00
C SER J 18 3.53 -26.65 -20.58
N TYR J 19 4.53 -26.96 -19.76
CA TYR J 19 4.35 -27.19 -18.33
C TYR J 19 5.65 -26.93 -17.60
N VAL J 20 5.56 -26.75 -16.29
CA VAL J 20 6.72 -26.76 -15.39
C VAL J 20 6.51 -27.85 -14.35
N SER J 21 7.56 -28.62 -14.08
CA SER J 21 7.49 -29.72 -13.12
C SER J 21 8.33 -29.41 -11.89
N LEU J 22 7.68 -29.43 -10.74
CA LEU J 22 8.26 -29.08 -9.44
C LEU J 22 8.76 -30.32 -8.71
N LYS J 23 9.96 -30.23 -8.14
CA LYS J 23 10.55 -31.36 -7.43
C LYS J 23 10.39 -31.16 -5.93
N ALA J 24 9.73 -32.10 -5.27
CA ALA J 24 9.67 -32.17 -3.80
C ALA J 24 10.27 -33.50 -3.36
N PRO J 25 11.51 -33.53 -2.90
CA PRO J 25 12.09 -34.80 -2.44
C PRO J 25 11.55 -35.31 -1.11
N LEU J 26 10.23 -35.47 -1.03
CA LEU J 26 9.62 -36.03 0.17
C LEU J 26 9.99 -37.50 0.33
N THR J 27 10.30 -37.88 1.57
CA THR J 27 10.56 -39.26 1.92
C THR J 27 9.36 -39.92 2.59
N LYS J 28 8.83 -39.28 3.62
CA LYS J 28 7.67 -39.76 4.36
C LYS J 28 6.39 -39.43 3.61
N PRO J 29 5.42 -40.34 3.56
CA PRO J 29 4.12 -39.99 2.98
C PRO J 29 3.38 -38.90 3.76
N LEU J 30 2.70 -38.04 3.01
CA LEU J 30 1.89 -36.94 3.54
C LEU J 30 0.62 -37.44 4.22
N LYS J 31 0.56 -37.32 5.54
CA LYS J 31 -0.71 -37.49 6.26
C LYS J 31 -1.53 -36.20 6.29
N ALA J 32 -0.91 -35.05 6.03
CA ALA J 32 -1.62 -33.79 5.90
C ALA J 32 -0.82 -32.92 4.94
N PHE J 33 -1.46 -31.93 4.37
CA PHE J 33 -0.75 -30.92 3.60
C PHE J 33 -1.52 -29.61 3.56
N THR J 34 -0.80 -28.53 3.26
CA THR J 34 -1.38 -27.31 2.72
C THR J 34 -0.62 -26.94 1.46
N VAL J 35 -1.35 -26.60 0.41
CA VAL J 35 -0.82 -25.96 -0.79
C VAL J 35 -1.50 -24.60 -0.99
N CYS J 36 -0.70 -23.54 -1.12
CA CYS J 36 -1.19 -22.22 -1.46
C CYS J 36 -0.54 -21.74 -2.76
N LEU J 37 -1.29 -20.99 -3.55
CA LEU J 37 -0.75 -20.44 -4.80
C LEU J 37 -1.56 -19.23 -5.26
N HIS J 38 -0.90 -18.39 -6.06
CA HIS J 38 -1.53 -17.37 -6.90
C HIS J 38 -1.69 -17.86 -8.33
N PHE J 39 -2.88 -17.71 -8.88
CA PHE J 39 -3.05 -17.89 -10.32
C PHE J 39 -3.93 -16.78 -10.91
N TYR J 40 -3.71 -16.54 -12.20
CA TYR J 40 -4.43 -15.55 -13.00
C TYR J 40 -4.77 -16.05 -14.40
N THR J 41 -6.06 -16.26 -14.66
CA THR J 41 -6.51 -16.76 -15.94
C THR J 41 -7.90 -16.23 -16.24
N GLU J 42 -8.20 -16.07 -17.52
CA GLU J 42 -9.53 -15.72 -18.01
C GLU J 42 -10.34 -16.92 -18.49
N LEU J 43 -9.77 -18.11 -18.49
CA LEU J 43 -10.46 -19.31 -18.97
C LEU J 43 -11.72 -19.61 -18.17
N SER J 44 -11.84 -19.10 -16.95
CA SER J 44 -12.81 -19.63 -16.00
C SER J 44 -14.23 -19.68 -16.57
N SER J 45 -14.57 -18.75 -17.46
CA SER J 45 -15.84 -18.81 -18.14
C SER J 45 -15.81 -19.69 -19.38
N THR J 46 -14.65 -19.93 -19.97
CA THR J 46 -14.57 -20.68 -21.23
C THR J 46 -14.55 -22.19 -20.99
N ARG J 47 -13.73 -22.65 -20.05
CA ARG J 47 -13.55 -24.08 -19.82
C ARG J 47 -12.87 -24.29 -18.48
N GLY J 48 -12.86 -25.54 -18.03
CA GLY J 48 -12.08 -25.91 -16.89
C GLY J 48 -10.59 -25.90 -17.17
N TYR J 49 -9.81 -25.84 -16.10
CA TYR J 49 -8.36 -25.86 -16.20
C TYR J 49 -7.77 -26.43 -14.93
N SER J 50 -6.68 -27.16 -15.07
CA SER J 50 -5.89 -27.63 -13.93
C SER J 50 -5.03 -26.53 -13.32
N ILE J 51 -5.31 -26.20 -12.05
CA ILE J 51 -4.43 -25.30 -11.30
C ILE J 51 -3.18 -26.05 -10.83
N PHE J 52 -3.36 -27.17 -10.15
CA PHE J 52 -2.31 -27.88 -9.43
C PHE J 52 -2.54 -29.37 -9.47
N SER J 53 -1.65 -30.09 -10.15
CA SER J 53 -1.75 -31.53 -10.38
C SER J 53 -0.61 -32.25 -9.68
N TYR J 54 -0.95 -33.10 -8.71
CA TYR J 54 -0.02 -33.98 -8.01
C TYR J 54 -0.37 -35.41 -8.34
N ALA J 55 0.58 -36.15 -8.91
CA ALA J 55 0.33 -37.53 -9.35
C ALA J 55 1.36 -38.49 -8.78
N THR J 56 0.88 -39.63 -8.29
CA THR J 56 1.71 -40.78 -8.01
C THR J 56 1.50 -41.82 -9.12
N LYS J 57 2.37 -42.83 -9.13
CA LYS J 57 2.26 -43.85 -10.16
C LYS J 57 0.99 -44.68 -10.02
N ARG J 58 0.48 -44.82 -8.80
CA ARG J 58 -0.80 -45.51 -8.59
C ARG J 58 -2.00 -44.61 -8.88
N GLN J 59 -1.84 -43.30 -8.74
CA GLN J 59 -2.99 -42.39 -8.73
C GLN J 59 -2.57 -41.07 -9.37
N ASP J 60 -3.11 -40.76 -10.55
CA ASP J 60 -2.76 -39.56 -11.27
C ASP J 60 -3.42 -38.30 -10.70
N ASN J 61 -4.52 -38.45 -9.96
CA ASN J 61 -5.16 -37.31 -9.33
C ASN J 61 -4.96 -37.38 -7.83
N GLU J 62 -3.72 -37.56 -7.40
CA GLU J 62 -3.50 -37.79 -5.98
C GLU J 62 -3.79 -36.54 -5.15
N ILE J 63 -3.35 -35.37 -5.63
CA ILE J 63 -3.94 -34.08 -5.28
C ILE J 63 -4.22 -33.35 -6.58
N LEU J 64 -5.47 -32.95 -6.80
CA LEU J 64 -5.77 -32.08 -7.93
C LEU J 64 -6.63 -30.94 -7.44
N ILE J 65 -6.21 -29.72 -7.78
CA ILE J 65 -7.02 -28.51 -7.70
C ILE J 65 -7.47 -28.13 -9.10
N PHE J 66 -8.76 -28.25 -9.38
CA PHE J 66 -9.27 -28.11 -10.73
C PHE J 66 -10.44 -27.15 -10.69
N TRP J 67 -10.45 -26.20 -11.62
CA TRP J 67 -11.61 -25.37 -11.89
C TRP J 67 -12.55 -26.07 -12.86
N SER J 68 -13.75 -26.39 -12.39
CA SER J 68 -14.78 -26.96 -13.25
C SER J 68 -15.69 -25.84 -13.74
N LYS J 69 -15.75 -25.68 -15.05
CA LYS J 69 -16.52 -24.62 -15.66
C LYS J 69 -17.97 -24.64 -15.21
N ASP J 70 -18.49 -23.47 -14.87
CA ASP J 70 -19.84 -23.28 -14.36
C ASP J 70 -20.09 -23.99 -13.04
N ILE J 71 -19.05 -24.45 -12.36
CA ILE J 71 -19.21 -25.18 -11.12
C ILE J 71 -18.44 -24.44 -10.04
N GLY J 72 -17.13 -24.25 -10.25
CA GLY J 72 -16.18 -23.72 -9.30
C GLY J 72 -14.93 -24.58 -9.18
N TYR J 73 -14.27 -24.44 -8.04
CA TYR J 73 -13.11 -25.27 -7.66
C TYR J 73 -13.48 -26.71 -7.33
N SER J 74 -12.85 -27.63 -8.04
CA SER J 74 -12.84 -29.04 -7.70
C SER J 74 -11.54 -29.38 -6.97
N PHE J 75 -11.67 -29.95 -5.77
CA PHE J 75 -10.56 -30.44 -4.95
C PHE J 75 -10.61 -31.96 -4.83
N THR J 76 -9.61 -32.66 -5.35
CA THR J 76 -9.64 -34.11 -5.28
C THR J 76 -8.38 -34.61 -4.58
N VAL J 77 -8.55 -35.67 -3.81
CA VAL J 77 -7.46 -36.41 -3.20
C VAL J 77 -7.71 -37.90 -3.44
N GLY J 78 -6.66 -38.63 -3.78
CA GLY J 78 -6.78 -40.05 -4.01
C GLY J 78 -7.80 -40.42 -5.06
N GLY J 79 -8.12 -39.47 -5.94
CA GLY J 79 -9.12 -39.65 -6.97
C GLY J 79 -10.56 -39.31 -6.64
N SER J 80 -10.88 -38.96 -5.39
CA SER J 80 -12.25 -38.59 -5.03
C SER J 80 -12.36 -37.07 -4.97
N GLU J 81 -13.47 -36.53 -5.47
CA GLU J 81 -13.62 -35.10 -5.72
C GLU J 81 -14.64 -34.47 -4.79
N ILE J 82 -14.36 -33.24 -4.36
CA ILE J 82 -15.34 -32.39 -3.71
C ILE J 82 -15.40 -31.04 -4.43
N LEU J 83 -16.57 -30.43 -4.52
CA LEU J 83 -16.71 -29.11 -5.15
C LEU J 83 -16.95 -28.02 -4.12
N PHE J 84 -16.22 -26.92 -4.26
CA PHE J 84 -16.50 -25.59 -3.69
C PHE J 84 -17.18 -24.66 -4.69
N GLU J 85 -18.51 -24.72 -4.75
CA GLU J 85 -19.26 -23.97 -5.75
C GLU J 85 -18.94 -22.48 -5.69
N VAL J 86 -18.75 -21.88 -6.86
CA VAL J 86 -18.43 -20.47 -7.01
C VAL J 86 -19.35 -19.87 -8.07
N PRO J 87 -20.47 -19.25 -7.69
CA PRO J 87 -21.48 -18.92 -8.69
C PRO J 87 -21.00 -17.89 -9.70
N GLU J 88 -20.03 -17.05 -9.35
CA GLU J 88 -19.36 -16.19 -10.32
C GLU J 88 -17.91 -16.03 -9.89
N VAL J 89 -17.02 -15.96 -10.88
CA VAL J 89 -15.61 -15.62 -10.66
C VAL J 89 -15.22 -14.46 -11.56
N THR J 90 -14.63 -13.42 -10.97
CA THR J 90 -14.18 -12.28 -11.73
C THR J 90 -12.79 -12.53 -12.31
N VAL J 91 -12.50 -11.85 -13.42
CA VAL J 91 -11.16 -11.65 -13.98
C VAL J 91 -10.23 -10.90 -13.04
N ALA J 92 -9.75 -11.57 -12.00
CA ALA J 92 -8.77 -11.02 -11.07
C ALA J 92 -7.84 -12.16 -10.69
N PRO J 93 -6.57 -11.87 -10.45
CA PRO J 93 -5.76 -12.81 -9.67
C PRO J 93 -6.48 -13.29 -8.42
N VAL J 94 -6.45 -14.60 -8.20
CA VAL J 94 -7.06 -15.25 -7.04
C VAL J 94 -5.99 -16.02 -6.27
N HIS J 95 -5.86 -15.76 -4.99
CA HIS J 95 -5.02 -16.56 -4.11
C HIS J 95 -5.90 -17.59 -3.42
N ILE J 96 -5.59 -18.86 -3.63
CA ILE J 96 -6.21 -19.98 -2.95
C ILE J 96 -5.22 -20.65 -2.00
N CYS J 97 -5.72 -21.10 -0.85
CA CYS J 97 -5.04 -22.10 -0.04
C CYS J 97 -6.00 -23.23 0.24
N THR J 98 -5.50 -24.45 0.14
CA THR J 98 -6.28 -25.65 0.44
C THR J 98 -5.52 -26.61 1.36
N SER J 99 -6.16 -27.01 2.46
CA SER J 99 -5.56 -27.95 3.41
C SER J 99 -6.42 -29.21 3.49
N TRP J 100 -5.75 -30.36 3.56
CA TRP J 100 -6.36 -31.66 3.81
C TRP J 100 -5.69 -32.39 4.96
N GLU J 101 -6.49 -32.89 5.88
CA GLU J 101 -6.05 -33.64 7.05
C GLU J 101 -6.57 -35.07 7.01
N SER J 102 -5.65 -36.02 6.85
CA SER J 102 -5.99 -37.44 6.88
C SER J 102 -6.75 -37.84 8.15
N ALA J 103 -6.25 -37.40 9.30
CA ALA J 103 -6.83 -37.83 10.58
C ALA J 103 -8.33 -37.58 10.67
N SER J 104 -8.82 -36.55 9.99
CA SER J 104 -10.24 -36.24 9.94
C SER J 104 -10.81 -36.25 8.53
N GLY J 105 -9.97 -36.19 7.51
CA GLY J 105 -10.34 -35.85 6.15
C GLY J 105 -10.91 -34.48 5.91
N ILE J 106 -10.92 -33.61 6.92
CA ILE J 106 -11.38 -32.24 6.71
C ILE J 106 -10.55 -31.58 5.62
N VAL J 107 -11.24 -31.09 4.59
CA VAL J 107 -10.68 -30.21 3.57
C VAL J 107 -11.02 -28.78 3.94
N GLU J 108 -10.01 -27.92 3.99
CA GLU J 108 -10.20 -26.49 4.22
C GLU J 108 -9.72 -25.71 2.99
N PHE J 109 -10.65 -25.03 2.34
CA PHE J 109 -10.42 -24.21 1.15
C PHE J 109 -10.48 -22.73 1.49
N TRP J 110 -9.46 -21.96 1.13
CA TRP J 110 -9.43 -20.52 1.37
C TRP J 110 -9.25 -19.84 0.03
N VAL J 111 -10.07 -18.83 -0.25
CA VAL J 111 -10.00 -18.03 -1.47
C VAL J 111 -9.81 -16.57 -1.11
N ASP J 112 -8.66 -16.02 -1.45
CA ASP J 112 -8.30 -14.64 -1.11
C ASP J 112 -8.50 -14.37 0.38
N GLY J 113 -7.97 -15.28 1.20
CA GLY J 113 -8.02 -15.18 2.64
C GLY J 113 -9.37 -15.39 3.27
N LYS J 114 -10.40 -15.71 2.49
CA LYS J 114 -11.69 -16.07 3.06
C LYS J 114 -11.83 -17.58 3.07
N PRO J 115 -12.06 -18.21 4.21
CA PRO J 115 -12.33 -19.65 4.21
C PRO J 115 -13.69 -19.95 3.60
N ARG J 116 -13.74 -20.98 2.76
CA ARG J 116 -14.92 -21.80 2.56
C ARG J 116 -15.22 -22.64 3.80
N VAL J 117 -16.47 -23.11 3.89
CA VAL J 117 -16.83 -24.15 4.85
C VAL J 117 -15.90 -25.35 4.71
N ARG J 118 -15.47 -25.88 5.85
CA ARG J 118 -14.78 -27.16 5.93
C ARG J 118 -15.64 -28.35 5.52
N LYS J 119 -15.06 -29.22 4.68
CA LYS J 119 -15.72 -30.42 4.18
C LYS J 119 -14.84 -31.64 4.44
N SER J 120 -15.45 -32.82 4.42
CA SER J 120 -14.77 -34.10 4.63
C SER J 120 -14.37 -34.77 3.32
N LEU J 121 -13.13 -35.26 3.27
CA LEU J 121 -12.63 -36.03 2.13
C LEU J 121 -11.58 -37.04 2.58
N LYS J 122 -11.72 -38.29 2.13
CA LYS J 122 -10.67 -39.30 2.22
C LYS J 122 -10.09 -39.44 3.63
N LYS J 123 -10.97 -39.39 4.62
CA LYS J 123 -10.59 -39.67 6.01
C LYS J 123 -9.78 -40.95 6.13
N GLY J 124 -8.61 -40.86 6.78
CA GLY J 124 -7.71 -41.98 6.97
C GLY J 124 -6.83 -42.39 5.80
N TYR J 125 -6.92 -41.72 4.66
CA TYR J 125 -6.08 -42.02 3.51
C TYR J 125 -4.65 -41.56 3.78
N THR J 126 -3.71 -41.93 2.90
CA THR J 126 -2.36 -41.38 2.99
C THR J 126 -1.80 -41.11 1.59
N VAL J 127 -1.31 -39.89 1.40
CA VAL J 127 -0.82 -39.43 0.09
C VAL J 127 0.62 -39.87 -0.15
N GLY J 128 0.85 -40.52 -1.29
CA GLY J 128 2.18 -41.03 -1.59
C GLY J 128 3.19 -39.91 -1.80
N ALA J 129 4.42 -40.16 -1.32
CA ALA J 129 5.47 -39.14 -1.37
C ALA J 129 6.13 -39.03 -2.74
N GLU J 130 6.42 -40.14 -3.39
CA GLU J 130 7.02 -40.15 -4.73
C GLU J 130 6.01 -39.67 -5.76
N ALA J 131 6.14 -38.41 -6.18
CA ALA J 131 5.10 -37.77 -6.97
C ALA J 131 5.68 -36.88 -8.05
N SER J 132 4.92 -36.70 -9.12
CA SER J 132 5.16 -35.68 -10.13
C SER J 132 4.21 -34.51 -9.89
N ILE J 133 4.78 -33.35 -9.60
CA ILE J 133 4.02 -32.12 -9.38
C ILE J 133 4.11 -31.24 -10.61
N ILE J 134 2.98 -30.94 -11.23
CA ILE J 134 2.96 -30.25 -12.51
C ILE J 134 2.08 -29.00 -12.43
N LEU J 135 2.60 -27.91 -12.97
CA LEU J 135 1.89 -26.66 -13.18
C LEU J 135 1.60 -26.45 -14.65
N GLY J 136 0.40 -25.96 -14.96
CA GLY J 136 -0.01 -25.72 -16.32
C GLY J 136 -0.76 -26.84 -17.00
N GLN J 137 -0.67 -28.07 -16.51
CA GLN J 137 -1.30 -29.19 -17.19
C GLN J 137 -1.99 -30.05 -16.15
N GLU J 138 -2.87 -30.93 -16.64
CA GLU J 138 -3.48 -31.96 -15.84
C GLU J 138 -2.88 -33.29 -16.23
N GLN J 139 -2.46 -34.07 -15.26
CA GLN J 139 -1.89 -35.39 -15.49
C GLN J 139 -2.98 -36.45 -15.55
N ASP J 140 -2.90 -37.31 -16.56
CA ASP J 140 -3.65 -38.55 -16.57
C ASP J 140 -2.75 -39.77 -16.44
N SER J 141 -1.44 -39.59 -16.46
CA SER J 141 -0.48 -40.62 -16.08
C SER J 141 0.64 -39.92 -15.31
N PHE J 142 1.47 -40.71 -14.64
CA PHE J 142 2.58 -40.14 -13.88
C PHE J 142 3.49 -39.31 -14.78
N GLY J 143 3.41 -37.99 -14.63
CA GLY J 143 4.23 -37.07 -15.39
C GLY J 143 3.84 -36.82 -16.83
N GLY J 144 2.65 -37.24 -17.27
CA GLY J 144 2.35 -37.15 -18.68
C GLY J 144 0.88 -37.32 -19.01
N ASN J 145 0.63 -37.55 -20.29
CA ASN J 145 -0.73 -37.58 -20.85
C ASN J 145 -1.50 -36.29 -20.58
N PHE J 146 -0.85 -35.17 -20.86
CA PHE J 146 -1.48 -33.87 -20.77
C PHE J 146 -2.56 -33.72 -21.84
N GLU J 147 -3.46 -32.76 -21.61
CA GLU J 147 -4.61 -32.54 -22.48
C GLU J 147 -4.86 -31.05 -22.60
N GLY J 148 -4.76 -30.53 -23.83
CA GLY J 148 -4.82 -29.09 -24.03
C GLY J 148 -6.08 -28.45 -23.48
N SER J 149 -7.22 -29.14 -23.60
CA SER J 149 -8.47 -28.63 -23.06
C SER J 149 -8.46 -28.49 -21.54
N GLN J 150 -7.44 -29.03 -20.87
CA GLN J 150 -7.30 -28.89 -19.43
C GLN J 150 -6.09 -28.06 -19.02
N SER J 151 -5.29 -27.58 -19.96
CA SER J 151 -4.15 -26.72 -19.61
C SER J 151 -4.63 -25.40 -18.99
N LEU J 152 -3.82 -24.89 -18.06
CA LEU J 152 -3.89 -23.50 -17.63
C LEU J 152 -3.35 -22.57 -18.70
N VAL J 153 -4.09 -21.50 -18.99
CA VAL J 153 -3.61 -20.39 -19.79
C VAL J 153 -3.64 -19.11 -18.95
N GLY J 154 -2.48 -18.45 -18.82
CA GLY J 154 -2.27 -17.37 -17.88
C GLY J 154 -1.16 -17.65 -16.89
N ASP J 155 -1.28 -17.06 -15.70
CA ASP J 155 -0.18 -16.97 -14.74
C ASP J 155 -0.43 -17.84 -13.52
N ILE J 156 0.65 -18.44 -13.02
CA ILE J 156 0.66 -19.14 -11.74
C ILE J 156 1.94 -18.80 -10.98
N GLY J 157 1.81 -18.51 -9.69
CA GLY J 157 3.00 -18.27 -8.89
C GLY J 157 2.73 -18.39 -7.41
N ASN J 158 3.77 -18.12 -6.62
CA ASN J 158 3.77 -18.27 -5.16
C ASN J 158 3.37 -19.66 -4.69
N VAL J 159 3.68 -20.68 -5.46
CA VAL J 159 3.35 -22.07 -5.13
C VAL J 159 4.10 -22.58 -3.91
N ASN J 160 3.44 -22.62 -2.76
CA ASN J 160 4.04 -23.04 -1.49
C ASN J 160 3.28 -24.23 -0.94
N MET J 161 4.02 -25.24 -0.49
CA MET J 161 3.42 -26.45 0.07
C MET J 161 4.02 -26.80 1.42
N TRP J 162 3.12 -27.11 2.37
CA TRP J 162 3.42 -27.60 3.72
C TRP J 162 2.87 -29.00 3.86
N ASP J 163 3.62 -29.86 4.54
CA ASP J 163 3.14 -31.18 4.91
C ASP J 163 2.27 -31.21 6.15
N PHE J 164 1.74 -30.07 6.58
CA PHE J 164 0.81 -30.01 7.71
C PHE J 164 -0.23 -28.96 7.40
N VAL J 165 -1.35 -29.03 8.11
CA VAL J 165 -2.43 -28.05 7.98
C VAL J 165 -2.05 -26.75 8.67
N LEU J 166 -1.88 -25.69 7.88
CA LEU J 166 -1.74 -24.35 8.43
C LEU J 166 -2.98 -23.96 9.22
N SER J 167 -2.78 -23.27 10.35
CA SER J 167 -3.90 -22.71 11.09
C SER J 167 -4.47 -21.49 10.37
N PRO J 168 -5.68 -21.07 10.72
CA PRO J 168 -6.26 -19.88 10.10
C PRO J 168 -5.43 -18.62 10.21
N ASP J 169 -4.76 -18.41 11.35
CA ASP J 169 -3.88 -17.26 11.54
C ASP J 169 -2.59 -17.36 10.76
N GLU J 170 -2.08 -18.56 10.53
CA GLU J 170 -0.99 -18.74 9.59
C GLU J 170 -1.40 -18.38 8.16
N ILE J 171 -2.59 -18.83 7.74
CA ILE J 171 -3.05 -18.54 6.39
C ILE J 171 -3.22 -17.04 6.17
N ASN J 172 -3.71 -16.31 7.16
CA ASN J 172 -3.70 -14.85 7.06
C ASN J 172 -2.30 -14.29 6.86
N THR J 173 -1.30 -14.85 7.55
CA THR J 173 0.08 -14.44 7.31
C THR J 173 0.50 -14.65 5.86
N ILE J 174 0.20 -15.83 5.30
CA ILE J 174 0.50 -16.06 3.89
C ILE J 174 -0.23 -15.05 3.01
N TYR J 175 -1.52 -14.87 3.24
CA TYR J 175 -2.29 -13.97 2.37
C TYR J 175 -1.78 -12.54 2.47
N LEU J 176 -1.59 -12.04 3.69
CA LEU J 176 -1.05 -10.71 3.92
C LEU J 176 0.43 -10.60 3.58
N GLY J 177 1.10 -11.72 3.35
CA GLY J 177 2.52 -11.73 3.02
C GLY J 177 3.53 -11.57 4.13
N GLY J 178 3.21 -11.99 5.34
CA GLY J 178 4.21 -12.12 6.38
C GLY J 178 5.20 -13.24 6.05
N PRO J 179 6.32 -13.28 6.78
CA PRO J 179 7.34 -14.31 6.51
C PRO J 179 6.87 -15.73 6.88
N PHE J 180 7.29 -16.71 6.08
CA PHE J 180 6.95 -18.11 6.32
C PHE J 180 8.00 -19.06 5.74
N SER J 181 8.05 -20.27 6.32
CA SER J 181 8.93 -21.38 5.90
C SER J 181 8.21 -22.62 5.38
N PRO J 182 7.79 -22.64 4.12
CA PRO J 182 7.23 -23.87 3.53
C PRO J 182 8.14 -25.08 3.64
N ASN J 183 7.66 -26.13 4.29
CA ASN J 183 8.46 -27.33 4.54
C ASN J 183 8.44 -28.37 3.42
N VAL J 184 7.61 -28.23 2.39
CA VAL J 184 7.57 -29.18 1.27
C VAL J 184 8.00 -28.52 -0.04
N LEU J 185 7.46 -27.36 -0.35
CA LEU J 185 7.59 -26.75 -1.68
C LEU J 185 7.68 -25.24 -1.49
N ASN J 186 8.89 -24.70 -1.68
CA ASN J 186 9.19 -23.33 -1.30
C ASN J 186 9.50 -22.50 -2.53
N TRP J 187 8.58 -21.59 -2.88
CA TRP J 187 8.79 -20.62 -3.94
C TRP J 187 10.14 -19.89 -3.86
N ARG J 188 10.54 -19.47 -2.68
CA ARG J 188 11.85 -18.83 -2.52
C ARG J 188 13.00 -19.77 -2.86
N ALA J 189 12.77 -21.08 -2.82
CA ALA J 189 13.84 -22.05 -2.93
C ALA J 189 13.42 -23.15 -3.92
N LEU J 190 12.66 -22.76 -4.93
CA LEU J 190 11.96 -23.68 -5.84
C LEU J 190 12.92 -24.44 -6.74
N LYS J 191 12.81 -25.76 -6.74
CA LYS J 191 13.52 -26.63 -7.68
C LYS J 191 12.54 -27.13 -8.73
N TYR J 192 12.79 -26.78 -9.99
CA TYR J 192 11.82 -27.01 -11.06
C TYR J 192 12.52 -27.22 -12.39
N GLU J 193 11.79 -27.84 -13.32
CA GLU J 193 12.15 -27.89 -14.73
C GLU J 193 11.01 -27.37 -15.59
N VAL J 194 11.35 -26.63 -16.64
CA VAL J 194 10.40 -26.00 -17.54
C VAL J 194 10.42 -26.72 -18.88
N GLN J 195 9.24 -27.00 -19.42
CA GLN J 195 9.07 -27.67 -20.70
C GLN J 195 8.12 -26.87 -21.57
N GLY J 196 8.45 -26.72 -22.83
CA GLY J 196 7.62 -25.97 -23.75
C GLY J 196 7.64 -24.47 -23.51
N GLU J 197 6.67 -23.80 -24.13
CA GLU J 197 6.58 -22.34 -24.06
C GLU J 197 6.08 -21.88 -22.70
N VAL J 198 6.99 -21.65 -21.77
CA VAL J 198 6.70 -21.07 -20.47
C VAL J 198 7.73 -20.00 -20.20
N PHE J 199 7.29 -18.87 -19.68
CA PHE J 199 8.16 -17.74 -19.42
C PHE J 199 8.08 -17.35 -17.95
N THR J 200 9.18 -16.83 -17.43
CA THR J 200 9.24 -16.26 -16.11
C THR J 200 9.11 -14.74 -16.19
N LYS J 201 8.03 -14.21 -15.65
CA LYS J 201 7.75 -12.78 -15.71
C LYS J 201 7.50 -12.25 -14.32
N PRO J 202 7.78 -10.97 -14.09
CA PRO J 202 7.23 -10.29 -12.91
C PRO J 202 5.75 -10.55 -12.68
N GLN J 203 5.42 -10.97 -11.47
CA GLN J 203 4.04 -11.19 -11.07
C GLN J 203 3.18 -9.95 -11.26
N LEU J 204 1.99 -10.16 -11.81
CA LEU J 204 0.99 -9.09 -11.92
C LEU J 204 0.31 -8.78 -10.60
N TRP J 205 -0.09 -9.80 -9.85
CA TRP J 205 -0.60 -9.59 -8.51
C TRP J 205 0.44 -8.96 -7.61
N PRO J 206 0.07 -8.00 -6.75
CA PRO J 206 0.88 -7.70 -5.56
C PRO J 206 1.36 -8.93 -4.81
CA CA K . 32.19 -24.98 31.46
CA CA L . 33.09 -28.08 28.73
CA CA M . 4.45 7.70 39.10
CA CA N . 3.27 4.03 39.55
CA CA O . 13.29 38.89 11.06
CA CA P . 9.34 38.93 12.19
CA CA Q . 46.47 25.43 -14.93
CA CA R . 43.29 28.68 -16.16
CA CA S . 57.76 -14.58 -3.05
CA CA T . 57.80 -13.33 -6.72
CA CA U . -37.22 -32.92 13.56
CA CA V . -38.27 -31.14 17.09
CA CA W . -58.15 5.75 9.78
CA CA X . -57.45 9.01 10.27
CA CA Y . -41.58 25.86 -24.75
CA CA Z . -38.69 27.20 -26.40
CA CA AA . -9.35 0.99 -42.02
CA CA BA . -5.93 -0.63 -41.09
CA CA CA . -6.98 -35.36 -17.87
CA CA DA . -6.02 -36.73 -14.26
#